data_7QAB
#
_entry.id   7QAB
#
_entity_poly.entity_id   1
_entity_poly.type   'polypeptide(L)'
_entity_poly.pdbx_seq_one_letter_code
;GVYYPNPCSPYPCRNGGTCKKRGLYSYKCYCRKGYTGKNCQYNACFPNPCLNGGTCGYVYGYPYYKCSCPYGYYGKQCQL
KKY
;
_entity_poly.pdbx_strand_id   A
#
# COMPACT_ATOMS: atom_id res chain seq x y z
N GLY A 1 -39.21 9.27 -8.52
CA GLY A 1 -38.03 10.01 -8.03
C GLY A 1 -37.06 10.33 -9.14
N VAL A 2 -36.01 11.07 -8.82
CA VAL A 2 -35.01 11.45 -9.79
C VAL A 2 -33.91 10.39 -9.84
N TYR A 3 -33.56 9.98 -11.04
CA TYR A 3 -32.46 9.05 -11.22
C TYR A 3 -31.13 9.78 -11.15
N TYR A 4 -30.23 9.30 -10.31
CA TYR A 4 -28.93 9.91 -10.17
C TYR A 4 -27.84 8.98 -10.72
N PRO A 5 -27.30 9.31 -11.89
CA PRO A 5 -26.26 8.52 -12.51
C PRO A 5 -24.95 8.56 -11.72
N ASN A 6 -24.36 7.40 -11.50
CA ASN A 6 -23.12 7.30 -10.75
C ASN A 6 -21.95 7.17 -11.71
N PRO A 7 -21.17 8.25 -11.90
CA PRO A 7 -20.00 8.24 -12.77
C PRO A 7 -18.87 7.42 -12.17
N CYS A 8 -18.92 6.13 -12.41
CA CYS A 8 -17.96 5.20 -11.86
C CYS A 8 -17.90 3.95 -12.74
N SER A 9 -17.08 2.99 -12.35
CA SER A 9 -16.93 1.77 -13.11
C SER A 9 -16.67 0.61 -12.15
N PRO A 10 -16.71 -0.65 -12.62
CA PRO A 10 -16.40 -1.82 -11.80
C PRO A 10 -15.12 -1.62 -11.00
N TYR A 11 -15.14 -2.09 -9.76
CA TYR A 11 -14.05 -1.85 -8.82
C TYR A 11 -12.74 -2.47 -9.27
N PRO A 12 -11.73 -1.63 -9.54
CA PRO A 12 -10.37 -2.08 -9.79
C PRO A 12 -9.59 -2.23 -8.48
N CYS A 13 -10.15 -1.64 -7.44
CA CYS A 13 -9.52 -1.63 -6.13
C CYS A 13 -10.03 -2.78 -5.30
N ARG A 14 -9.14 -3.38 -4.53
CA ARG A 14 -9.50 -4.45 -3.62
C ARG A 14 -9.00 -4.09 -2.24
N ASN A 15 -9.40 -4.87 -1.24
CA ASN A 15 -9.00 -4.62 0.14
C ASN A 15 -9.51 -3.26 0.60
N GLY A 16 -10.82 -3.08 0.51
CA GLY A 16 -11.44 -1.85 0.94
C GLY A 16 -11.61 -0.86 -0.20
N GLY A 17 -11.98 -1.38 -1.36
CA GLY A 17 -12.21 -0.52 -2.51
C GLY A 17 -13.51 0.23 -2.42
N THR A 18 -13.44 1.55 -2.42
CA THR A 18 -14.61 2.41 -2.34
C THR A 18 -14.57 3.49 -3.41
N CYS A 19 -15.56 3.48 -4.29
CA CYS A 19 -15.62 4.44 -5.38
C CYS A 19 -16.33 5.71 -4.92
N LYS A 20 -15.62 6.83 -5.01
CA LYS A 20 -16.18 8.12 -4.68
C LYS A 20 -16.00 9.08 -5.84
N LYS A 21 -17.09 9.36 -6.52
CA LYS A 21 -17.07 10.28 -7.65
C LYS A 21 -16.82 11.70 -7.16
N ARG A 22 -15.90 12.38 -7.82
CA ARG A 22 -15.60 13.76 -7.50
C ARG A 22 -16.05 14.63 -8.66
N GLY A 23 -17.24 15.22 -8.51
CA GLY A 23 -17.89 15.93 -9.61
C GLY A 23 -17.08 17.08 -10.17
N LEU A 24 -15.94 17.37 -9.55
CA LEU A 24 -15.05 18.40 -10.03
C LEU A 24 -14.32 17.97 -11.29
N TYR A 25 -13.85 16.73 -11.33
CA TYR A 25 -13.03 16.28 -12.45
C TYR A 25 -13.26 14.82 -12.85
N SER A 26 -13.31 13.92 -11.86
CA SER A 26 -13.34 12.48 -12.10
C SER A 26 -13.75 11.74 -10.84
N TYR A 27 -13.73 10.41 -10.88
CA TYR A 27 -14.04 9.63 -9.69
C TYR A 27 -12.78 9.03 -9.10
N LYS A 28 -12.73 8.99 -7.78
CA LYS A 28 -11.56 8.49 -7.07
C LYS A 28 -11.89 7.17 -6.40
N CYS A 29 -11.03 6.18 -6.60
CA CYS A 29 -11.22 4.88 -6.01
C CYS A 29 -10.32 4.74 -4.79
N TYR A 30 -10.93 4.70 -3.62
CA TYR A 30 -10.20 4.60 -2.36
C TYR A 30 -9.99 3.14 -1.97
N CYS A 31 -8.94 2.88 -1.22
CA CYS A 31 -8.66 1.55 -0.72
C CYS A 31 -7.90 1.67 0.61
N ARG A 32 -7.71 0.55 1.29
CA ARG A 32 -7.10 0.57 2.61
C ARG A 32 -5.60 0.84 2.52
N LYS A 33 -5.13 1.72 3.40
CA LYS A 33 -3.74 2.11 3.44
C LYS A 33 -2.90 1.02 4.08
N GLY A 34 -1.77 0.73 3.47
CA GLY A 34 -0.88 -0.29 4.00
C GLY A 34 -0.85 -1.53 3.13
N TYR A 35 -1.38 -1.41 1.92
CA TYR A 35 -1.34 -2.50 0.96
C TYR A 35 -0.49 -2.13 -0.24
N THR A 36 -1.06 -1.36 -1.15
CA THR A 36 -0.37 -0.96 -2.37
C THR A 36 -0.92 0.36 -2.88
N GLY A 37 -0.57 0.70 -4.12
CA GLY A 37 -1.05 1.91 -4.76
C GLY A 37 -2.58 1.99 -4.87
N LYS A 38 -3.04 2.71 -5.90
CA LYS A 38 -4.45 3.07 -6.05
C LYS A 38 -5.40 1.88 -5.96
N ASN A 39 -4.96 0.69 -6.34
CA ASN A 39 -5.84 -0.47 -6.35
C ASN A 39 -5.82 -1.21 -5.02
N CYS A 40 -4.67 -1.14 -4.33
CA CYS A 40 -4.46 -1.83 -3.07
C CYS A 40 -4.74 -3.32 -3.18
N GLN A 41 -4.54 -3.87 -4.37
CA GLN A 41 -4.90 -5.25 -4.64
C GLN A 41 -3.91 -6.20 -3.99
N TYR A 42 -2.69 -5.73 -3.81
CA TYR A 42 -1.64 -6.55 -3.22
C TYR A 42 -1.10 -5.89 -1.95
N ASN A 43 -0.28 -6.62 -1.22
CA ASN A 43 0.31 -6.10 0.01
C ASN A 43 1.81 -5.95 -0.15
N ALA A 44 2.28 -4.71 -0.05
CA ALA A 44 3.68 -4.41 -0.18
C ALA A 44 4.48 -4.94 1.01
N CYS A 45 3.78 -5.15 2.12
CA CYS A 45 4.41 -5.69 3.31
C CYS A 45 4.42 -7.22 3.26
N PHE A 46 4.85 -7.75 2.14
CA PHE A 46 5.07 -9.18 1.98
C PHE A 46 6.40 -9.54 2.64
N PRO A 47 6.66 -10.83 2.93
CA PRO A 47 7.95 -11.24 3.47
C PRO A 47 9.08 -10.87 2.52
N ASN A 48 9.96 -10.01 3.00
CA ASN A 48 11.04 -9.46 2.20
C ASN A 48 12.38 -9.78 2.87
N PRO A 49 13.37 -10.29 2.11
CA PRO A 49 14.70 -10.62 2.63
C PRO A 49 15.43 -9.41 3.22
N CYS A 50 14.87 -8.22 3.02
CA CYS A 50 15.42 -6.99 3.58
C CYS A 50 14.93 -6.78 5.01
N LEU A 51 14.14 -7.73 5.51
CA LEU A 51 13.65 -7.66 6.89
C LEU A 51 14.58 -8.43 7.81
N ASN A 52 14.66 -9.73 7.59
CA ASN A 52 15.53 -10.62 8.37
C ASN A 52 15.19 -10.52 9.87
N GLY A 53 13.90 -10.62 10.16
CA GLY A 53 13.46 -10.55 11.54
C GLY A 53 13.32 -9.12 12.03
N GLY A 54 13.40 -8.18 11.10
CA GLY A 54 13.31 -6.79 11.45
C GLY A 54 11.87 -6.29 11.51
N THR A 55 11.64 -5.14 10.91
CA THR A 55 10.33 -4.52 10.95
C THR A 55 9.88 -4.13 9.55
N CYS A 56 8.68 -4.57 9.19
CA CYS A 56 8.09 -4.25 7.90
C CYS A 56 7.21 -3.03 8.03
N GLY A 57 7.73 -1.89 7.62
CA GLY A 57 6.98 -0.65 7.69
C GLY A 57 6.51 -0.22 6.33
N TYR A 58 6.03 1.02 6.24
CA TYR A 58 5.53 1.55 4.98
C TYR A 58 6.23 2.85 4.64
N VAL A 59 6.15 3.26 3.39
CA VAL A 59 6.84 4.43 2.92
C VAL A 59 6.31 4.83 1.54
N TYR A 60 6.46 6.11 1.19
CA TYR A 60 5.93 6.61 -0.08
C TYR A 60 7.03 6.62 -1.14
N GLY A 61 8.28 6.74 -0.71
CA GLY A 61 9.40 6.68 -1.63
C GLY A 61 9.50 5.34 -2.31
N TYR A 62 9.79 4.32 -1.52
CA TYR A 62 9.76 2.94 -2.01
C TYR A 62 8.30 2.54 -2.24
N PRO A 63 8.06 1.41 -2.94
CA PRO A 63 6.69 0.97 -3.29
C PRO A 63 5.85 0.53 -2.08
N TYR A 64 5.65 1.45 -1.15
CA TYR A 64 4.74 1.29 -0.02
C TYR A 64 5.22 0.25 0.98
N TYR A 65 6.52 0.01 1.04
CA TYR A 65 7.07 -0.86 2.05
C TYR A 65 8.47 -0.42 2.44
N LYS A 66 8.74 -0.48 3.73
CA LYS A 66 10.02 -0.09 4.27
C LYS A 66 10.60 -1.20 5.12
N CYS A 67 11.74 -1.72 4.71
CA CYS A 67 12.39 -2.78 5.45
C CYS A 67 13.35 -2.20 6.49
N SER A 68 12.98 -2.33 7.75
CA SER A 68 13.82 -1.88 8.83
C SER A 68 14.47 -3.08 9.51
N CYS A 69 15.73 -2.94 9.89
CA CYS A 69 16.48 -4.02 10.51
C CYS A 69 16.09 -4.18 11.97
N PRO A 70 16.32 -5.37 12.55
CA PRO A 70 16.06 -5.63 13.97
C PRO A 70 16.92 -4.74 14.86
N TYR A 71 16.47 -4.51 16.08
CA TYR A 71 17.20 -3.66 17.01
C TYR A 71 18.43 -4.40 17.49
N GLY A 72 19.58 -4.00 16.99
CA GLY A 72 20.82 -4.68 17.26
C GLY A 72 21.47 -5.16 15.98
N TYR A 73 20.80 -4.91 14.86
CA TYR A 73 21.29 -5.30 13.56
C TYR A 73 21.06 -4.17 12.56
N TYR A 74 21.89 -4.07 11.54
CA TYR A 74 21.62 -3.16 10.43
C TYR A 74 22.54 -3.46 9.25
N GLY A 75 21.93 -3.74 8.13
CA GLY A 75 22.65 -3.90 6.88
C GLY A 75 22.06 -3.01 5.81
N LYS A 76 22.38 -3.30 4.57
CA LYS A 76 21.69 -2.69 3.45
C LYS A 76 20.37 -3.43 3.23
N GLN A 77 20.47 -4.76 3.28
CA GLN A 77 19.30 -5.62 3.17
C GLN A 77 19.07 -6.30 4.53
N CYS A 78 19.57 -5.66 5.57
CA CYS A 78 19.45 -6.15 6.95
C CYS A 78 20.08 -7.54 7.10
N GLN A 79 21.27 -7.71 6.54
CA GLN A 79 22.00 -8.95 6.65
C GLN A 79 23.20 -8.78 7.58
N LEU A 80 23.26 -7.67 8.28
CA LEU A 80 24.40 -7.36 9.13
C LEU A 80 23.97 -7.07 10.56
N LYS A 81 24.89 -7.22 11.49
CA LYS A 81 24.62 -7.04 12.91
C LYS A 81 25.31 -5.77 13.41
N LYS A 82 24.79 -5.20 14.49
CA LYS A 82 25.34 -3.97 15.04
C LYS A 82 26.42 -4.27 16.08
N TYR A 83 27.51 -3.53 15.99
CA TYR A 83 28.57 -3.65 16.96
C TYR A 83 28.80 -2.31 17.65
N GLY A 1 -38.96 9.36 -8.55
CA GLY A 1 -38.10 10.52 -8.22
C GLY A 1 -36.99 10.71 -9.23
N VAL A 2 -35.95 11.44 -8.85
CA VAL A 2 -34.82 11.68 -9.73
C VAL A 2 -33.83 10.53 -9.65
N TYR A 3 -33.44 10.01 -10.81
CA TYR A 3 -32.49 8.91 -10.86
C TYR A 3 -31.07 9.45 -10.90
N TYR A 4 -30.31 9.15 -9.86
CA TYR A 4 -28.90 9.53 -9.82
C TYR A 4 -28.02 8.36 -10.18
N PRO A 5 -27.27 8.48 -11.28
CA PRO A 5 -26.34 7.45 -11.74
C PRO A 5 -24.95 7.61 -11.10
N ASN A 6 -24.23 6.51 -10.99
CA ASN A 6 -22.90 6.54 -10.41
C ASN A 6 -21.83 6.34 -11.48
N PRO A 7 -21.06 7.39 -11.78
CA PRO A 7 -19.99 7.34 -12.77
C PRO A 7 -18.75 6.65 -12.23
N CYS A 8 -18.90 5.37 -11.91
CA CYS A 8 -17.81 4.57 -11.37
C CYS A 8 -17.82 3.18 -12.00
N SER A 9 -16.64 2.68 -12.30
CA SER A 9 -16.49 1.37 -12.92
C SER A 9 -16.41 0.29 -11.85
N PRO A 10 -16.67 -0.98 -12.23
CA PRO A 10 -16.52 -2.12 -11.32
C PRO A 10 -15.16 -2.12 -10.64
N TYR A 11 -15.18 -2.27 -9.31
CA TYR A 11 -14.00 -2.08 -8.46
C TYR A 11 -12.78 -2.85 -8.96
N PRO A 12 -11.77 -2.13 -9.47
CA PRO A 12 -10.47 -2.69 -9.77
C PRO A 12 -9.56 -2.60 -8.54
N CYS A 13 -10.02 -1.84 -7.57
CA CYS A 13 -9.31 -1.62 -6.33
C CYS A 13 -9.90 -2.51 -5.24
N ARG A 14 -9.02 -3.20 -4.51
CA ARG A 14 -9.46 -4.16 -3.51
C ARG A 14 -8.91 -3.79 -2.13
N ASN A 15 -9.16 -4.66 -1.16
CA ASN A 15 -8.58 -4.54 0.18
C ASN A 15 -9.01 -3.25 0.88
N GLY A 16 -10.24 -2.81 0.63
CA GLY A 16 -10.74 -1.63 1.28
C GLY A 16 -10.87 -0.45 0.35
N GLY A 17 -10.54 -0.66 -0.92
CA GLY A 17 -10.66 0.39 -1.91
C GLY A 17 -12.07 0.90 -2.04
N THR A 18 -12.24 2.20 -1.96
CA THR A 18 -13.55 2.82 -2.01
C THR A 18 -13.67 3.80 -3.18
N CYS A 19 -14.49 3.46 -4.16
CA CYS A 19 -14.65 4.29 -5.35
C CYS A 19 -15.62 5.44 -5.09
N LYS A 20 -15.09 6.64 -5.06
CA LYS A 20 -15.91 7.82 -4.88
C LYS A 20 -15.81 8.72 -6.09
N LYS A 21 -16.94 8.96 -6.73
CA LYS A 21 -17.00 9.86 -7.87
C LYS A 21 -16.82 11.30 -7.41
N ARG A 22 -15.93 12.02 -8.06
CA ARG A 22 -15.67 13.39 -7.69
C ARG A 22 -16.10 14.31 -8.82
N GLY A 23 -16.81 15.37 -8.46
CA GLY A 23 -17.33 16.30 -9.48
C GLY A 23 -16.27 17.26 -9.97
N LEU A 24 -15.02 16.92 -9.71
CA LEU A 24 -13.90 17.74 -10.14
C LEU A 24 -13.44 17.34 -11.53
N TYR A 25 -13.11 16.07 -11.69
CA TYR A 25 -12.59 15.58 -12.96
C TYR A 25 -13.09 14.16 -13.26
N SER A 26 -13.05 13.30 -12.25
CA SER A 26 -13.34 11.88 -12.43
C SER A 26 -13.70 11.24 -11.11
N TYR A 27 -13.75 9.91 -11.11
CA TYR A 27 -14.02 9.14 -9.91
C TYR A 27 -12.73 8.55 -9.40
N LYS A 28 -12.53 8.61 -8.10
CA LYS A 28 -11.27 8.18 -7.51
C LYS A 28 -11.53 7.11 -6.47
N CYS A 29 -10.77 6.03 -6.54
CA CYS A 29 -10.91 4.97 -5.56
C CYS A 29 -9.89 5.17 -4.46
N TYR A 30 -10.39 5.41 -3.26
CA TYR A 30 -9.54 5.57 -2.10
C TYR A 30 -9.07 4.21 -1.62
N CYS A 31 -7.81 3.93 -1.86
CA CYS A 31 -7.20 2.70 -1.39
C CYS A 31 -6.57 2.92 -0.02
N ARG A 32 -6.40 1.84 0.71
CA ARG A 32 -5.94 1.93 2.08
C ARG A 32 -4.43 1.72 2.15
N LYS A 33 -3.77 2.63 2.87
CA LYS A 33 -2.32 2.63 2.96
C LYS A 33 -1.82 1.34 3.59
N GLY A 34 -0.76 0.79 3.02
CA GLY A 34 -0.23 -0.46 3.52
C GLY A 34 -0.46 -1.60 2.57
N TYR A 35 -1.25 -1.36 1.54
CA TYR A 35 -1.46 -2.35 0.50
C TYR A 35 -0.68 -1.98 -0.75
N THR A 36 -1.31 -1.20 -1.62
CA THR A 36 -0.67 -0.75 -2.84
C THR A 36 -1.35 0.52 -3.35
N GLY A 37 -1.01 0.92 -4.56
CA GLY A 37 -1.60 2.11 -5.17
C GLY A 37 -3.10 1.99 -5.42
N LYS A 38 -3.56 2.70 -6.45
CA LYS A 38 -4.98 2.86 -6.74
C LYS A 38 -5.69 1.54 -7.07
N ASN A 39 -4.94 0.48 -7.32
CA ASN A 39 -5.54 -0.85 -7.51
C ASN A 39 -5.60 -1.59 -6.20
N CYS A 40 -4.66 -1.28 -5.30
CA CYS A 40 -4.59 -1.85 -3.95
C CYS A 40 -5.02 -3.32 -3.89
N GLN A 41 -4.46 -4.12 -4.78
CA GLN A 41 -4.76 -5.55 -4.82
C GLN A 41 -3.73 -6.33 -4.02
N TYR A 42 -2.48 -5.90 -4.09
CA TYR A 42 -1.40 -6.54 -3.36
C TYR A 42 -1.20 -5.88 -2.00
N ASN A 43 -0.57 -6.60 -1.09
CA ASN A 43 -0.25 -6.04 0.21
C ASN A 43 1.23 -5.69 0.26
N ALA A 44 1.55 -4.56 0.86
CA ALA A 44 2.89 -4.02 0.82
C ALA A 44 3.81 -4.68 1.85
N CYS A 45 3.25 -5.03 2.99
CA CYS A 45 4.04 -5.64 4.05
C CYS A 45 4.15 -7.14 3.84
N PHE A 46 4.54 -7.52 2.63
CA PHE A 46 4.79 -8.92 2.31
C PHE A 46 6.20 -9.27 2.74
N PRO A 47 6.59 -10.56 2.72
CA PRO A 47 7.94 -10.97 3.11
C PRO A 47 8.99 -10.44 2.14
N ASN A 48 9.92 -9.68 2.67
CA ASN A 48 11.00 -9.11 1.88
C ASN A 48 12.35 -9.61 2.39
N PRO A 49 13.32 -9.82 1.49
CA PRO A 49 14.70 -10.13 1.87
C PRO A 49 15.34 -8.96 2.60
N CYS A 50 14.68 -7.80 2.55
CA CYS A 50 15.12 -6.59 3.21
C CYS A 50 14.63 -6.57 4.66
N LEU A 51 14.45 -7.76 5.24
CA LEU A 51 13.98 -7.87 6.61
C LEU A 51 14.90 -8.75 7.43
N ASN A 52 14.84 -10.06 7.19
CA ASN A 52 15.66 -11.03 7.91
C ASN A 52 15.38 -10.96 9.42
N GLY A 53 14.09 -10.99 9.76
CA GLY A 53 13.69 -10.90 11.14
C GLY A 53 13.62 -9.46 11.61
N GLY A 54 13.48 -8.56 10.65
CA GLY A 54 13.48 -7.13 10.96
C GLY A 54 12.10 -6.61 11.30
N THR A 55 11.82 -5.41 10.83
CA THR A 55 10.56 -4.75 11.11
C THR A 55 9.92 -4.28 9.80
N CYS A 56 8.66 -4.63 9.61
CA CYS A 56 7.95 -4.27 8.39
C CYS A 56 6.91 -3.21 8.67
N GLY A 57 7.13 -2.02 8.13
CA GLY A 57 6.20 -0.92 8.33
C GLY A 57 5.67 -0.39 7.03
N TYR A 58 5.13 0.81 7.05
CA TYR A 58 4.64 1.45 5.84
C TYR A 58 5.36 2.76 5.62
N VAL A 59 5.46 3.18 4.37
CA VAL A 59 6.19 4.39 4.03
C VAL A 59 5.81 4.86 2.62
N TYR A 60 6.05 6.13 2.33
CA TYR A 60 5.75 6.70 1.02
C TYR A 60 6.99 6.69 0.13
N GLY A 61 8.10 6.21 0.67
CA GLY A 61 9.31 6.07 -0.12
C GLY A 61 9.26 4.83 -0.97
N TYR A 62 9.38 3.68 -0.34
CA TYR A 62 9.13 2.40 -0.99
C TYR A 62 7.64 2.29 -1.26
N PRO A 63 7.21 1.32 -2.09
CA PRO A 63 5.79 1.12 -2.42
C PRO A 63 4.95 0.70 -1.21
N TYR A 64 4.72 1.66 -0.31
CA TYR A 64 3.79 1.51 0.82
C TYR A 64 4.32 0.56 1.89
N TYR A 65 5.60 0.22 1.83
CA TYR A 65 6.18 -0.64 2.86
C TYR A 65 7.59 -0.20 3.21
N LYS A 66 7.92 -0.29 4.48
CA LYS A 66 9.24 0.05 4.97
C LYS A 66 9.91 -1.19 5.54
N CYS A 67 11.00 -1.61 4.91
CA CYS A 67 11.73 -2.77 5.36
C CYS A 67 12.87 -2.35 6.28
N SER A 68 12.61 -2.40 7.57
CA SER A 68 13.61 -2.01 8.56
C SER A 68 14.31 -3.25 9.10
N CYS A 69 15.55 -3.08 9.48
CA CYS A 69 16.35 -4.18 9.98
C CYS A 69 16.01 -4.45 11.45
N PRO A 70 16.31 -5.67 11.95
CA PRO A 70 16.06 -6.05 13.34
C PRO A 70 16.76 -5.13 14.32
N TYR A 71 16.27 -5.07 15.55
CA TYR A 71 16.91 -4.26 16.57
C TYR A 71 18.28 -4.81 16.88
N GLY A 72 19.29 -3.98 16.65
CA GLY A 72 20.65 -4.42 16.84
C GLY A 72 21.25 -4.90 15.55
N TYR A 73 20.53 -4.69 14.46
CA TYR A 73 20.99 -5.08 13.14
C TYR A 73 20.69 -3.96 12.14
N TYR A 74 21.55 -3.83 11.15
CA TYR A 74 21.28 -2.96 10.02
C TYR A 74 22.22 -3.29 8.87
N GLY A 75 21.63 -3.62 7.73
CA GLY A 75 22.38 -3.85 6.53
C GLY A 75 21.85 -3.05 5.39
N LYS A 76 22.38 -3.26 4.20
CA LYS A 76 21.80 -2.69 3.00
C LYS A 76 20.48 -3.42 2.73
N GLN A 77 20.55 -4.74 2.82
CA GLN A 77 19.36 -5.58 2.73
C GLN A 77 19.06 -6.21 4.08
N CYS A 78 19.52 -5.54 5.13
CA CYS A 78 19.29 -5.97 6.51
C CYS A 78 19.88 -7.35 6.79
N GLN A 79 21.18 -7.51 6.52
CA GLN A 79 21.84 -8.78 6.79
C GLN A 79 23.13 -8.54 7.58
N LEU A 80 23.19 -7.42 8.28
CA LEU A 80 24.38 -7.07 9.05
C LEU A 80 23.98 -6.70 10.47
N LYS A 81 24.88 -6.93 11.42
CA LYS A 81 24.56 -6.72 12.83
C LYS A 81 25.31 -5.52 13.40
N LYS A 82 24.70 -4.88 14.38
CA LYS A 82 25.25 -3.73 15.05
C LYS A 82 25.81 -4.14 16.41
N TYR A 83 27.00 -3.67 16.70
CA TYR A 83 27.62 -3.95 17.99
C TYR A 83 27.94 -2.66 18.73
N GLY A 1 -39.24 4.28 -17.07
CA GLY A 1 -38.49 4.96 -15.98
C GLY A 1 -37.35 5.80 -16.53
N VAL A 2 -36.35 6.04 -15.69
CA VAL A 2 -35.19 6.81 -16.11
C VAL A 2 -33.93 6.28 -15.44
N TYR A 3 -32.88 6.08 -16.22
CA TYR A 3 -31.62 5.58 -15.71
C TYR A 3 -30.67 6.74 -15.42
N TYR A 4 -30.09 6.74 -14.23
CA TYR A 4 -29.10 7.74 -13.85
C TYR A 4 -27.70 7.15 -13.92
N PRO A 5 -26.96 7.48 -14.99
CA PRO A 5 -25.60 6.97 -15.18
C PRO A 5 -24.60 7.58 -14.21
N ASN A 6 -23.83 6.73 -13.55
CA ASN A 6 -22.84 7.21 -12.60
C ASN A 6 -21.44 7.10 -13.21
N PRO A 7 -20.63 8.16 -13.06
CA PRO A 7 -19.25 8.16 -13.54
C PRO A 7 -18.34 7.33 -12.63
N CYS A 8 -18.31 6.04 -12.88
CA CYS A 8 -17.49 5.12 -12.11
C CYS A 8 -17.28 3.83 -12.90
N SER A 9 -16.29 3.05 -12.50
CA SER A 9 -15.96 1.81 -13.18
C SER A 9 -15.83 0.68 -12.16
N PRO A 10 -15.74 -0.59 -12.60
CA PRO A 10 -15.45 -1.71 -11.71
C PRO A 10 -14.21 -1.45 -10.86
N TYR A 11 -14.30 -1.79 -9.59
CA TYR A 11 -13.29 -1.41 -8.61
C TYR A 11 -11.93 -2.03 -8.92
N PRO A 12 -10.94 -1.19 -9.24
CA PRO A 12 -9.56 -1.63 -9.43
C PRO A 12 -8.84 -1.70 -8.09
N CYS A 13 -9.52 -1.25 -7.04
CA CYS A 13 -8.97 -1.23 -5.70
C CYS A 13 -9.70 -2.24 -4.84
N ARG A 14 -8.94 -2.95 -4.02
CA ARG A 14 -9.52 -3.93 -3.12
C ARG A 14 -9.23 -3.56 -1.68
N ASN A 15 -9.71 -4.37 -0.75
CA ASN A 15 -9.44 -4.18 0.67
C ASN A 15 -9.91 -2.80 1.13
N GLY A 16 -11.13 -2.44 0.75
CA GLY A 16 -11.67 -1.14 1.12
C GLY A 16 -11.86 -0.25 -0.08
N GLY A 17 -11.93 -0.86 -1.26
CA GLY A 17 -12.12 -0.11 -2.49
C GLY A 17 -13.42 0.65 -2.54
N THR A 18 -13.32 1.97 -2.48
CA THR A 18 -14.48 2.83 -2.47
C THR A 18 -14.43 3.81 -3.64
N CYS A 19 -15.47 3.81 -4.46
CA CYS A 19 -15.51 4.68 -5.63
C CYS A 19 -16.24 5.97 -5.32
N LYS A 20 -15.50 7.06 -5.26
CA LYS A 20 -16.11 8.36 -5.02
C LYS A 20 -16.03 9.22 -6.27
N LYS A 21 -17.16 9.39 -6.94
CA LYS A 21 -17.19 10.22 -8.14
C LYS A 21 -17.27 11.68 -7.76
N ARG A 22 -16.30 12.45 -8.24
CA ARG A 22 -16.25 13.86 -7.93
C ARG A 22 -16.63 14.67 -9.16
N GLY A 23 -17.59 15.57 -9.00
CA GLY A 23 -18.04 16.38 -10.11
C GLY A 23 -17.07 17.49 -10.46
N LEU A 24 -15.82 17.31 -10.05
CA LEU A 24 -14.79 18.30 -10.27
C LEU A 24 -13.90 17.91 -11.45
N TYR A 25 -13.46 16.66 -11.45
CA TYR A 25 -12.53 16.20 -12.49
C TYR A 25 -12.82 14.76 -12.91
N SER A 26 -13.05 13.89 -11.92
CA SER A 26 -13.28 12.47 -12.19
C SER A 26 -13.69 11.76 -10.91
N TYR A 27 -13.69 10.43 -10.95
CA TYR A 27 -13.99 9.65 -9.78
C TYR A 27 -12.71 9.08 -9.20
N LYS A 28 -12.63 9.05 -7.90
CA LYS A 28 -11.45 8.56 -7.22
C LYS A 28 -11.76 7.27 -6.49
N CYS A 29 -10.98 6.26 -6.76
CA CYS A 29 -11.12 4.98 -6.09
C CYS A 29 -10.17 4.92 -4.90
N TYR A 30 -10.75 4.96 -3.72
CA TYR A 30 -9.98 4.93 -2.48
C TYR A 30 -9.86 3.50 -1.97
N CYS A 31 -8.81 3.24 -1.22
CA CYS A 31 -8.62 1.94 -0.59
C CYS A 31 -7.93 2.12 0.75
N ARG A 32 -7.72 1.04 1.48
CA ARG A 32 -7.05 1.13 2.77
C ARG A 32 -5.55 1.10 2.58
N LYS A 33 -4.93 2.27 2.74
CA LYS A 33 -3.48 2.40 2.58
C LYS A 33 -2.75 1.52 3.57
N GLY A 34 -1.60 1.02 3.17
CA GLY A 34 -0.86 0.08 3.97
C GLY A 34 -0.86 -1.29 3.34
N TYR A 35 -1.93 -1.61 2.62
CA TYR A 35 -2.00 -2.84 1.85
C TYR A 35 -1.13 -2.70 0.60
N THR A 36 -1.44 -1.71 -0.21
CA THR A 36 -0.68 -1.45 -1.42
C THR A 36 -0.88 0.00 -1.84
N GLY A 37 -0.46 0.35 -3.05
CA GLY A 37 -0.79 1.66 -3.60
C GLY A 37 -2.28 1.85 -3.77
N LYS A 38 -2.68 2.69 -4.71
CA LYS A 38 -4.09 3.04 -4.91
C LYS A 38 -4.95 1.81 -5.25
N ASN A 39 -4.31 0.71 -5.60
CA ASN A 39 -5.02 -0.51 -5.94
C ASN A 39 -5.31 -1.34 -4.70
N CYS A 40 -4.45 -1.24 -3.68
CA CYS A 40 -4.59 -2.01 -2.42
C CYS A 40 -5.10 -3.42 -2.67
N GLN A 41 -4.39 -4.16 -3.52
CA GLN A 41 -4.83 -5.49 -3.90
C GLN A 41 -3.84 -6.54 -3.41
N TYR A 42 -2.79 -6.08 -2.75
CA TYR A 42 -1.74 -6.95 -2.27
C TYR A 42 -1.36 -6.58 -0.85
N ASN A 43 -0.46 -7.35 -0.27
CA ASN A 43 0.07 -7.06 1.06
C ASN A 43 1.50 -6.57 0.96
N ALA A 44 1.67 -5.25 1.05
CA ALA A 44 2.99 -4.64 0.98
C ALA A 44 3.91 -5.16 2.07
N CYS A 45 3.33 -5.47 3.22
CA CYS A 45 4.09 -6.00 4.34
C CYS A 45 4.24 -7.52 4.22
N PHE A 46 4.64 -7.96 3.04
CA PHE A 46 4.93 -9.36 2.78
C PHE A 46 6.36 -9.66 3.22
N PRO A 47 6.75 -10.94 3.35
CA PRO A 47 8.15 -11.27 3.65
C PRO A 47 9.08 -10.73 2.58
N ASN A 48 9.96 -9.84 3.01
CA ASN A 48 10.79 -9.09 2.07
C ASN A 48 12.27 -9.34 2.37
N PRO A 49 13.10 -9.42 1.31
CA PRO A 49 14.56 -9.57 1.46
C PRO A 49 15.23 -8.37 2.14
N CYS A 50 14.48 -7.28 2.29
CA CYS A 50 14.98 -6.09 2.97
C CYS A 50 14.59 -6.14 4.45
N LEU A 51 13.89 -7.21 4.84
CA LEU A 51 13.50 -7.39 6.23
C LEU A 51 14.40 -8.41 6.91
N ASN A 52 14.22 -9.67 6.55
CA ASN A 52 15.05 -10.77 7.06
C ASN A 52 15.14 -10.74 8.58
N GLY A 53 13.98 -10.62 9.22
CA GLY A 53 13.93 -10.58 10.67
C GLY A 53 13.67 -9.18 11.19
N GLY A 54 13.87 -8.20 10.33
CA GLY A 54 13.66 -6.81 10.70
C GLY A 54 12.20 -6.46 10.86
N THR A 55 11.94 -5.19 11.12
CA THR A 55 10.59 -4.71 11.36
C THR A 55 9.94 -4.24 10.06
N CYS A 56 8.74 -4.73 9.81
CA CYS A 56 8.00 -4.38 8.62
C CYS A 56 6.95 -3.33 8.94
N GLY A 57 7.14 -2.13 8.41
CA GLY A 57 6.18 -1.07 8.61
C GLY A 57 5.67 -0.51 7.30
N TYR A 58 5.34 0.76 7.28
CA TYR A 58 4.89 1.41 6.06
C TYR A 58 5.70 2.67 5.83
N VAL A 59 5.86 3.06 4.58
CA VAL A 59 6.68 4.21 4.24
C VAL A 59 6.32 4.73 2.85
N TYR A 60 6.64 5.99 2.59
CA TYR A 60 6.34 6.61 1.30
C TYR A 60 7.56 6.60 0.38
N GLY A 61 8.64 6.00 0.86
CA GLY A 61 9.82 5.83 0.03
C GLY A 61 9.76 4.54 -0.75
N TYR A 62 9.79 3.43 -0.02
CA TYR A 62 9.52 2.12 -0.60
C TYR A 62 8.04 2.02 -0.94
N PRO A 63 7.63 0.99 -1.68
CA PRO A 63 6.22 0.78 -2.09
C PRO A 63 5.29 0.48 -0.91
N TYR A 64 5.12 1.47 -0.04
CA TYR A 64 4.15 1.43 1.06
C TYR A 64 4.52 0.42 2.14
N TYR A 65 5.75 -0.05 2.12
CA TYR A 65 6.24 -0.92 3.19
C TYR A 65 7.63 -0.49 3.62
N LYS A 66 7.86 -0.46 4.91
CA LYS A 66 9.13 -0.02 5.44
C LYS A 66 9.91 -1.19 5.99
N CYS A 67 11.03 -1.50 5.35
CA CYS A 67 11.90 -2.56 5.83
C CYS A 67 12.95 -1.99 6.77
N SER A 68 12.70 -2.14 8.06
CA SER A 68 13.60 -1.62 9.07
C SER A 68 14.44 -2.75 9.65
N CYS A 69 15.74 -2.50 9.80
CA CYS A 69 16.66 -3.51 10.28
C CYS A 69 16.49 -3.71 11.79
N PRO A 70 16.66 -4.95 12.27
CA PRO A 70 16.56 -5.27 13.69
C PRO A 70 17.76 -4.73 14.46
N TYR A 71 17.56 -4.47 15.74
CA TYR A 71 18.61 -3.92 16.57
C TYR A 71 19.75 -4.91 16.74
N GLY A 72 20.85 -4.62 16.06
CA GLY A 72 21.98 -5.52 16.06
C GLY A 72 22.39 -5.90 14.65
N TYR A 73 21.57 -5.50 13.69
CA TYR A 73 21.83 -5.77 12.29
C TYR A 73 21.48 -4.55 11.45
N TYR A 74 22.23 -4.31 10.39
CA TYR A 74 21.87 -3.28 9.42
C TYR A 74 22.57 -3.54 8.10
N GLY A 75 21.78 -3.65 7.05
CA GLY A 75 22.29 -3.73 5.71
C GLY A 75 21.62 -2.74 4.81
N LYS A 76 21.71 -2.97 3.51
CA LYS A 76 20.84 -2.31 2.57
C LYS A 76 19.50 -3.04 2.58
N GLN A 77 19.60 -4.37 2.71
CA GLN A 77 18.45 -5.23 2.82
C GLN A 77 18.34 -5.81 4.23
N CYS A 78 19.01 -5.17 5.17
CA CYS A 78 18.98 -5.58 6.58
C CYS A 78 19.49 -7.01 6.78
N GLN A 79 20.33 -7.46 5.86
CA GLN A 79 20.85 -8.81 5.91
C GLN A 79 22.24 -8.84 6.55
N LEU A 80 22.74 -7.66 6.89
CA LEU A 80 24.08 -7.53 7.42
C LEU A 80 24.04 -7.28 8.93
N LYS A 81 25.13 -7.63 9.59
CA LYS A 81 25.21 -7.55 11.04
C LYS A 81 25.86 -6.24 11.49
N LYS A 82 25.49 -5.78 12.67
CA LYS A 82 26.07 -4.60 13.27
C LYS A 82 27.15 -5.03 14.26
N TYR A 83 28.31 -4.39 14.17
CA TYR A 83 29.42 -4.73 15.04
C TYR A 83 29.73 -3.58 15.99
N GLY A 1 -38.65 7.42 -14.16
CA GLY A 1 -38.48 8.69 -13.40
C GLY A 1 -37.04 9.15 -13.40
N VAL A 2 -36.60 9.70 -12.28
CA VAL A 2 -35.24 10.18 -12.15
C VAL A 2 -34.29 9.04 -11.81
N TYR A 3 -33.25 8.88 -12.63
CA TYR A 3 -32.27 7.84 -12.41
C TYR A 3 -30.96 8.48 -11.97
N TYR A 4 -30.35 7.91 -10.95
CA TYR A 4 -29.10 8.43 -10.42
C TYR A 4 -27.96 7.47 -10.75
N PRO A 5 -27.23 7.73 -11.84
CA PRO A 5 -26.11 6.91 -12.27
C PRO A 5 -24.79 7.35 -11.64
N ASN A 6 -23.76 6.53 -11.80
CA ASN A 6 -22.45 6.85 -11.29
C ASN A 6 -21.36 6.34 -12.24
N PRO A 7 -20.59 7.25 -12.83
CA PRO A 7 -19.48 6.88 -13.72
C PRO A 7 -18.37 6.18 -12.95
N CYS A 8 -18.26 4.88 -13.14
CA CYS A 8 -17.26 4.08 -12.44
C CYS A 8 -17.10 2.73 -13.14
N SER A 9 -16.12 1.96 -12.69
CA SER A 9 -15.83 0.66 -13.27
C SER A 9 -15.75 -0.39 -12.16
N PRO A 10 -15.91 -1.69 -12.50
CA PRO A 10 -15.79 -2.77 -11.54
C PRO A 10 -14.55 -2.63 -10.68
N TYR A 11 -14.75 -2.65 -9.37
CA TYR A 11 -13.73 -2.31 -8.39
C TYR A 11 -12.42 -3.06 -8.60
N PRO A 12 -11.36 -2.31 -8.95
CA PRO A 12 -10.00 -2.83 -8.97
C PRO A 12 -9.31 -2.57 -7.64
N CYS A 13 -10.09 -2.10 -6.69
CA CYS A 13 -9.60 -1.80 -5.35
C CYS A 13 -9.96 -2.93 -4.40
N ARG A 14 -9.04 -3.28 -3.52
CA ARG A 14 -9.25 -4.39 -2.61
C ARG A 14 -9.11 -3.95 -1.17
N ASN A 15 -9.86 -4.61 -0.30
CA ASN A 15 -9.74 -4.42 1.15
C ASN A 15 -10.15 -3.02 1.57
N GLY A 16 -11.37 -2.64 1.22
CA GLY A 16 -11.88 -1.35 1.62
C GLY A 16 -11.84 -0.32 0.50
N GLY A 17 -12.30 -0.71 -0.68
CA GLY A 17 -12.30 0.20 -1.81
C GLY A 17 -13.66 0.85 -2.03
N THR A 18 -13.67 2.17 -2.12
CA THR A 18 -14.88 2.92 -2.36
C THR A 18 -14.72 3.85 -3.56
N CYS A 19 -15.56 3.66 -4.57
CA CYS A 19 -15.49 4.47 -5.79
C CYS A 19 -16.33 5.72 -5.65
N LYS A 20 -15.67 6.86 -5.56
CA LYS A 20 -16.35 8.15 -5.47
C LYS A 20 -16.11 8.94 -6.74
N LYS A 21 -17.17 9.12 -7.53
CA LYS A 21 -17.05 9.82 -8.80
C LYS A 21 -16.84 11.31 -8.58
N ARG A 22 -15.91 11.88 -9.33
CA ARG A 22 -15.63 13.30 -9.25
C ARG A 22 -15.92 13.94 -10.58
N GLY A 23 -17.05 14.65 -10.67
CA GLY A 23 -17.50 15.21 -11.93
C GLY A 23 -16.50 16.17 -12.56
N LEU A 24 -15.47 16.52 -11.80
CA LEU A 24 -14.44 17.40 -12.30
C LEU A 24 -13.64 16.75 -13.42
N TYR A 25 -13.24 15.50 -13.23
CA TYR A 25 -12.38 14.83 -14.20
C TYR A 25 -12.69 13.34 -14.37
N SER A 26 -12.86 12.63 -13.26
CA SER A 26 -13.00 11.17 -13.28
C SER A 26 -13.45 10.68 -11.91
N TYR A 27 -13.43 9.39 -11.70
CA TYR A 27 -13.84 8.84 -10.41
C TYR A 27 -12.61 8.43 -9.60
N LYS A 28 -12.70 8.65 -8.30
CA LYS A 28 -11.59 8.40 -7.41
C LYS A 28 -11.93 7.27 -6.44
N CYS A 29 -11.12 6.23 -6.46
CA CYS A 29 -11.31 5.10 -5.57
C CYS A 29 -10.51 5.30 -4.29
N TYR A 30 -11.20 5.23 -3.17
CA TYR A 30 -10.56 5.34 -1.87
C TYR A 30 -10.34 3.96 -1.29
N CYS A 31 -9.20 3.76 -0.66
CA CYS A 31 -8.87 2.48 -0.05
C CYS A 31 -8.15 2.68 1.27
N ARG A 32 -7.89 1.59 1.97
CA ARG A 32 -7.30 1.66 3.31
C ARG A 32 -5.78 1.73 3.24
N LYS A 33 -5.21 2.47 4.18
CA LYS A 33 -3.77 2.65 4.26
C LYS A 33 -3.09 1.38 4.72
N GLY A 34 -1.96 1.05 4.10
CA GLY A 34 -1.20 -0.11 4.49
C GLY A 34 -1.26 -1.22 3.47
N TYR A 35 -1.51 -0.86 2.22
CA TYR A 35 -1.54 -1.83 1.14
C TYR A 35 -0.71 -1.34 -0.04
N THR A 36 -1.29 -0.47 -0.84
CA THR A 36 -0.64 0.06 -2.02
C THR A 36 -1.24 1.41 -2.39
N GLY A 37 -0.93 1.88 -3.59
CA GLY A 37 -1.45 3.15 -4.10
C GLY A 37 -2.97 3.22 -4.17
N LYS A 38 -3.46 4.01 -5.11
CA LYS A 38 -4.88 4.37 -5.20
C LYS A 38 -5.83 3.17 -5.18
N ASN A 39 -5.35 2.02 -5.63
CA ASN A 39 -6.22 0.85 -5.73
C ASN A 39 -6.12 -0.03 -4.47
N CYS A 40 -4.96 -0.05 -3.85
CA CYS A 40 -4.71 -0.91 -2.69
C CYS A 40 -5.01 -2.36 -3.02
N GLN A 41 -4.72 -2.75 -4.25
CA GLN A 41 -5.02 -4.09 -4.74
C GLN A 41 -3.90 -5.07 -4.40
N TYR A 42 -2.78 -4.53 -3.93
CA TYR A 42 -1.66 -5.36 -3.50
C TYR A 42 -1.23 -4.98 -2.10
N ASN A 43 -0.45 -5.83 -1.46
CA ASN A 43 0.08 -5.53 -0.14
C ASN A 43 1.58 -5.33 -0.23
N ALA A 44 2.00 -4.10 0.04
CA ALA A 44 3.41 -3.73 -0.05
C ALA A 44 4.25 -4.45 0.99
N CYS A 45 3.60 -4.90 2.07
CA CYS A 45 4.30 -5.56 3.16
C CYS A 45 4.42 -7.05 2.89
N PHE A 46 4.84 -7.39 1.68
CA PHE A 46 5.10 -8.77 1.32
C PHE A 46 6.50 -9.18 1.80
N PRO A 47 6.87 -10.46 1.75
CA PRO A 47 8.20 -10.90 2.18
C PRO A 47 9.33 -10.12 1.51
N ASN A 48 10.15 -9.50 2.34
CA ASN A 48 11.27 -8.71 1.88
C ASN A 48 12.59 -9.33 2.34
N PRO A 49 13.57 -9.44 1.45
CA PRO A 49 14.87 -10.04 1.76
C PRO A 49 15.71 -9.16 2.68
N CYS A 50 15.25 -7.94 2.90
CA CYS A 50 15.98 -6.98 3.73
C CYS A 50 15.45 -6.99 5.16
N LEU A 51 14.58 -7.94 5.49
CA LEU A 51 14.03 -8.03 6.84
C LEU A 51 14.99 -8.78 7.75
N ASN A 52 15.12 -10.08 7.51
CA ASN A 52 16.02 -10.92 8.28
C ASN A 52 15.73 -10.79 9.78
N GLY A 53 14.45 -10.91 10.13
CA GLY A 53 14.04 -10.80 11.51
C GLY A 53 13.76 -9.35 11.90
N GLY A 54 13.76 -8.48 10.91
CA GLY A 54 13.49 -7.07 11.16
C GLY A 54 12.01 -6.78 11.28
N THR A 55 11.58 -5.68 10.69
CA THR A 55 10.20 -5.27 10.79
C THR A 55 9.72 -4.70 9.46
N CYS A 56 8.53 -5.10 9.05
CA CYS A 56 7.92 -4.58 7.83
C CYS A 56 6.84 -3.56 8.19
N GLY A 57 7.15 -2.29 7.99
CA GLY A 57 6.20 -1.25 8.28
C GLY A 57 5.64 -0.62 7.03
N TYR A 58 5.04 0.54 7.16
CA TYR A 58 4.52 1.26 6.01
C TYR A 58 5.12 2.66 5.97
N VAL A 59 5.16 3.26 4.80
CA VAL A 59 5.83 4.54 4.61
C VAL A 59 5.53 5.11 3.23
N TYR A 60 5.62 6.43 3.09
CA TYR A 60 5.28 7.08 1.83
C TYR A 60 6.54 7.37 1.00
N GLY A 61 7.68 7.42 1.66
CA GLY A 61 8.94 7.54 0.95
C GLY A 61 9.20 6.34 0.08
N TYR A 62 9.19 5.17 0.70
CA TYR A 62 9.27 3.92 -0.03
C TYR A 62 7.87 3.55 -0.54
N PRO A 63 7.77 2.57 -1.45
CA PRO A 63 6.49 2.15 -2.05
C PRO A 63 5.53 1.47 -1.07
N TYR A 64 5.10 2.23 -0.06
CA TYR A 64 4.08 1.81 0.90
C TYR A 64 4.56 0.74 1.86
N TYR A 65 5.87 0.49 1.89
CA TYR A 65 6.41 -0.47 2.84
C TYR A 65 7.74 0.02 3.37
N LYS A 66 7.93 -0.16 4.66
CA LYS A 66 9.15 0.27 5.32
C LYS A 66 9.92 -0.95 5.81
N CYS A 67 10.88 -1.38 5.02
CA CYS A 67 11.71 -2.51 5.39
C CYS A 67 12.70 -2.09 6.46
N SER A 68 12.46 -2.52 7.68
CA SER A 68 13.28 -2.13 8.82
C SER A 68 14.07 -3.33 9.34
N CYS A 69 15.26 -3.05 9.84
CA CYS A 69 16.13 -4.08 10.35
C CYS A 69 15.89 -4.35 11.83
N PRO A 70 16.37 -5.50 12.34
CA PRO A 70 16.32 -5.82 13.76
C PRO A 70 17.37 -5.04 14.53
N TYR A 71 17.08 -4.80 15.80
CA TYR A 71 18.02 -4.11 16.67
C TYR A 71 19.29 -4.92 16.81
N GLY A 72 20.38 -4.39 16.27
CA GLY A 72 21.65 -5.06 16.35
C GLY A 72 22.05 -5.70 15.05
N TYR A 73 21.36 -5.34 13.97
CA TYR A 73 21.68 -5.87 12.65
C TYR A 73 21.56 -4.80 11.58
N TYR A 74 22.48 -4.81 10.63
CA TYR A 74 22.39 -3.94 9.46
C TYR A 74 23.33 -4.45 8.37
N GLY A 75 22.77 -4.69 7.20
CA GLY A 75 23.56 -5.07 6.05
C GLY A 75 23.21 -4.21 4.86
N LYS A 76 23.61 -4.63 3.68
CA LYS A 76 23.09 -4.05 2.46
C LYS A 76 21.73 -4.69 2.18
N GLN A 77 21.65 -5.99 2.48
CA GLN A 77 20.39 -6.72 2.42
C GLN A 77 19.94 -7.05 3.84
N CYS A 78 20.56 -6.36 4.80
CA CYS A 78 20.26 -6.52 6.22
C CYS A 78 20.56 -7.94 6.70
N GLN A 79 21.68 -8.49 6.25
CA GLN A 79 22.08 -9.84 6.63
C GLN A 79 23.30 -9.79 7.55
N LEU A 80 23.64 -8.60 8.00
CA LEU A 80 24.84 -8.40 8.79
C LEU A 80 24.50 -7.91 10.20
N LYS A 81 25.43 -8.05 11.12
CA LYS A 81 25.18 -7.75 12.52
C LYS A 81 25.89 -6.46 12.93
N LYS A 82 25.34 -5.81 13.94
CA LYS A 82 25.89 -4.56 14.45
C LYS A 82 26.87 -4.85 15.58
N TYR A 83 28.10 -4.41 15.40
CA TYR A 83 29.12 -4.57 16.42
C TYR A 83 29.60 -3.21 16.90
N GLY A 1 -36.60 16.66 -15.08
CA GLY A 1 -36.20 16.58 -13.66
C GLY A 1 -34.75 16.95 -13.47
N VAL A 2 -34.11 16.34 -12.49
CA VAL A 2 -32.71 16.61 -12.21
C VAL A 2 -31.88 15.33 -12.29
N TYR A 3 -30.82 15.38 -13.09
CA TYR A 3 -29.92 14.25 -13.22
C TYR A 3 -28.74 14.42 -12.28
N TYR A 4 -28.45 13.36 -11.53
CA TYR A 4 -27.33 13.36 -10.61
C TYR A 4 -26.21 12.48 -11.15
N PRO A 5 -25.13 13.10 -11.64
CA PRO A 5 -24.00 12.39 -12.21
C PRO A 5 -23.37 11.41 -11.23
N ASN A 6 -23.24 10.16 -11.65
CA ASN A 6 -22.65 9.13 -10.82
C ASN A 6 -21.72 8.26 -11.64
N PRO A 7 -20.59 8.82 -12.11
CA PRO A 7 -19.61 8.08 -12.89
C PRO A 7 -18.77 7.14 -12.02
N CYS A 8 -18.73 5.88 -12.39
CA CYS A 8 -17.94 4.90 -11.68
C CYS A 8 -17.85 3.63 -12.50
N SER A 9 -17.03 2.69 -12.05
CA SER A 9 -16.83 1.44 -12.76
C SER A 9 -16.62 0.32 -11.76
N PRO A 10 -16.80 -0.95 -12.19
CA PRO A 10 -16.51 -2.12 -11.34
C PRO A 10 -15.15 -1.99 -10.66
N TYR A 11 -15.13 -2.26 -9.37
CA TYR A 11 -13.97 -2.01 -8.53
C TYR A 11 -12.74 -2.81 -8.97
N PRO A 12 -11.69 -2.10 -9.41
CA PRO A 12 -10.37 -2.69 -9.57
C PRO A 12 -9.65 -2.76 -8.24
N CYS A 13 -10.14 -1.95 -7.31
CA CYS A 13 -9.60 -1.84 -5.97
C CYS A 13 -10.13 -2.95 -5.09
N ARG A 14 -9.26 -3.54 -4.28
CA ARG A 14 -9.67 -4.61 -3.40
C ARG A 14 -9.29 -4.28 -1.95
N ASN A 15 -9.74 -5.12 -1.03
CA ASN A 15 -9.38 -4.97 0.39
C ASN A 15 -9.87 -3.65 0.96
N GLY A 16 -11.03 -3.20 0.52
CA GLY A 16 -11.59 -1.96 1.05
C GLY A 16 -11.52 -0.82 0.05
N GLY A 17 -11.93 -1.10 -1.19
CA GLY A 17 -11.95 -0.07 -2.21
C GLY A 17 -13.24 0.73 -2.15
N THR A 18 -13.12 2.05 -2.25
CA THR A 18 -14.27 2.94 -2.17
C THR A 18 -14.32 3.89 -3.36
N CYS A 19 -15.35 3.77 -4.19
CA CYS A 19 -15.50 4.62 -5.35
C CYS A 19 -16.21 5.91 -4.97
N LYS A 20 -15.52 7.02 -5.09
CA LYS A 20 -16.11 8.33 -4.86
C LYS A 20 -16.01 9.18 -6.10
N LYS A 21 -17.14 9.36 -6.77
CA LYS A 21 -17.17 10.17 -7.97
C LYS A 21 -16.98 11.64 -7.63
N ARG A 22 -16.07 12.29 -8.33
CA ARG A 22 -15.80 13.69 -8.11
C ARG A 22 -15.97 14.45 -9.42
N GLY A 23 -17.04 15.23 -9.51
CA GLY A 23 -17.32 15.99 -10.72
C GLY A 23 -16.25 16.99 -11.04
N LEU A 24 -15.31 17.14 -10.12
CA LEU A 24 -14.16 18.01 -10.29
C LEU A 24 -13.29 17.53 -11.45
N TYR A 25 -12.98 16.24 -11.46
CA TYR A 25 -12.08 15.71 -12.49
C TYR A 25 -12.46 14.30 -12.93
N SER A 26 -12.74 13.42 -11.98
CA SER A 26 -12.97 12.00 -12.26
C SER A 26 -13.56 11.33 -11.02
N TYR A 27 -13.67 10.02 -11.05
CA TYR A 27 -14.10 9.29 -9.87
C TYR A 27 -12.91 8.60 -9.23
N LYS A 28 -12.77 8.80 -7.93
CA LYS A 28 -11.60 8.32 -7.22
C LYS A 28 -11.93 7.05 -6.46
N CYS A 29 -11.24 5.98 -6.81
CA CYS A 29 -11.37 4.74 -6.08
C CYS A 29 -10.31 4.69 -4.99
N TYR A 30 -10.74 4.81 -3.75
CA TYR A 30 -9.84 4.84 -2.62
C TYR A 30 -9.50 3.43 -2.15
N CYS A 31 -8.21 3.20 -1.97
CA CYS A 31 -7.72 1.94 -1.42
C CYS A 31 -7.27 2.17 0.02
N ARG A 32 -7.12 1.09 0.76
CA ARG A 32 -6.69 1.19 2.15
C ARG A 32 -5.18 1.16 2.24
N LYS A 33 -4.63 2.07 3.04
CA LYS A 33 -3.19 2.18 3.21
C LYS A 33 -2.60 0.91 3.78
N GLY A 34 -1.47 0.50 3.23
CA GLY A 34 -0.79 -0.68 3.73
C GLY A 34 -0.86 -1.84 2.76
N TYR A 35 -1.80 -1.79 1.85
CA TYR A 35 -1.92 -2.84 0.84
C TYR A 35 -1.08 -2.51 -0.38
N THR A 36 -1.68 -1.79 -1.33
CA THR A 36 -1.00 -1.45 -2.56
C THR A 36 -1.64 -0.22 -3.20
N GLY A 37 -1.25 0.07 -4.43
CA GLY A 37 -1.78 1.19 -5.18
C GLY A 37 -3.26 1.08 -5.50
N LYS A 38 -3.66 1.68 -6.61
CA LYS A 38 -5.06 1.79 -7.02
C LYS A 38 -5.75 0.43 -7.18
N ASN A 39 -4.99 -0.65 -7.24
CA ASN A 39 -5.57 -1.98 -7.34
C ASN A 39 -5.71 -2.60 -5.95
N CYS A 40 -4.81 -2.19 -5.04
CA CYS A 40 -4.81 -2.65 -3.65
C CYS A 40 -5.24 -4.11 -3.50
N GLN A 41 -4.62 -4.98 -4.29
CA GLN A 41 -4.95 -6.38 -4.31
C GLN A 41 -3.90 -7.19 -3.55
N TYR A 42 -2.70 -6.64 -3.48
CA TYR A 42 -1.60 -7.33 -2.82
C TYR A 42 -1.23 -6.62 -1.52
N ASN A 43 -0.57 -7.35 -0.64
CA ASN A 43 -0.08 -6.80 0.62
C ASN A 43 1.36 -6.36 0.47
N ALA A 44 1.64 -5.13 0.86
CA ALA A 44 2.97 -4.58 0.74
C ALA A 44 3.89 -5.09 1.83
N CYS A 45 3.33 -5.37 3.00
CA CYS A 45 4.12 -5.84 4.13
C CYS A 45 4.32 -7.35 4.06
N PHE A 46 4.73 -7.82 2.90
CA PHE A 46 5.02 -9.23 2.70
C PHE A 46 6.48 -9.49 3.09
N PRO A 47 6.92 -10.77 3.13
CA PRO A 47 8.31 -11.08 3.43
C PRO A 47 9.26 -10.60 2.33
N ASN A 48 10.18 -9.74 2.72
CA ASN A 48 11.18 -9.21 1.81
C ASN A 48 12.57 -9.62 2.26
N PRO A 49 13.48 -9.92 1.31
CA PRO A 49 14.87 -10.26 1.61
C PRO A 49 15.59 -9.13 2.34
N CYS A 50 15.02 -7.93 2.21
CA CYS A 50 15.55 -6.74 2.88
C CYS A 50 15.35 -6.82 4.40
N LEU A 51 14.33 -7.53 4.83
CA LEU A 51 13.99 -7.59 6.26
C LEU A 51 15.02 -8.41 7.03
N ASN A 52 15.14 -9.68 6.67
CA ASN A 52 16.15 -10.56 7.26
C ASN A 52 16.03 -10.60 8.79
N GLY A 53 14.81 -10.83 9.25
CA GLY A 53 14.57 -10.90 10.68
C GLY A 53 14.35 -9.52 11.29
N GLY A 54 14.23 -8.53 10.42
CA GLY A 54 14.00 -7.17 10.87
C GLY A 54 12.54 -6.90 11.16
N THR A 55 12.09 -5.73 10.75
CA THR A 55 10.72 -5.31 11.01
C THR A 55 10.08 -4.74 9.75
N CYS A 56 8.87 -5.18 9.47
CA CYS A 56 8.13 -4.71 8.32
C CYS A 56 7.09 -3.68 8.74
N GLY A 57 7.16 -2.49 8.16
CA GLY A 57 6.21 -1.46 8.45
C GLY A 57 5.61 -0.88 7.20
N TYR A 58 5.14 0.35 7.28
CA TYR A 58 4.57 1.03 6.12
C TYR A 58 5.22 2.40 5.92
N VAL A 59 5.54 2.72 4.68
CA VAL A 59 6.21 3.96 4.35
C VAL A 59 5.90 4.35 2.91
N TYR A 60 6.02 5.63 2.61
CA TYR A 60 5.72 6.14 1.28
C TYR A 60 6.97 6.27 0.42
N GLY A 61 8.14 6.31 1.05
CA GLY A 61 9.39 6.32 0.31
C GLY A 61 9.58 5.03 -0.46
N TYR A 62 9.11 3.95 0.13
CA TYR A 62 9.07 2.65 -0.52
C TYR A 62 7.64 2.34 -0.91
N PRO A 63 7.41 1.30 -1.73
CA PRO A 63 6.08 0.95 -2.23
C PRO A 63 5.15 0.40 -1.14
N TYR A 64 4.76 1.27 -0.22
CA TYR A 64 3.76 0.97 0.80
C TYR A 64 4.28 0.04 1.90
N TYR A 65 5.58 -0.18 1.96
CA TYR A 65 6.15 -1.00 3.01
C TYR A 65 7.51 -0.50 3.46
N LYS A 66 7.75 -0.57 4.75
CA LYS A 66 8.97 -0.07 5.34
C LYS A 66 9.86 -1.22 5.77
N CYS A 67 11.06 -1.25 5.24
CA CYS A 67 12.02 -2.29 5.59
C CYS A 67 12.92 -1.80 6.71
N SER A 68 12.63 -2.24 7.92
CA SER A 68 13.45 -1.89 9.07
C SER A 68 14.29 -3.09 9.48
N CYS A 69 15.48 -2.83 9.97
CA CYS A 69 16.40 -3.88 10.38
C CYS A 69 16.16 -4.26 11.85
N PRO A 70 16.62 -5.44 12.27
CA PRO A 70 16.51 -5.88 13.66
C PRO A 70 17.28 -4.95 14.58
N TYR A 71 16.81 -4.78 15.81
CA TYR A 71 17.48 -3.91 16.75
C TYR A 71 18.85 -4.46 17.08
N GLY A 72 19.88 -3.68 16.76
CA GLY A 72 21.24 -4.14 16.93
C GLY A 72 21.85 -4.52 15.61
N TYR A 73 21.08 -4.36 14.54
CA TYR A 73 21.53 -4.65 13.19
C TYR A 73 21.03 -3.56 12.25
N TYR A 74 21.79 -3.30 11.20
CA TYR A 74 21.32 -2.43 10.13
C TYR A 74 22.23 -2.57 8.90
N GLY A 75 21.60 -2.91 7.80
CA GLY A 75 22.31 -2.96 6.53
C GLY A 75 21.58 -2.16 5.47
N LYS A 76 21.94 -2.38 4.23
CA LYS A 76 21.13 -1.89 3.13
C LYS A 76 19.93 -2.80 2.98
N GLN A 77 20.20 -4.10 3.02
CA GLN A 77 19.15 -5.11 3.05
C GLN A 77 19.14 -5.80 4.41
N CYS A 78 19.56 -5.06 5.43
CA CYS A 78 19.55 -5.54 6.82
C CYS A 78 20.32 -6.85 7.00
N GLN A 79 21.41 -7.01 6.27
CA GLN A 79 22.25 -8.20 6.41
C GLN A 79 23.49 -7.86 7.23
N LEU A 80 23.51 -6.65 7.77
CA LEU A 80 24.67 -6.17 8.51
C LEU A 80 24.28 -5.90 9.95
N LYS A 81 25.28 -5.83 10.81
CA LYS A 81 25.06 -5.65 12.24
C LYS A 81 25.41 -4.23 12.67
N LYS A 82 24.95 -3.83 13.84
CA LYS A 82 25.30 -2.55 14.42
C LYS A 82 26.58 -2.70 15.23
N TYR A 83 27.67 -2.21 14.69
CA TYR A 83 28.95 -2.27 15.37
C TYR A 83 29.23 -0.94 16.04
N GLY A 1 -40.05 11.40 -16.06
CA GLY A 1 -39.18 10.61 -15.16
C GLY A 1 -37.77 10.48 -15.70
N VAL A 2 -36.96 11.51 -15.47
CA VAL A 2 -35.60 11.53 -15.96
C VAL A 2 -34.68 10.73 -15.04
N TYR A 3 -33.74 10.02 -15.62
CA TYR A 3 -32.80 9.22 -14.86
C TYR A 3 -31.38 9.76 -15.02
N TYR A 4 -30.67 9.85 -13.91
CA TYR A 4 -29.28 10.27 -13.92
C TYR A 4 -28.38 9.14 -13.45
N PRO A 5 -27.64 8.54 -14.39
CA PRO A 5 -26.69 7.45 -14.07
C PRO A 5 -25.57 7.93 -13.16
N ASN A 6 -25.01 7.00 -12.41
CA ASN A 6 -23.92 7.31 -11.49
C ASN A 6 -22.58 7.08 -12.17
N PRO A 7 -21.71 8.10 -12.16
CA PRO A 7 -20.39 8.02 -12.78
C PRO A 7 -19.42 7.22 -11.92
N CYS A 8 -19.56 5.90 -11.94
CA CYS A 8 -18.70 5.01 -11.19
C CYS A 8 -18.49 3.72 -11.97
N SER A 9 -17.28 3.22 -11.94
CA SER A 9 -16.93 1.99 -12.64
C SER A 9 -16.73 0.87 -11.63
N PRO A 10 -16.80 -0.41 -12.07
CA PRO A 10 -16.50 -1.55 -11.21
C PRO A 10 -15.21 -1.36 -10.43
N TYR A 11 -15.25 -1.71 -9.15
CA TYR A 11 -14.16 -1.42 -8.23
C TYR A 11 -12.85 -2.06 -8.68
N PRO A 12 -11.88 -1.23 -9.11
CA PRO A 12 -10.55 -1.70 -9.48
C PRO A 12 -9.63 -1.77 -8.27
N CYS A 13 -10.03 -1.13 -7.19
CA CYS A 13 -9.26 -1.10 -5.98
C CYS A 13 -9.65 -2.24 -5.06
N ARG A 14 -8.67 -2.88 -4.46
CA ARG A 14 -8.92 -4.00 -3.57
C ARG A 14 -8.60 -3.60 -2.14
N ASN A 15 -8.92 -4.49 -1.21
CA ASN A 15 -8.63 -4.28 0.20
C ASN A 15 -9.23 -2.97 0.69
N GLY A 16 -10.53 -2.82 0.53
CA GLY A 16 -11.21 -1.63 0.98
C GLY A 16 -11.45 -0.65 -0.15
N GLY A 17 -11.61 -1.19 -1.35
CA GLY A 17 -11.87 -0.37 -2.52
C GLY A 17 -13.19 0.35 -2.44
N THR A 18 -13.12 1.67 -2.41
CA THR A 18 -14.30 2.51 -2.32
C THR A 18 -14.39 3.42 -3.54
N CYS A 19 -15.60 3.62 -4.05
CA CYS A 19 -15.81 4.48 -5.21
C CYS A 19 -16.56 5.73 -4.79
N LYS A 20 -15.89 6.87 -4.88
CA LYS A 20 -16.52 8.14 -4.55
C LYS A 20 -16.73 8.96 -5.81
N LYS A 21 -17.97 9.04 -6.25
CA LYS A 21 -18.30 9.78 -7.46
C LYS A 21 -18.46 11.26 -7.16
N ARG A 22 -17.63 12.08 -7.77
CA ARG A 22 -17.66 13.50 -7.55
C ARG A 22 -18.04 14.19 -8.86
N GLY A 23 -19.34 14.39 -9.02
CA GLY A 23 -19.90 14.84 -10.29
C GLY A 23 -19.37 16.17 -10.77
N LEU A 24 -18.58 16.83 -9.94
CA LEU A 24 -17.93 18.07 -10.31
C LEU A 24 -16.92 17.83 -11.42
N TYR A 25 -16.23 16.69 -11.38
CA TYR A 25 -15.23 16.39 -12.39
C TYR A 25 -15.19 14.90 -12.75
N SER A 26 -15.24 14.01 -11.76
CA SER A 26 -15.16 12.57 -12.00
C SER A 26 -15.25 11.79 -10.68
N TYR A 27 -15.00 10.50 -10.75
CA TYR A 27 -15.04 9.66 -9.56
C TYR A 27 -13.64 9.29 -9.12
N LYS A 28 -13.46 9.18 -7.81
CA LYS A 28 -12.18 8.81 -7.25
C LYS A 28 -12.29 7.49 -6.50
N CYS A 29 -11.29 6.64 -6.67
CA CYS A 29 -11.28 5.36 -5.98
C CYS A 29 -10.36 5.43 -4.78
N TYR A 30 -10.77 4.78 -3.70
CA TYR A 30 -10.00 4.78 -2.47
C TYR A 30 -9.78 3.35 -1.99
N CYS A 31 -8.72 3.15 -1.24
CA CYS A 31 -8.42 1.85 -0.67
C CYS A 31 -7.68 2.04 0.65
N ARG A 32 -7.37 0.95 1.33
CA ARG A 32 -6.63 1.03 2.57
C ARG A 32 -5.15 1.21 2.28
N LYS A 33 -4.64 2.38 2.61
CA LYS A 33 -3.27 2.75 2.29
C LYS A 33 -2.28 1.85 3.03
N GLY A 34 -1.15 1.59 2.39
CA GLY A 34 -0.15 0.73 2.99
C GLY A 34 -0.04 -0.58 2.24
N TYR A 35 -1.15 -1.04 1.68
CA TYR A 35 -1.13 -2.24 0.85
C TYR A 35 -0.32 -1.99 -0.42
N THR A 36 -0.82 -1.08 -1.24
CA THR A 36 -0.18 -0.70 -2.48
C THR A 36 -0.64 0.68 -2.89
N GLY A 37 -0.37 1.07 -4.14
CA GLY A 37 -0.79 2.35 -4.65
C GLY A 37 -2.31 2.53 -4.66
N LYS A 38 -2.79 3.37 -5.56
CA LYS A 38 -4.20 3.82 -5.57
C LYS A 38 -5.20 2.66 -5.62
N ASN A 39 -4.80 1.53 -6.19
CA ASN A 39 -5.73 0.42 -6.35
C ASN A 39 -5.57 -0.62 -5.25
N CYS A 40 -4.51 -0.52 -4.45
CA CYS A 40 -4.27 -1.46 -3.34
C CYS A 40 -4.60 -2.91 -3.72
N GLN A 41 -4.00 -3.36 -4.81
CA GLN A 41 -4.29 -4.69 -5.33
C GLN A 41 -3.33 -5.73 -4.77
N TYR A 42 -2.34 -5.27 -4.03
CA TYR A 42 -1.35 -6.16 -3.44
C TYR A 42 -0.97 -5.68 -2.05
N ASN A 43 -0.23 -6.50 -1.33
CA ASN A 43 0.33 -6.09 -0.06
C ASN A 43 1.84 -5.97 -0.17
N ALA A 44 2.34 -4.76 0.06
CA ALA A 44 3.76 -4.48 -0.05
C ALA A 44 4.52 -5.07 1.12
N CYS A 45 3.82 -5.25 2.24
CA CYS A 45 4.42 -5.82 3.43
C CYS A 45 4.41 -7.35 3.35
N PHE A 46 4.73 -7.86 2.17
CA PHE A 46 4.89 -9.29 1.96
C PHE A 46 6.24 -9.73 2.51
N PRO A 47 6.53 -11.04 2.57
CA PRO A 47 7.85 -11.51 3.02
C PRO A 47 8.98 -10.89 2.21
N ASN A 48 9.86 -10.18 2.89
CA ASN A 48 10.95 -9.48 2.24
C ASN A 48 12.29 -10.01 2.72
N PRO A 49 13.29 -10.07 1.81
CA PRO A 49 14.63 -10.54 2.17
C PRO A 49 15.40 -9.51 2.98
N CYS A 50 14.86 -8.30 3.05
CA CYS A 50 15.49 -7.20 3.78
C CYS A 50 15.02 -7.20 5.23
N LEU A 51 14.33 -8.24 5.65
CA LEU A 51 13.85 -8.32 7.01
C LEU A 51 14.89 -8.95 7.91
N ASN A 52 15.04 -10.27 7.80
CA ASN A 52 16.02 -11.02 8.59
C ASN A 52 15.84 -10.70 10.09
N GLY A 53 14.59 -10.54 10.49
CA GLY A 53 14.31 -10.18 11.87
C GLY A 53 13.83 -8.75 11.99
N GLY A 54 14.08 -7.97 10.96
CA GLY A 54 13.65 -6.58 10.94
C GLY A 54 12.15 -6.44 10.79
N THR A 55 11.65 -5.25 11.10
CA THR A 55 10.23 -4.98 11.07
C THR A 55 9.79 -4.55 9.68
N CYS A 56 8.61 -5.01 9.28
CA CYS A 56 8.06 -4.65 7.99
C CYS A 56 7.09 -3.48 8.14
N GLY A 57 7.45 -2.35 7.53
CA GLY A 57 6.60 -1.19 7.60
C GLY A 57 6.29 -0.65 6.22
N TYR A 58 5.64 0.50 6.17
CA TYR A 58 5.31 1.13 4.91
C TYR A 58 6.23 2.33 4.68
N VAL A 59 6.17 2.89 3.48
CA VAL A 59 7.07 3.99 3.12
C VAL A 59 6.70 4.55 1.75
N TYR A 60 7.03 5.83 1.53
CA TYR A 60 6.81 6.48 0.24
C TYR A 60 8.01 6.27 -0.68
N GLY A 61 9.20 6.16 -0.10
CA GLY A 61 10.40 5.89 -0.88
C GLY A 61 10.28 4.63 -1.70
N TYR A 62 10.29 3.49 -1.02
CA TYR A 62 9.99 2.23 -1.68
C TYR A 62 8.49 2.11 -1.86
N PRO A 63 8.03 1.18 -2.73
CA PRO A 63 6.60 0.94 -2.99
C PRO A 63 5.87 0.38 -1.77
N TYR A 64 5.78 1.19 -0.72
CA TYR A 64 4.98 0.91 0.47
C TYR A 64 5.56 -0.22 1.34
N TYR A 65 6.82 -0.57 1.13
CA TYR A 65 7.46 -1.54 2.00
C TYR A 65 8.78 -1.02 2.55
N LYS A 66 8.94 -1.14 3.84
CA LYS A 66 10.13 -0.67 4.52
C LYS A 66 10.67 -1.73 5.47
N CYS A 67 11.93 -2.07 5.32
CA CYS A 67 12.58 -3.04 6.18
C CYS A 67 13.36 -2.32 7.29
N SER A 68 12.76 -2.26 8.46
CA SER A 68 13.36 -1.57 9.60
C SER A 68 14.16 -2.54 10.46
N CYS A 69 15.47 -2.47 10.36
CA CYS A 69 16.36 -3.36 11.10
C CYS A 69 16.18 -3.20 12.61
N PRO A 70 16.26 -4.32 13.35
CA PRO A 70 16.14 -4.31 14.81
C PRO A 70 17.36 -3.68 15.46
N TYR A 71 17.19 -3.18 16.66
CA TYR A 71 18.29 -2.58 17.40
C TYR A 71 19.34 -3.64 17.70
N GLY A 72 20.49 -3.49 17.07
CA GLY A 72 21.55 -4.47 17.23
C GLY A 72 21.93 -5.09 15.90
N TYR A 73 21.15 -4.79 14.87
CA TYR A 73 21.41 -5.32 13.55
C TYR A 73 21.29 -4.24 12.49
N TYR A 74 22.15 -4.31 11.48
CA TYR A 74 22.00 -3.49 10.28
C TYR A 74 22.91 -4.03 9.18
N GLY A 75 22.29 -4.34 8.06
CA GLY A 75 23.05 -4.79 6.90
C GLY A 75 22.70 -3.97 5.69
N LYS A 76 23.12 -4.45 4.53
CA LYS A 76 22.67 -3.89 3.26
C LYS A 76 21.30 -4.45 2.94
N GLN A 77 21.13 -5.74 3.26
CA GLN A 77 19.86 -6.41 3.14
C GLN A 77 19.31 -6.71 4.52
N CYS A 78 19.88 -6.01 5.51
CA CYS A 78 19.46 -6.10 6.92
C CYS A 78 19.72 -7.48 7.51
N GLN A 79 20.60 -8.24 6.89
CA GLN A 79 20.91 -9.59 7.35
C GLN A 79 22.17 -9.63 8.19
N LEU A 80 22.61 -8.46 8.63
CA LEU A 80 23.87 -8.35 9.34
C LEU A 80 23.68 -7.75 10.72
N LYS A 81 24.56 -8.15 11.63
CA LYS A 81 24.52 -7.68 13.01
C LYS A 81 25.51 -6.53 13.19
N LYS A 82 25.34 -5.74 14.24
CA LYS A 82 26.25 -4.66 14.53
C LYS A 82 27.39 -5.16 15.42
N TYR A 83 28.55 -4.58 15.27
CA TYR A 83 29.72 -4.97 16.03
C TYR A 83 30.19 -3.83 16.92
N GLY A 1 -39.31 8.09 -13.21
CA GLY A 1 -38.45 8.77 -12.22
C GLY A 1 -37.12 9.19 -12.82
N VAL A 2 -36.66 10.39 -12.46
CA VAL A 2 -35.37 10.89 -12.92
C VAL A 2 -34.22 10.11 -12.28
N TYR A 3 -33.23 9.77 -13.09
CA TYR A 3 -32.08 9.03 -12.60
C TYR A 3 -30.80 9.79 -12.87
N TYR A 4 -29.91 9.82 -11.90
CA TYR A 4 -28.63 10.51 -12.04
C TYR A 4 -27.50 9.49 -12.01
N PRO A 5 -26.90 9.21 -13.18
CA PRO A 5 -25.77 8.29 -13.30
C PRO A 5 -24.49 8.89 -12.74
N ASN A 6 -23.55 8.04 -12.38
CA ASN A 6 -22.29 8.48 -11.82
C ASN A 6 -21.13 7.82 -12.55
N PRO A 7 -19.99 8.53 -12.66
CA PRO A 7 -18.78 8.01 -13.30
C PRO A 7 -18.06 6.96 -12.46
N CYS A 8 -18.84 6.14 -11.77
CA CYS A 8 -18.31 5.10 -10.90
C CYS A 8 -18.62 3.74 -11.49
N SER A 9 -17.69 2.81 -11.34
CA SER A 9 -17.83 1.46 -11.86
C SER A 9 -17.03 0.50 -10.99
N PRO A 10 -17.28 -0.82 -11.09
CA PRO A 10 -16.51 -1.81 -10.34
C PRO A 10 -15.02 -1.76 -10.69
N TYR A 11 -14.20 -1.57 -9.67
CA TYR A 11 -12.76 -1.46 -9.83
C TYR A 11 -12.06 -2.51 -8.99
N PRO A 12 -10.87 -2.95 -9.43
CA PRO A 12 -10.11 -4.00 -8.73
C PRO A 12 -9.46 -3.51 -7.43
N CYS A 13 -10.06 -2.50 -6.81
CA CYS A 13 -9.60 -2.01 -5.52
C CYS A 13 -10.00 -2.99 -4.43
N ARG A 14 -9.04 -3.52 -3.70
CA ARG A 14 -9.32 -4.55 -2.70
C ARG A 14 -9.02 -4.07 -1.30
N ASN A 15 -9.30 -4.93 -0.33
CA ASN A 15 -9.02 -4.67 1.09
C ASN A 15 -9.87 -3.52 1.61
N GLY A 16 -10.94 -3.21 0.91
CA GLY A 16 -11.80 -2.13 1.32
C GLY A 16 -11.74 -0.95 0.39
N GLY A 17 -11.63 -1.22 -0.90
CA GLY A 17 -11.60 -0.16 -1.89
C GLY A 17 -12.96 0.50 -2.04
N THR A 18 -12.95 1.81 -2.24
CA THR A 18 -14.19 2.57 -2.31
C THR A 18 -14.24 3.45 -3.55
N CYS A 19 -15.11 3.11 -4.48
CA CYS A 19 -15.30 3.91 -5.67
C CYS A 19 -16.15 5.13 -5.37
N LYS A 20 -15.59 6.31 -5.60
CA LYS A 20 -16.29 7.55 -5.41
C LYS A 20 -16.08 8.47 -6.59
N LYS A 21 -16.98 9.42 -6.77
CA LYS A 21 -16.81 10.43 -7.79
C LYS A 21 -16.67 11.79 -7.12
N ARG A 22 -15.80 12.62 -7.67
CA ARG A 22 -15.58 13.95 -7.12
C ARG A 22 -16.07 14.99 -8.11
N GLY A 23 -16.99 15.82 -7.65
CA GLY A 23 -17.52 16.88 -8.49
C GLY A 23 -16.47 17.92 -8.83
N LEU A 24 -15.34 17.83 -8.14
CA LEU A 24 -14.22 18.71 -8.38
C LEU A 24 -13.72 18.59 -9.82
N TYR A 25 -13.26 17.40 -10.18
CA TYR A 25 -12.66 17.21 -11.51
C TYR A 25 -12.99 15.84 -12.11
N SER A 26 -12.91 14.79 -11.30
CA SER A 26 -13.03 13.43 -11.80
C SER A 26 -13.41 12.47 -10.67
N TYR A 27 -13.32 11.18 -10.94
CA TYR A 27 -13.67 10.18 -9.95
C TYR A 27 -12.41 9.58 -9.34
N LYS A 28 -12.58 8.82 -8.26
CA LYS A 28 -11.44 8.27 -7.54
C LYS A 28 -11.83 6.99 -6.82
N CYS A 29 -10.98 5.98 -6.92
CA CYS A 29 -11.17 4.77 -6.13
C CYS A 29 -10.26 4.85 -4.91
N TYR A 30 -10.86 5.04 -3.75
CA TYR A 30 -10.11 5.20 -2.53
C TYR A 30 -9.66 3.86 -2.00
N CYS A 31 -8.40 3.78 -1.64
CA CYS A 31 -7.81 2.55 -1.15
C CYS A 31 -7.32 2.71 0.27
N ARG A 32 -7.08 1.58 0.91
CA ARG A 32 -6.65 1.56 2.29
C ARG A 32 -5.12 1.68 2.36
N LYS A 33 -4.67 2.65 3.13
CA LYS A 33 -3.25 2.93 3.27
C LYS A 33 -2.55 1.81 4.02
N GLY A 34 -1.50 1.28 3.43
CA GLY A 34 -0.75 0.21 4.06
C GLY A 34 -0.92 -1.12 3.34
N TYR A 35 -1.28 -1.07 2.07
CA TYR A 35 -1.37 -2.29 1.26
C TYR A 35 -0.56 -2.14 -0.01
N THR A 36 -1.11 -1.44 -0.97
CA THR A 36 -0.44 -1.18 -2.24
C THR A 36 -0.93 0.12 -2.83
N GLY A 37 -0.58 0.36 -4.09
CA GLY A 37 -0.97 1.59 -4.78
C GLY A 37 -2.47 1.79 -4.92
N LYS A 38 -2.84 2.53 -5.95
CA LYS A 38 -4.20 3.02 -6.15
C LYS A 38 -5.24 1.90 -6.30
N ASN A 39 -4.79 0.67 -6.52
CA ASN A 39 -5.72 -0.44 -6.69
C ASN A 39 -5.82 -1.30 -5.45
N CYS A 40 -4.88 -1.09 -4.52
CA CYS A 40 -4.81 -1.80 -3.23
C CYS A 40 -5.16 -3.27 -3.33
N GLN A 41 -4.83 -3.88 -4.45
CA GLN A 41 -5.20 -5.25 -4.74
C GLN A 41 -4.24 -6.23 -4.08
N TYR A 42 -3.01 -5.80 -3.90
CA TYR A 42 -1.98 -6.67 -3.37
C TYR A 42 -1.44 -6.13 -2.05
N ASN A 43 -0.51 -6.86 -1.46
CA ASN A 43 0.08 -6.46 -0.19
C ASN A 43 1.59 -6.27 -0.36
N ALA A 44 2.05 -5.06 -0.04
CA ALA A 44 3.46 -4.74 -0.16
C ALA A 44 4.27 -5.36 0.96
N CYS A 45 3.58 -5.78 2.02
CA CYS A 45 4.23 -6.39 3.16
C CYS A 45 4.37 -7.89 2.97
N PHE A 46 4.84 -8.29 1.81
CA PHE A 46 5.17 -9.68 1.55
C PHE A 46 6.54 -10.00 2.15
N PRO A 47 6.93 -11.28 2.26
CA PRO A 47 8.25 -11.62 2.77
C PRO A 47 9.35 -11.01 1.91
N ASN A 48 10.15 -10.16 2.52
CA ASN A 48 11.17 -9.42 1.80
C ASN A 48 12.55 -9.74 2.36
N PRO A 49 13.57 -9.82 1.50
CA PRO A 49 14.96 -10.07 1.92
C PRO A 49 15.59 -8.89 2.65
N CYS A 50 14.81 -7.83 2.83
CA CYS A 50 15.28 -6.64 3.53
C CYS A 50 14.73 -6.63 4.97
N LEU A 51 14.67 -7.80 5.58
CA LEU A 51 14.11 -7.91 6.92
C LEU A 51 15.09 -8.62 7.86
N ASN A 52 15.24 -9.92 7.69
CA ASN A 52 16.10 -10.73 8.55
C ASN A 52 15.71 -10.58 10.01
N GLY A 53 14.41 -10.59 10.27
CA GLY A 53 13.93 -10.46 11.63
C GLY A 53 13.69 -9.02 12.03
N GLY A 54 13.54 -8.15 11.03
CA GLY A 54 13.32 -6.75 11.29
C GLY A 54 11.84 -6.42 11.41
N THR A 55 11.43 -5.34 10.77
CA THR A 55 10.04 -4.91 10.81
C THR A 55 9.55 -4.54 9.42
N CYS A 56 8.38 -5.05 9.08
CA CYS A 56 7.75 -4.76 7.81
C CYS A 56 6.72 -3.65 7.97
N GLY A 57 7.15 -2.42 7.76
CA GLY A 57 6.26 -1.29 7.87
C GLY A 57 5.78 -0.82 6.52
N TYR A 58 5.28 0.41 6.45
CA TYR A 58 4.78 0.96 5.21
C TYR A 58 5.33 2.36 4.99
N VAL A 59 5.55 2.69 3.73
CA VAL A 59 6.16 3.98 3.38
C VAL A 59 6.00 4.23 1.89
N TYR A 60 5.93 5.50 1.51
CA TYR A 60 5.73 5.88 0.11
C TYR A 60 7.06 6.12 -0.60
N GLY A 61 8.12 6.27 0.18
CA GLY A 61 9.46 6.37 -0.40
C GLY A 61 9.85 5.07 -1.08
N TYR A 62 9.66 3.98 -0.35
CA TYR A 62 9.82 2.65 -0.90
C TYR A 62 8.49 2.20 -1.51
N PRO A 63 8.44 1.07 -2.23
CA PRO A 63 7.22 0.57 -2.87
C PRO A 63 6.15 0.11 -1.86
N TYR A 64 5.67 1.06 -1.06
CA TYR A 64 4.55 0.87 -0.14
C TYR A 64 4.88 -0.06 1.02
N TYR A 65 6.16 -0.33 1.22
CA TYR A 65 6.60 -1.12 2.36
C TYR A 65 7.91 -0.58 2.89
N LYS A 66 8.05 -0.60 4.20
CA LYS A 66 9.24 -0.09 4.85
C LYS A 66 9.98 -1.25 5.52
N CYS A 67 11.06 -1.70 4.92
CA CYS A 67 11.82 -2.79 5.49
C CYS A 67 12.81 -2.24 6.53
N SER A 68 12.41 -2.32 7.78
CA SER A 68 13.25 -1.85 8.87
C SER A 68 14.07 -2.98 9.44
N CYS A 69 15.31 -2.69 9.78
CA CYS A 69 16.22 -3.68 10.29
C CYS A 69 16.00 -3.90 11.78
N PRO A 70 16.35 -5.09 12.29
CA PRO A 70 16.23 -5.41 13.72
C PRO A 70 17.10 -4.50 14.58
N TYR A 71 16.67 -4.29 15.82
CA TYR A 71 17.40 -3.43 16.73
C TYR A 71 18.78 -4.03 17.03
N GLY A 72 19.81 -3.34 16.57
CA GLY A 72 21.16 -3.82 16.74
C GLY A 72 21.71 -4.38 15.45
N TYR A 73 20.91 -4.28 14.40
CA TYR A 73 21.28 -4.74 13.08
C TYR A 73 20.89 -3.69 12.05
N TYR A 74 21.68 -3.59 10.99
CA TYR A 74 21.31 -2.75 9.86
C TYR A 74 22.21 -3.05 8.67
N GLY A 75 21.58 -3.44 7.58
CA GLY A 75 22.28 -3.63 6.33
C GLY A 75 21.57 -2.90 5.22
N LYS A 76 21.86 -3.28 3.98
CA LYS A 76 21.04 -2.87 2.86
C LYS A 76 19.82 -3.79 2.81
N GLN A 77 20.04 -5.05 3.19
CA GLN A 77 18.96 -6.01 3.31
C GLN A 77 18.74 -6.38 4.78
N CYS A 78 19.34 -5.58 5.66
CA CYS A 78 19.23 -5.78 7.11
C CYS A 78 19.89 -7.09 7.56
N GLN A 79 20.91 -7.50 6.82
CA GLN A 79 21.62 -8.74 7.13
C GLN A 79 22.84 -8.46 8.00
N LEU A 80 23.16 -7.19 8.17
CA LEU A 80 24.38 -6.80 8.87
C LEU A 80 24.07 -6.44 10.32
N LYS A 81 25.08 -6.63 11.16
CA LYS A 81 24.92 -6.44 12.60
C LYS A 81 25.68 -5.18 13.05
N LYS A 82 25.13 -4.50 14.05
CA LYS A 82 25.72 -3.27 14.57
C LYS A 82 26.63 -3.56 15.76
N TYR A 83 27.75 -2.87 15.80
CA TYR A 83 28.70 -3.01 16.89
C TYR A 83 29.09 -1.64 17.42
N GLY A 1 -37.23 12.93 -13.92
CA GLY A 1 -36.46 13.46 -12.76
C GLY A 1 -34.98 13.49 -13.04
N VAL A 2 -34.21 13.94 -12.05
CA VAL A 2 -32.77 14.05 -12.21
C VAL A 2 -32.10 12.71 -12.01
N TYR A 3 -31.43 12.23 -13.04
CA TYR A 3 -30.70 10.98 -12.97
C TYR A 3 -29.23 11.26 -12.74
N TYR A 4 -28.60 10.43 -11.92
CA TYR A 4 -27.19 10.61 -11.60
C TYR A 4 -26.37 9.46 -12.16
N PRO A 5 -25.76 9.67 -13.34
CA PRO A 5 -24.83 8.72 -13.92
C PRO A 5 -23.46 8.85 -13.28
N ASN A 6 -23.20 8.03 -12.29
CA ASN A 6 -21.95 8.12 -11.54
C ASN A 6 -20.81 7.53 -12.32
N PRO A 7 -19.78 8.35 -12.61
CA PRO A 7 -18.59 7.91 -13.34
C PRO A 7 -17.65 7.07 -12.48
N CYS A 8 -18.08 5.87 -12.14
CA CYS A 8 -17.27 4.94 -11.37
C CYS A 8 -17.35 3.56 -11.99
N SER A 9 -16.23 2.86 -12.02
CA SER A 9 -16.16 1.54 -12.61
C SER A 9 -16.33 0.47 -11.54
N PRO A 10 -16.69 -0.77 -11.92
CA PRO A 10 -16.74 -1.90 -10.99
C PRO A 10 -15.43 -2.01 -10.23
N TYR A 11 -15.54 -2.02 -8.90
CA TYR A 11 -14.40 -1.88 -8.00
C TYR A 11 -13.17 -2.68 -8.42
N PRO A 12 -12.14 -1.98 -8.93
CA PRO A 12 -10.85 -2.58 -9.21
C PRO A 12 -9.97 -2.52 -7.97
N CYS A 13 -10.50 -1.88 -6.93
CA CYS A 13 -9.84 -1.75 -5.66
C CYS A 13 -10.24 -2.91 -4.74
N ARG A 14 -9.26 -3.57 -4.16
CA ARG A 14 -9.54 -4.70 -3.31
C ARG A 14 -9.20 -4.39 -1.86
N ASN A 15 -9.60 -5.28 -0.97
CA ASN A 15 -9.24 -5.20 0.44
C ASN A 15 -9.90 -4.02 1.14
N GLY A 16 -11.01 -3.54 0.57
CA GLY A 16 -11.77 -2.49 1.21
C GLY A 16 -11.63 -1.14 0.53
N GLY A 17 -11.76 -1.12 -0.79
CA GLY A 17 -11.68 0.13 -1.52
C GLY A 17 -13.01 0.87 -1.51
N THR A 18 -12.94 2.20 -1.56
CA THR A 18 -14.13 3.04 -1.59
C THR A 18 -14.09 3.99 -2.78
N CYS A 19 -15.01 3.81 -3.71
CA CYS A 19 -15.04 4.64 -4.91
C CYS A 19 -15.89 5.89 -4.67
N LYS A 20 -15.23 7.04 -4.65
CA LYS A 20 -15.92 8.31 -4.55
C LYS A 20 -15.72 9.08 -5.85
N LYS A 21 -16.78 9.18 -6.64
CA LYS A 21 -16.71 9.85 -7.92
C LYS A 21 -16.50 11.35 -7.72
N ARG A 22 -15.61 11.92 -8.51
CA ARG A 22 -15.40 13.35 -8.50
C ARG A 22 -15.94 13.90 -9.81
N GLY A 23 -17.16 14.43 -9.76
CA GLY A 23 -17.88 14.80 -10.97
C GLY A 23 -17.29 16.00 -11.70
N LEU A 24 -16.00 16.20 -11.53
CA LEU A 24 -15.28 17.22 -12.24
C LEU A 24 -14.47 16.59 -13.38
N TYR A 25 -13.84 15.45 -13.10
CA TYR A 25 -12.95 14.83 -14.07
C TYR A 25 -13.01 13.30 -14.05
N SER A 26 -13.03 12.70 -12.86
CA SER A 26 -12.93 11.24 -12.73
C SER A 26 -13.29 10.81 -11.31
N TYR A 27 -13.08 9.55 -11.00
CA TYR A 27 -13.43 9.01 -9.70
C TYR A 27 -12.20 8.73 -8.85
N LYS A 28 -12.34 8.91 -7.55
CA LYS A 28 -11.25 8.68 -6.61
C LYS A 28 -11.56 7.46 -5.74
N CYS A 29 -10.78 6.41 -5.89
CA CYS A 29 -10.97 5.21 -5.10
C CYS A 29 -10.02 5.22 -3.90
N TYR A 30 -10.59 5.35 -2.71
CA TYR A 30 -9.83 5.33 -1.48
C TYR A 30 -9.53 3.91 -1.07
N CYS A 31 -8.26 3.58 -1.00
CA CYS A 31 -7.83 2.25 -0.62
C CYS A 31 -7.45 2.19 0.85
N ARG A 32 -7.32 0.99 1.37
CA ARG A 32 -6.99 0.80 2.77
C ARG A 32 -5.49 0.85 3.00
N LYS A 33 -5.12 1.36 4.16
CA LYS A 33 -3.73 1.54 4.52
C LYS A 33 -3.05 0.19 4.77
N GLY A 34 -1.89 0.01 4.17
CA GLY A 34 -1.11 -1.17 4.42
C GLY A 34 -1.14 -2.16 3.27
N TYR A 35 -1.91 -1.85 2.24
CA TYR A 35 -1.99 -2.73 1.09
C TYR A 35 -1.15 -2.19 -0.07
N THR A 36 -1.77 -1.41 -0.94
CA THR A 36 -1.08 -0.90 -2.11
C THR A 36 -1.74 0.37 -2.64
N GLY A 37 -1.31 0.79 -3.83
CA GLY A 37 -1.85 1.97 -4.48
C GLY A 37 -3.33 1.89 -4.81
N LYS A 38 -3.71 2.59 -5.87
CA LYS A 38 -5.12 2.80 -6.22
C LYS A 38 -5.92 1.50 -6.38
N ASN A 39 -5.26 0.39 -6.63
CA ASN A 39 -5.98 -0.87 -6.80
C ASN A 39 -6.02 -1.67 -5.50
N CYS A 40 -5.08 -1.32 -4.60
CA CYS A 40 -4.93 -1.99 -3.29
C CYS A 40 -5.12 -3.49 -3.37
N GLN A 41 -4.67 -4.08 -4.47
CA GLN A 41 -4.93 -5.47 -4.76
C GLN A 41 -3.83 -6.38 -4.20
N TYR A 42 -2.76 -5.75 -3.74
CA TYR A 42 -1.62 -6.50 -3.22
C TYR A 42 -1.21 -5.98 -1.85
N ASN A 43 -0.37 -6.74 -1.16
CA ASN A 43 0.13 -6.33 0.14
C ASN A 43 1.58 -5.88 0.02
N ALA A 44 1.80 -4.58 0.27
CA ALA A 44 3.13 -4.00 0.17
C ALA A 44 4.07 -4.60 1.19
N CYS A 45 3.51 -5.07 2.30
CA CYS A 45 4.29 -5.71 3.34
C CYS A 45 4.53 -7.18 2.97
N PHE A 46 4.99 -7.40 1.74
CA PHE A 46 5.37 -8.73 1.30
C PHE A 46 6.74 -9.07 1.86
N PRO A 47 7.05 -10.37 2.03
CA PRO A 47 8.35 -10.79 2.53
C PRO A 47 9.48 -10.37 1.58
N ASN A 48 10.39 -9.56 2.08
CA ASN A 48 11.50 -9.05 1.30
C ASN A 48 12.81 -9.52 1.92
N PRO A 49 13.84 -9.83 1.10
CA PRO A 49 15.13 -10.34 1.59
C PRO A 49 15.87 -9.36 2.50
N CYS A 50 15.37 -8.14 2.59
CA CYS A 50 16.01 -7.12 3.43
C CYS A 50 15.45 -7.15 4.85
N LEU A 51 14.55 -8.09 5.12
CA LEU A 51 13.95 -8.18 6.44
C LEU A 51 14.90 -8.88 7.42
N ASN A 52 15.04 -10.19 7.27
CA ASN A 52 15.88 -10.98 8.16
C ASN A 52 15.44 -10.81 9.61
N GLY A 53 14.13 -10.79 9.82
CA GLY A 53 13.58 -10.58 11.14
C GLY A 53 13.38 -9.12 11.45
N GLY A 54 13.57 -8.29 10.43
CA GLY A 54 13.43 -6.86 10.59
C GLY A 54 11.97 -6.43 10.64
N THR A 55 11.76 -5.13 10.53
CA THR A 55 10.44 -4.56 10.65
C THR A 55 9.88 -4.23 9.27
N CYS A 56 8.70 -4.77 8.98
CA CYS A 56 8.01 -4.50 7.75
C CYS A 56 6.91 -3.48 8.01
N GLY A 57 7.25 -2.22 7.80
CA GLY A 57 6.30 -1.15 8.05
C GLY A 57 5.75 -0.58 6.77
N TYR A 58 5.23 0.64 6.84
CA TYR A 58 4.65 1.30 5.69
C TYR A 58 5.18 2.72 5.57
N VAL A 59 5.50 3.13 4.35
CA VAL A 59 6.08 4.44 4.11
C VAL A 59 5.74 4.87 2.68
N TYR A 60 5.84 6.17 2.41
CA TYR A 60 5.49 6.71 1.10
C TYR A 60 6.73 7.00 0.26
N GLY A 61 7.87 7.13 0.91
CA GLY A 61 9.12 7.29 0.19
C GLY A 61 9.43 6.06 -0.65
N TYR A 62 9.15 4.91 -0.08
CA TYR A 62 9.21 3.64 -0.78
C TYR A 62 7.79 3.23 -1.14
N PRO A 63 7.63 2.31 -2.12
CA PRO A 63 6.31 1.86 -2.60
C PRO A 63 5.42 1.21 -1.54
N TYR A 64 4.96 2.03 -0.60
CA TYR A 64 3.93 1.67 0.38
C TYR A 64 4.41 0.68 1.43
N TYR A 65 5.71 0.46 1.52
CA TYR A 65 6.25 -0.42 2.54
C TYR A 65 7.62 0.05 3.00
N LYS A 66 7.92 -0.19 4.26
CA LYS A 66 9.15 0.23 4.87
C LYS A 66 9.92 -0.97 5.40
N CYS A 67 11.02 -1.30 4.74
CA CYS A 67 11.83 -2.44 5.15
C CYS A 67 12.94 -1.99 6.09
N SER A 68 12.75 -2.24 7.37
CA SER A 68 13.73 -1.85 8.38
C SER A 68 14.40 -3.08 8.98
N CYS A 69 15.64 -2.92 9.41
CA CYS A 69 16.41 -4.01 9.99
C CYS A 69 15.98 -4.27 11.44
N PRO A 70 16.27 -5.47 11.97
CA PRO A 70 15.99 -5.80 13.37
C PRO A 70 16.79 -4.93 14.31
N TYR A 71 16.28 -4.74 15.52
CA TYR A 71 16.92 -3.86 16.48
C TYR A 71 18.23 -4.45 16.95
N GLY A 72 19.33 -3.88 16.47
CA GLY A 72 20.64 -4.39 16.80
C GLY A 72 21.35 -4.91 15.57
N TYR A 73 20.71 -4.76 14.43
CA TYR A 73 21.28 -5.16 13.15
C TYR A 73 20.98 -4.11 12.09
N TYR A 74 21.86 -4.00 11.10
CA TYR A 74 21.55 -3.24 9.89
C TYR A 74 22.59 -3.52 8.81
N GLY A 75 22.11 -3.99 7.67
CA GLY A 75 22.95 -4.24 6.53
C GLY A 75 22.40 -3.59 5.28
N LYS A 76 22.71 -4.18 4.14
CA LYS A 76 22.02 -3.86 2.90
C LYS A 76 20.70 -4.64 2.88
N GLN A 77 20.79 -5.92 3.23
CA GLN A 77 19.62 -6.76 3.40
C GLN A 77 19.42 -7.08 4.88
N CYS A 78 20.01 -6.24 5.72
CA CYS A 78 19.86 -6.35 7.17
C CYS A 78 20.45 -7.63 7.73
N GLN A 79 21.44 -8.18 7.03
CA GLN A 79 22.12 -9.38 7.50
C GLN A 79 23.32 -9.02 8.36
N LEU A 80 23.60 -7.73 8.44
CA LEU A 80 24.74 -7.23 9.19
C LEU A 80 24.30 -6.77 10.57
N LYS A 81 25.24 -6.70 11.49
CA LYS A 81 24.95 -6.36 12.87
C LYS A 81 25.17 -4.87 13.12
N LYS A 82 24.53 -4.35 14.16
CA LYS A 82 24.69 -2.96 14.55
C LYS A 82 25.69 -2.89 15.70
N TYR A 83 26.65 -2.00 15.58
CA TYR A 83 27.65 -1.80 16.61
C TYR A 83 27.61 -0.38 17.12
N GLY A 1 -39.13 9.38 -14.92
CA GLY A 1 -37.96 9.33 -14.02
C GLY A 1 -36.65 9.22 -14.77
N VAL A 2 -35.60 9.83 -14.24
CA VAL A 2 -34.30 9.79 -14.88
C VAL A 2 -33.25 9.22 -13.93
N TYR A 3 -32.49 8.26 -14.42
CA TYR A 3 -31.38 7.71 -13.68
C TYR A 3 -30.10 8.41 -14.12
N TYR A 4 -29.52 9.19 -13.24
CA TYR A 4 -28.27 9.87 -13.53
C TYR A 4 -27.10 8.88 -13.46
N PRO A 5 -26.43 8.65 -14.59
CA PRO A 5 -25.31 7.72 -14.67
C PRO A 5 -24.18 8.08 -13.71
N ASN A 6 -23.98 7.21 -12.72
CA ASN A 6 -22.92 7.41 -11.74
C ASN A 6 -21.59 6.95 -12.29
N PRO A 7 -20.61 7.86 -12.38
CA PRO A 7 -19.30 7.57 -12.94
C PRO A 7 -18.46 6.67 -12.04
N CYS A 8 -18.64 5.37 -12.19
CA CYS A 8 -17.90 4.38 -11.43
C CYS A 8 -18.06 3.01 -12.07
N SER A 9 -16.97 2.26 -12.13
CA SER A 9 -16.97 0.95 -12.75
C SER A 9 -16.77 -0.13 -11.68
N PRO A 10 -16.84 -1.43 -12.05
CA PRO A 10 -16.55 -2.52 -11.11
C PRO A 10 -15.23 -2.29 -10.38
N TYR A 11 -15.22 -2.67 -9.10
CA TYR A 11 -14.13 -2.34 -8.20
C TYR A 11 -12.83 -3.05 -8.56
N PRO A 12 -11.81 -2.29 -8.98
CA PRO A 12 -10.47 -2.81 -9.21
C PRO A 12 -9.60 -2.60 -7.97
N CYS A 13 -10.26 -2.49 -6.82
CA CYS A 13 -9.60 -2.22 -5.57
C CYS A 13 -9.92 -3.29 -4.54
N ARG A 14 -8.99 -3.54 -3.64
CA ARG A 14 -9.18 -4.53 -2.60
C ARG A 14 -8.92 -3.91 -1.23
N ASN A 15 -9.27 -4.63 -0.18
CA ASN A 15 -9.04 -4.21 1.20
C ASN A 15 -9.64 -2.84 1.48
N GLY A 16 -10.94 -2.72 1.25
CA GLY A 16 -11.65 -1.49 1.57
C GLY A 16 -11.54 -0.44 0.49
N GLY A 17 -11.38 -0.87 -0.75
CA GLY A 17 -11.31 0.06 -1.87
C GLY A 17 -12.64 0.71 -2.15
N THR A 18 -12.75 1.98 -1.85
CA THR A 18 -14.00 2.70 -2.01
C THR A 18 -13.99 3.57 -3.26
N CYS A 19 -14.96 3.36 -4.14
CA CYS A 19 -15.06 4.13 -5.37
C CYS A 19 -15.80 5.43 -5.10
N LYS A 20 -15.06 6.53 -5.13
CA LYS A 20 -15.66 7.85 -4.91
C LYS A 20 -15.47 8.71 -6.14
N LYS A 21 -16.55 8.97 -6.83
CA LYS A 21 -16.48 9.78 -8.04
C LYS A 21 -16.34 11.25 -7.69
N ARG A 22 -15.50 11.94 -8.44
CA ARG A 22 -15.31 13.35 -8.24
C ARG A 22 -16.13 14.12 -9.25
N GLY A 23 -16.83 15.15 -8.80
CA GLY A 23 -17.72 15.89 -9.67
C GLY A 23 -16.99 16.78 -10.65
N LEU A 24 -15.68 16.64 -10.72
CA LEU A 24 -14.88 17.45 -11.62
C LEU A 24 -14.76 16.78 -12.99
N TYR A 25 -14.11 15.62 -13.05
CA TYR A 25 -13.90 14.95 -14.32
C TYR A 25 -13.98 13.43 -14.23
N SER A 26 -13.38 12.85 -13.18
CA SER A 26 -13.30 11.40 -13.06
C SER A 26 -13.57 10.95 -11.63
N TYR A 27 -13.40 9.65 -11.39
CA TYR A 27 -13.61 9.06 -10.09
C TYR A 27 -12.30 8.59 -9.51
N LYS A 28 -12.24 8.47 -8.19
CA LYS A 28 -11.03 8.02 -7.53
C LYS A 28 -11.35 6.93 -6.52
N CYS A 29 -10.45 5.96 -6.41
CA CYS A 29 -10.64 4.87 -5.48
C CYS A 29 -9.83 5.12 -4.22
N TYR A 30 -10.52 5.11 -3.08
CA TYR A 30 -9.88 5.32 -1.80
C TYR A 30 -9.93 4.04 -0.99
N CYS A 31 -8.81 3.38 -0.87
CA CYS A 31 -8.71 2.14 -0.12
C CYS A 31 -8.16 2.40 1.29
N ARG A 32 -7.70 1.35 1.94
CA ARG A 32 -7.12 1.48 3.26
C ARG A 32 -5.62 1.68 3.19
N LYS A 33 -5.10 2.56 4.02
CA LYS A 33 -3.68 2.85 4.04
C LYS A 33 -2.93 1.68 4.69
N GLY A 34 -1.86 1.25 4.04
CA GLY A 34 -1.06 0.17 4.56
C GLY A 34 -1.19 -1.10 3.75
N TYR A 35 -1.52 -0.96 2.47
CA TYR A 35 -1.60 -2.08 1.57
C TYR A 35 -0.85 -1.78 0.27
N THR A 36 -1.41 -0.90 -0.53
CA THR A 36 -0.80 -0.45 -1.77
C THR A 36 -1.37 0.89 -2.18
N GLY A 37 -1.11 1.30 -3.43
CA GLY A 37 -1.67 2.55 -3.94
C GLY A 37 -3.21 2.58 -3.90
N LYS A 38 -3.79 3.46 -4.70
CA LYS A 38 -5.24 3.72 -4.65
C LYS A 38 -6.09 2.45 -4.79
N ASN A 39 -5.55 1.44 -5.45
CA ASN A 39 -6.28 0.20 -5.66
C ASN A 39 -6.17 -0.72 -4.46
N CYS A 40 -5.06 -0.63 -3.73
CA CYS A 40 -4.79 -1.56 -2.63
C CYS A 40 -5.08 -3.00 -3.07
N GLN A 41 -4.57 -3.36 -4.23
CA GLN A 41 -4.86 -4.65 -4.82
C GLN A 41 -3.71 -5.63 -4.55
N TYR A 42 -2.65 -5.14 -3.92
CA TYR A 42 -1.49 -5.95 -3.62
C TYR A 42 -1.00 -5.67 -2.21
N ASN A 43 -0.02 -6.44 -1.76
CA ASN A 43 0.55 -6.25 -0.44
C ASN A 43 1.94 -5.68 -0.53
N ALA A 44 2.09 -4.41 -0.19
CA ALA A 44 3.38 -3.75 -0.18
C ALA A 44 4.27 -4.35 0.89
N CYS A 45 3.66 -4.77 1.99
CA CYS A 45 4.39 -5.41 3.07
C CYS A 45 4.49 -6.91 2.81
N PHE A 46 4.86 -7.25 1.59
CA PHE A 46 5.08 -8.64 1.20
C PHE A 46 6.38 -9.13 1.82
N PRO A 47 6.54 -10.46 1.97
CA PRO A 47 7.78 -11.02 2.49
C PRO A 47 8.96 -10.68 1.60
N ASN A 48 9.93 -9.98 2.16
CA ASN A 48 11.08 -9.50 1.42
C ASN A 48 12.37 -10.04 2.02
N PRO A 49 13.36 -10.39 1.18
CA PRO A 49 14.67 -10.88 1.64
C PRO A 49 15.53 -9.79 2.31
N CYS A 50 14.97 -8.60 2.42
CA CYS A 50 15.63 -7.50 3.12
C CYS A 50 15.32 -7.57 4.61
N LEU A 51 14.17 -8.14 4.96
CA LEU A 51 13.71 -8.16 6.33
C LEU A 51 14.65 -8.97 7.22
N ASN A 52 14.70 -10.28 6.99
CA ASN A 52 15.57 -11.18 7.75
C ASN A 52 15.31 -11.05 9.25
N GLY A 53 14.04 -10.88 9.62
CA GLY A 53 13.69 -10.71 11.01
C GLY A 53 13.49 -9.26 11.37
N GLY A 54 13.73 -8.38 10.40
CA GLY A 54 13.52 -6.96 10.61
C GLY A 54 12.06 -6.58 10.60
N THR A 55 11.81 -5.29 10.51
CA THR A 55 10.46 -4.78 10.55
C THR A 55 10.00 -4.34 9.16
N CYS A 56 8.91 -4.95 8.72
CA CYS A 56 8.24 -4.55 7.50
C CYS A 56 7.28 -3.41 7.79
N GLY A 57 7.76 -2.19 7.59
CA GLY A 57 6.96 -1.03 7.91
C GLY A 57 6.34 -0.42 6.67
N TYR A 58 5.56 0.62 6.87
CA TYR A 58 4.95 1.33 5.75
C TYR A 58 5.59 2.71 5.61
N VAL A 59 5.29 3.37 4.51
CA VAL A 59 5.94 4.63 4.17
C VAL A 59 5.27 5.21 2.92
N TYR A 60 5.24 6.54 2.82
CA TYR A 60 4.62 7.18 1.66
C TYR A 60 5.67 7.63 0.64
N GLY A 61 6.91 7.72 1.09
CA GLY A 61 8.01 8.01 0.18
C GLY A 61 8.25 6.85 -0.77
N TYR A 62 8.41 5.67 -0.19
CA TYR A 62 8.48 4.44 -0.97
C TYR A 62 7.05 3.92 -1.16
N PRO A 63 6.84 2.91 -2.03
CA PRO A 63 5.50 2.36 -2.30
C PRO A 63 4.92 1.57 -1.13
N TYR A 64 4.64 2.28 -0.04
CA TYR A 64 3.94 1.74 1.12
C TYR A 64 4.69 0.58 1.78
N TYR A 65 6.00 0.55 1.58
CA TYR A 65 6.83 -0.50 2.18
C TYR A 65 8.19 0.06 2.59
N LYS A 66 8.56 -0.21 3.82
CA LYS A 66 9.83 0.22 4.37
C LYS A 66 10.53 -0.92 5.07
N CYS A 67 11.71 -1.27 4.59
CA CYS A 67 12.49 -2.33 5.21
C CYS A 67 13.34 -1.77 6.34
N SER A 68 12.88 -1.98 7.56
CA SER A 68 13.61 -1.53 8.73
C SER A 68 14.36 -2.69 9.36
N CYS A 69 15.64 -2.51 9.60
CA CYS A 69 16.46 -3.56 10.19
C CYS A 69 16.13 -3.75 11.67
N PRO A 70 16.36 -4.96 12.20
CA PRO A 70 16.10 -5.27 13.61
C PRO A 70 16.93 -4.39 14.53
N TYR A 71 16.45 -4.20 15.75
CA TYR A 71 17.15 -3.37 16.71
C TYR A 71 18.42 -4.06 17.16
N GLY A 72 19.55 -3.56 16.69
CA GLY A 72 20.82 -4.19 16.99
C GLY A 72 21.31 -5.03 15.82
N TYR A 73 20.71 -4.82 14.67
CA TYR A 73 21.11 -5.51 13.45
C TYR A 73 21.01 -4.55 12.27
N TYR A 74 22.01 -4.57 11.39
CA TYR A 74 21.96 -3.77 10.17
C TYR A 74 22.97 -4.28 9.16
N GLY A 75 22.48 -4.60 7.98
CA GLY A 75 23.34 -5.01 6.89
C GLY A 75 23.09 -4.21 5.64
N LYS A 76 23.71 -4.61 4.54
CA LYS A 76 23.39 -4.03 3.25
C LYS A 76 22.13 -4.68 2.71
N GLN A 77 21.99 -5.98 2.96
CA GLN A 77 20.75 -6.69 2.65
C GLN A 77 19.90 -6.76 3.91
N CYS A 78 20.45 -6.18 4.99
CA CYS A 78 19.76 -6.07 6.27
C CYS A 78 19.64 -7.43 6.95
N GLN A 79 20.75 -8.16 7.01
CA GLN A 79 20.77 -9.46 7.65
C GLN A 79 22.03 -9.63 8.49
N LEU A 80 22.59 -8.52 8.93
CA LEU A 80 23.84 -8.54 9.67
C LEU A 80 23.64 -8.04 11.10
N LYS A 81 24.54 -8.44 11.97
CA LYS A 81 24.46 -8.10 13.38
C LYS A 81 25.24 -6.82 13.67
N LYS A 82 24.77 -6.03 14.62
CA LYS A 82 25.43 -4.79 14.99
C LYS A 82 26.67 -5.06 15.81
N TYR A 83 27.79 -4.55 15.32
CA TYR A 83 29.05 -4.60 16.04
C TYR A 83 29.49 -3.20 16.37
N GLY A 1 -36.58 15.36 -9.34
CA GLY A 1 -36.39 14.41 -10.47
C GLY A 1 -34.98 14.48 -11.03
N VAL A 2 -34.87 14.33 -12.35
CA VAL A 2 -33.59 14.32 -13.06
C VAL A 2 -32.80 13.07 -12.72
N TYR A 3 -32.39 12.34 -13.75
CA TYR A 3 -31.61 11.14 -13.58
C TYR A 3 -30.24 11.45 -12.99
N TYR A 4 -29.89 10.73 -11.94
CA TYR A 4 -28.58 10.89 -11.32
C TYR A 4 -27.67 9.77 -11.78
N PRO A 5 -26.67 10.11 -12.62
CA PRO A 5 -25.77 9.13 -13.20
C PRO A 5 -24.71 8.66 -12.22
N ASN A 6 -24.24 7.44 -12.41
CA ASN A 6 -23.18 6.88 -11.58
C ASN A 6 -22.02 6.43 -12.45
N PRO A 7 -21.13 7.36 -12.83
CA PRO A 7 -19.95 7.04 -13.62
C PRO A 7 -18.93 6.25 -12.80
N CYS A 8 -18.70 5.02 -13.19
CA CYS A 8 -17.79 4.14 -12.48
C CYS A 8 -17.45 2.93 -13.31
N SER A 9 -16.18 2.53 -13.28
CA SER A 9 -15.71 1.37 -14.00
C SER A 9 -15.54 0.20 -13.05
N PRO A 10 -15.25 -1.02 -13.57
CA PRO A 10 -14.90 -2.18 -12.74
C PRO A 10 -13.84 -1.82 -11.72
N TYR A 11 -14.06 -2.23 -10.48
CA TYR A 11 -13.21 -1.82 -9.37
C TYR A 11 -11.77 -2.29 -9.54
N PRO A 12 -10.84 -1.34 -9.73
CA PRO A 12 -9.42 -1.63 -9.81
C PRO A 12 -8.76 -1.59 -8.43
N CYS A 13 -9.59 -1.51 -7.41
CA CYS A 13 -9.11 -1.43 -6.04
C CYS A 13 -9.68 -2.57 -5.21
N ARG A 14 -8.89 -3.05 -4.27
CA ARG A 14 -9.34 -4.07 -3.34
C ARG A 14 -9.00 -3.63 -1.92
N ASN A 15 -9.38 -4.44 -0.95
CA ASN A 15 -9.09 -4.13 0.46
C ASN A 15 -9.71 -2.81 0.84
N GLY A 16 -11.03 -2.71 0.66
CA GLY A 16 -11.73 -1.49 0.97
C GLY A 16 -12.01 -0.68 -0.27
N GLY A 17 -11.93 -1.33 -1.42
CA GLY A 17 -12.16 -0.66 -2.68
C GLY A 17 -13.53 -0.02 -2.76
N THR A 18 -13.52 1.30 -2.85
CA THR A 18 -14.74 2.06 -2.89
C THR A 18 -14.74 3.02 -4.08
N CYS A 19 -15.81 3.02 -4.84
CA CYS A 19 -15.92 3.88 -6.01
C CYS A 19 -16.93 4.99 -5.74
N LYS A 20 -16.46 6.21 -5.69
CA LYS A 20 -17.33 7.36 -5.46
C LYS A 20 -17.15 8.39 -6.56
N LYS A 21 -18.19 8.58 -7.35
CA LYS A 21 -18.16 9.60 -8.39
C LYS A 21 -18.16 10.98 -7.76
N ARG A 22 -17.25 11.83 -8.19
CA ARG A 22 -17.15 13.17 -7.66
C ARG A 22 -17.74 14.16 -8.66
N GLY A 23 -18.46 15.14 -8.17
CA GLY A 23 -19.09 16.10 -9.05
C GLY A 23 -18.12 17.15 -9.57
N LEU A 24 -16.85 16.96 -9.27
CA LEU A 24 -15.83 17.88 -9.72
C LEU A 24 -15.49 17.63 -11.19
N TYR A 25 -14.96 16.45 -11.48
CA TYR A 25 -14.55 16.13 -12.84
C TYR A 25 -14.81 14.66 -13.19
N SER A 26 -14.70 13.78 -12.21
CA SER A 26 -14.75 12.35 -12.46
C SER A 26 -14.93 11.60 -11.14
N TYR A 27 -14.74 10.29 -11.17
CA TYR A 27 -14.95 9.48 -9.99
C TYR A 27 -13.62 9.09 -9.36
N LYS A 28 -13.68 8.77 -8.08
CA LYS A 28 -12.48 8.45 -7.32
C LYS A 28 -12.62 7.10 -6.65
N CYS A 29 -11.53 6.35 -6.59
CA CYS A 29 -11.51 5.06 -5.93
C CYS A 29 -10.74 5.18 -4.61
N TYR A 30 -11.34 4.66 -3.56
CA TYR A 30 -10.74 4.69 -2.24
C TYR A 30 -10.44 3.27 -1.77
N CYS A 31 -9.47 3.14 -0.88
CA CYS A 31 -9.10 1.83 -0.34
C CYS A 31 -8.46 2.02 1.03
N ARG A 32 -8.01 0.92 1.64
CA ARG A 32 -7.43 0.97 2.97
C ARG A 32 -5.92 1.16 2.92
N LYS A 33 -5.42 2.04 3.77
CA LYS A 33 -3.99 2.31 3.87
C LYS A 33 -3.28 1.13 4.51
N GLY A 34 -2.02 0.93 4.12
CA GLY A 34 -1.23 -0.12 4.70
C GLY A 34 -1.03 -1.28 3.75
N TYR A 35 -1.83 -1.32 2.70
CA TYR A 35 -1.72 -2.36 1.70
C TYR A 35 -0.81 -1.91 0.56
N THR A 36 -1.29 -0.96 -0.23
CA THR A 36 -0.53 -0.42 -1.34
C THR A 36 -1.03 0.96 -1.70
N GLY A 37 -0.59 1.47 -2.85
CA GLY A 37 -1.05 2.75 -3.36
C GLY A 37 -2.55 2.80 -3.60
N LYS A 38 -2.95 3.63 -4.56
CA LYS A 38 -4.36 3.92 -4.81
C LYS A 38 -5.22 2.69 -5.14
N ASN A 39 -4.59 1.56 -5.46
CA ASN A 39 -5.36 0.37 -5.80
C ASN A 39 -5.52 -0.53 -4.58
N CYS A 40 -4.51 -0.50 -3.70
CA CYS A 40 -4.50 -1.28 -2.46
C CYS A 40 -4.77 -2.77 -2.71
N GLN A 41 -4.48 -3.22 -3.92
CA GLN A 41 -4.82 -4.58 -4.33
C GLN A 41 -3.69 -5.55 -3.99
N TYR A 42 -2.54 -4.99 -3.65
CA TYR A 42 -1.37 -5.79 -3.34
C TYR A 42 -0.89 -5.49 -1.92
N ASN A 43 0.03 -6.30 -1.42
CA ASN A 43 0.63 -6.07 -0.13
C ASN A 43 2.04 -5.54 -0.29
N ALA A 44 2.22 -4.26 -0.01
CA ALA A 44 3.53 -3.64 -0.09
C ALA A 44 4.41 -4.16 1.04
N CYS A 45 3.81 -4.29 2.20
CA CYS A 45 4.52 -4.76 3.38
C CYS A 45 4.47 -6.29 3.43
N PHE A 46 4.78 -6.91 2.30
CA PHE A 46 4.85 -8.36 2.24
C PHE A 46 6.16 -8.82 2.88
N PRO A 47 6.23 -10.10 3.30
CA PRO A 47 7.45 -10.65 3.90
C PRO A 47 8.63 -10.53 2.95
N ASN A 48 9.67 -9.87 3.41
CA ASN A 48 10.82 -9.54 2.59
C ASN A 48 12.06 -10.26 3.08
N PRO A 49 12.91 -10.71 2.15
CA PRO A 49 14.17 -11.38 2.47
C PRO A 49 15.18 -10.44 3.10
N CYS A 50 14.83 -9.15 3.12
CA CYS A 50 15.66 -8.13 3.74
C CYS A 50 15.24 -7.86 5.17
N LEU A 51 14.47 -8.77 5.74
CA LEU A 51 14.03 -8.63 7.13
C LEU A 51 14.97 -9.40 8.06
N ASN A 52 14.90 -10.72 7.98
CA ASN A 52 15.71 -11.60 8.83
C ASN A 52 15.50 -11.27 10.30
N GLY A 53 14.24 -11.16 10.69
CA GLY A 53 13.91 -10.80 12.05
C GLY A 53 13.82 -9.30 12.23
N GLY A 54 13.80 -8.59 11.11
CA GLY A 54 13.73 -7.14 11.14
C GLY A 54 12.32 -6.63 11.30
N THR A 55 12.00 -5.57 10.60
CA THR A 55 10.68 -4.96 10.70
C THR A 55 10.23 -4.39 9.37
N CYS A 56 9.02 -4.75 8.97
CA CYS A 56 8.44 -4.20 7.77
C CYS A 56 7.54 -3.03 8.13
N GLY A 57 8.01 -1.82 7.81
CA GLY A 57 7.23 -0.64 8.08
C GLY A 57 6.67 -0.05 6.81
N TYR A 58 6.29 1.23 6.84
CA TYR A 58 5.76 1.89 5.67
C TYR A 58 6.57 3.14 5.36
N VAL A 59 6.55 3.55 4.11
CA VAL A 59 7.31 4.70 3.66
C VAL A 59 6.89 5.07 2.24
N TYR A 60 6.91 6.36 1.93
CA TYR A 60 6.48 6.82 0.62
C TYR A 60 7.66 7.04 -0.32
N GLY A 61 8.86 6.92 0.20
CA GLY A 61 10.04 6.97 -0.64
C GLY A 61 10.24 5.65 -1.36
N TYR A 62 10.20 4.58 -0.58
CA TYR A 62 10.23 3.23 -1.12
C TYR A 62 8.80 2.81 -1.47
N PRO A 63 8.62 1.65 -2.13
CA PRO A 63 7.29 1.19 -2.60
C PRO A 63 6.31 0.88 -1.47
N TYR A 64 5.97 1.91 -0.69
CA TYR A 64 4.92 1.85 0.33
C TYR A 64 5.26 0.91 1.47
N TYR A 65 6.52 0.49 1.55
CA TYR A 65 6.96 -0.35 2.64
C TYR A 65 8.42 -0.07 2.95
N LYS A 66 8.77 -0.15 4.22
CA LYS A 66 10.11 0.12 4.66
C LYS A 66 10.72 -1.14 5.25
N CYS A 67 11.65 -1.75 4.53
CA CYS A 67 12.29 -2.97 5.00
C CYS A 67 13.39 -2.61 5.98
N SER A 68 13.06 -2.67 7.26
CA SER A 68 13.96 -2.24 8.31
C SER A 68 14.66 -3.42 8.96
N CYS A 69 15.92 -3.20 9.31
CA CYS A 69 16.72 -4.23 9.96
C CYS A 69 16.38 -4.30 11.45
N PRO A 70 16.71 -5.43 12.11
CA PRO A 70 16.49 -5.61 13.55
C PRO A 70 17.31 -4.62 14.38
N TYR A 71 16.85 -4.34 15.58
CA TYR A 71 17.55 -3.44 16.47
C TYR A 71 18.87 -4.05 16.92
N GLY A 72 19.96 -3.49 16.42
CA GLY A 72 21.28 -4.02 16.72
C GLY A 72 21.87 -4.75 15.55
N TYR A 73 21.17 -4.70 14.42
CA TYR A 73 21.62 -5.30 13.19
C TYR A 73 21.28 -4.36 12.03
N TYR A 74 22.13 -4.28 11.03
CA TYR A 74 21.78 -3.54 9.82
C TYR A 74 22.62 -3.99 8.65
N GLY A 75 21.94 -4.41 7.60
CA GLY A 75 22.58 -4.71 6.34
C GLY A 75 21.88 -4.00 5.22
N LYS A 76 22.23 -4.36 3.99
CA LYS A 76 21.44 -3.98 2.84
C LYS A 76 20.26 -4.94 2.74
N GLN A 77 20.50 -6.17 3.18
CA GLN A 77 19.48 -7.19 3.25
C GLN A 77 19.14 -7.47 4.71
N CYS A 78 19.74 -6.67 5.60
CA CYS A 78 19.48 -6.73 7.04
C CYS A 78 19.87 -8.06 7.67
N GLN A 79 20.88 -8.71 7.11
CA GLN A 79 21.40 -9.93 7.72
C GLN A 79 22.69 -9.64 8.48
N LEU A 80 23.16 -8.40 8.36
CA LEU A 80 24.39 -8.00 9.01
C LEU A 80 24.11 -7.39 10.36
N LYS A 81 25.15 -7.33 11.18
CA LYS A 81 25.02 -6.92 12.57
C LYS A 81 25.56 -5.51 12.78
N LYS A 82 25.08 -4.86 13.83
CA LYS A 82 25.58 -3.56 14.23
C LYS A 82 26.73 -3.75 15.21
N TYR A 83 27.78 -2.98 15.03
CA TYR A 83 28.94 -3.07 15.91
C TYR A 83 29.27 -1.70 16.48
N GLY A 1 -34.16 -2.02 -14.95
CA GLY A 1 -32.83 -2.54 -14.58
C GLY A 1 -32.17 -1.67 -13.54
N VAL A 2 -30.92 -1.97 -13.22
CA VAL A 2 -30.18 -1.19 -12.23
C VAL A 2 -29.55 0.04 -12.85
N TYR A 3 -30.14 1.19 -12.57
CA TYR A 3 -29.60 2.45 -13.00
C TYR A 3 -28.97 3.16 -11.81
N TYR A 4 -27.73 3.57 -11.98
CA TYR A 4 -27.02 4.29 -10.94
C TYR A 4 -27.17 5.79 -11.16
N PRO A 5 -27.88 6.48 -10.25
CA PRO A 5 -28.06 7.93 -10.31
C PRO A 5 -26.72 8.66 -10.24
N ASN A 6 -25.78 8.03 -9.56
CA ASN A 6 -24.43 8.56 -9.47
C ASN A 6 -23.56 7.96 -10.57
N PRO A 7 -22.67 8.75 -11.15
CA PRO A 7 -21.72 8.28 -12.15
C PRO A 7 -20.61 7.46 -11.52
N CYS A 8 -20.45 6.23 -11.97
CA CYS A 8 -19.44 5.35 -11.41
C CYS A 8 -19.23 4.13 -12.29
N SER A 9 -18.02 3.60 -12.24
CA SER A 9 -17.66 2.42 -13.00
C SER A 9 -16.80 1.54 -12.11
N PRO A 10 -17.02 0.21 -12.14
CA PRO A 10 -16.29 -0.73 -11.29
C PRO A 10 -14.78 -0.65 -11.52
N TYR A 11 -14.05 -0.42 -10.43
CA TYR A 11 -12.60 -0.31 -10.48
C TYR A 11 -11.95 -1.52 -9.82
N PRO A 12 -10.73 -1.88 -10.25
CA PRO A 12 -10.00 -3.03 -9.70
C PRO A 12 -9.38 -2.74 -8.33
N CYS A 13 -9.93 -1.76 -7.63
CA CYS A 13 -9.46 -1.44 -6.28
C CYS A 13 -9.96 -2.47 -5.30
N ARG A 14 -9.07 -2.96 -4.45
CA ARG A 14 -9.45 -3.90 -3.42
C ARG A 14 -8.98 -3.37 -2.07
N ASN A 15 -9.35 -4.08 -1.00
CA ASN A 15 -8.94 -3.68 0.35
C ASN A 15 -9.45 -2.30 0.69
N GLY A 16 -10.76 -2.12 0.60
CA GLY A 16 -11.36 -0.84 0.91
C GLY A 16 -11.52 0.01 -0.32
N GLY A 17 -11.58 -0.63 -1.48
CA GLY A 17 -11.78 0.06 -2.73
C GLY A 17 -13.17 0.65 -2.83
N THR A 18 -13.25 1.97 -2.81
CA THR A 18 -14.53 2.64 -2.81
C THR A 18 -14.63 3.67 -3.93
N CYS A 19 -15.74 3.62 -4.64
CA CYS A 19 -16.00 4.56 -5.73
C CYS A 19 -16.61 5.84 -5.19
N LYS A 20 -15.88 6.94 -5.30
CA LYS A 20 -16.35 8.23 -4.86
C LYS A 20 -16.55 9.15 -6.04
N LYS A 21 -17.57 9.99 -5.98
CA LYS A 21 -17.91 10.82 -7.11
C LYS A 21 -17.47 12.26 -6.87
N ARG A 22 -16.62 12.76 -7.76
CA ARG A 22 -16.18 14.14 -7.69
C ARG A 22 -16.97 14.94 -8.70
N GLY A 23 -18.01 15.62 -8.23
CA GLY A 23 -18.93 16.31 -9.12
C GLY A 23 -18.28 17.40 -9.94
N LEU A 24 -17.03 17.66 -9.66
CA LEU A 24 -16.26 18.66 -10.40
C LEU A 24 -15.88 18.16 -11.78
N TYR A 25 -15.48 16.89 -11.90
CA TYR A 25 -15.05 16.38 -13.19
C TYR A 25 -15.45 14.92 -13.43
N SER A 26 -15.25 14.05 -12.43
CA SER A 26 -15.48 12.62 -12.63
C SER A 26 -15.45 11.87 -11.29
N TYR A 27 -15.45 10.55 -11.38
CA TYR A 27 -15.51 9.71 -10.20
C TYR A 27 -14.16 9.00 -9.98
N LYS A 28 -13.72 8.99 -8.74
CA LYS A 28 -12.41 8.47 -8.39
C LYS A 28 -12.55 7.27 -7.46
N CYS A 29 -11.63 6.32 -7.59
CA CYS A 29 -11.62 5.14 -6.75
C CYS A 29 -10.59 5.32 -5.64
N TYR A 30 -11.00 5.07 -4.41
CA TYR A 30 -10.11 5.14 -3.26
C TYR A 30 -9.85 3.76 -2.70
N CYS A 31 -8.70 3.59 -2.07
CA CYS A 31 -8.38 2.35 -1.38
C CYS A 31 -7.59 2.66 -0.12
N ARG A 32 -7.46 1.68 0.75
CA ARG A 32 -6.84 1.91 2.06
C ARG A 32 -5.33 2.08 1.95
N LYS A 33 -4.85 3.19 2.48
CA LYS A 33 -3.44 3.49 2.52
C LYS A 33 -2.71 2.52 3.44
N GLY A 34 -1.63 1.96 2.94
CA GLY A 34 -0.88 0.97 3.69
C GLY A 34 -1.01 -0.42 3.10
N TYR A 35 -1.46 -0.49 1.86
CA TYR A 35 -1.49 -1.75 1.13
C TYR A 35 -0.59 -1.67 -0.09
N THR A 36 -1.06 -0.99 -1.12
CA THR A 36 -0.31 -0.85 -2.36
C THR A 36 -0.77 0.39 -3.13
N GLY A 37 -0.35 0.50 -4.38
CA GLY A 37 -0.75 1.61 -5.23
C GLY A 37 -2.25 1.74 -5.43
N LYS A 38 -2.64 2.32 -6.56
CA LYS A 38 -4.04 2.69 -6.83
C LYS A 38 -5.02 1.51 -6.72
N ASN A 39 -4.54 0.29 -6.88
CA ASN A 39 -5.42 -0.86 -6.80
C ASN A 39 -5.55 -1.35 -5.36
N CYS A 40 -4.46 -1.20 -4.61
CA CYS A 40 -4.38 -1.67 -3.22
C CYS A 40 -4.77 -3.14 -3.10
N GLN A 41 -4.53 -3.89 -4.17
CA GLN A 41 -4.98 -5.29 -4.23
C GLN A 41 -3.93 -6.22 -3.66
N TYR A 42 -2.76 -5.69 -3.35
CA TYR A 42 -1.69 -6.47 -2.75
C TYR A 42 -1.25 -5.81 -1.45
N ASN A 43 -0.39 -6.49 -0.71
CA ASN A 43 0.17 -5.93 0.50
C ASN A 43 1.65 -5.66 0.30
N ALA A 44 2.03 -4.41 0.51
CA ALA A 44 3.41 -3.98 0.32
C ALA A 44 4.32 -4.63 1.33
N CYS A 45 3.77 -4.98 2.48
CA CYS A 45 4.53 -5.62 3.54
C CYS A 45 4.65 -7.13 3.27
N PHE A 46 4.97 -7.47 2.03
CA PHE A 46 5.25 -8.84 1.66
C PHE A 46 6.62 -9.23 2.20
N PRO A 47 6.97 -10.54 2.20
CA PRO A 47 8.29 -10.99 2.65
C PRO A 47 9.43 -10.17 2.04
N ASN A 48 10.24 -9.59 2.92
CA ASN A 48 11.33 -8.73 2.50
C ASN A 48 12.66 -9.39 2.83
N PRO A 49 13.62 -9.33 1.89
CA PRO A 49 14.94 -9.95 2.07
C PRO A 49 15.87 -9.11 2.92
N CYS A 50 15.36 -8.00 3.44
CA CYS A 50 16.16 -7.08 4.23
C CYS A 50 15.65 -6.96 5.66
N LEU A 51 15.00 -8.01 6.16
CA LEU A 51 14.43 -7.99 7.49
C LEU A 51 15.35 -8.66 8.50
N ASN A 52 15.50 -9.98 8.38
CA ASN A 52 16.33 -10.76 9.30
C ASN A 52 15.85 -10.55 10.73
N GLY A 53 14.55 -10.66 10.93
CA GLY A 53 13.96 -10.42 12.24
C GLY A 53 13.79 -8.94 12.51
N GLY A 54 13.57 -8.18 11.45
CA GLY A 54 13.45 -6.74 11.56
C GLY A 54 12.02 -6.26 11.63
N THR A 55 11.78 -5.09 11.08
CA THR A 55 10.46 -4.48 11.12
C THR A 55 9.96 -4.18 9.71
N CYS A 56 8.78 -4.67 9.40
CA CYS A 56 8.14 -4.39 8.12
C CYS A 56 7.01 -3.39 8.32
N GLY A 57 7.29 -2.13 8.03
CA GLY A 57 6.30 -1.09 8.19
C GLY A 57 5.78 -0.59 6.86
N TYR A 58 5.30 0.65 6.85
CA TYR A 58 4.76 1.25 5.65
C TYR A 58 5.31 2.66 5.48
N VAL A 59 5.81 2.96 4.29
CA VAL A 59 6.45 4.24 4.03
C VAL A 59 6.46 4.53 2.53
N TYR A 60 6.67 5.80 2.17
CA TYR A 60 6.64 6.20 0.77
C TYR A 60 8.03 6.23 0.15
N GLY A 61 9.03 5.81 0.92
CA GLY A 61 10.37 5.65 0.38
C GLY A 61 10.45 4.43 -0.50
N TYR A 62 10.04 3.31 0.05
CA TYR A 62 9.86 2.09 -0.71
C TYR A 62 8.42 2.08 -1.22
N PRO A 63 8.06 1.14 -2.12
CA PRO A 63 6.67 0.99 -2.59
C PRO A 63 5.69 0.62 -1.48
N TYR A 64 5.36 1.61 -0.66
CA TYR A 64 4.31 1.51 0.37
C TYR A 64 4.70 0.60 1.53
N TYR A 65 5.97 0.23 1.62
CA TYR A 65 6.42 -0.58 2.74
C TYR A 65 7.74 -0.04 3.29
N LYS A 66 8.03 -0.36 4.53
CA LYS A 66 9.25 0.09 5.17
C LYS A 66 10.02 -1.10 5.70
N CYS A 67 11.07 -1.48 4.98
CA CYS A 67 11.92 -2.58 5.41
C CYS A 67 12.99 -2.06 6.37
N SER A 68 12.74 -2.24 7.65
CA SER A 68 13.64 -1.74 8.69
C SER A 68 14.38 -2.88 9.37
N CYS A 69 15.62 -2.62 9.73
CA CYS A 69 16.47 -3.61 10.38
C CYS A 69 16.19 -3.66 11.88
N PRO A 70 16.51 -4.81 12.52
CA PRO A 70 16.36 -4.97 13.95
C PRO A 70 17.47 -4.29 14.72
N TYR A 71 17.18 -3.88 15.94
CA TYR A 71 18.19 -3.25 16.78
C TYR A 71 19.22 -4.30 17.19
N GLY A 72 20.41 -4.16 16.64
CA GLY A 72 21.44 -5.13 16.90
C GLY A 72 21.78 -5.92 15.65
N TYR A 73 21.14 -5.57 14.55
CA TYR A 73 21.40 -6.20 13.27
C TYR A 73 21.42 -5.17 12.14
N TYR A 74 22.44 -5.25 11.29
CA TYR A 74 22.48 -4.46 10.07
C TYR A 74 23.49 -5.07 9.10
N GLY A 75 23.03 -5.35 7.90
CA GLY A 75 23.89 -5.91 6.88
C GLY A 75 23.85 -5.10 5.60
N LYS A 76 24.43 -5.65 4.55
CA LYS A 76 24.28 -5.07 3.22
C LYS A 76 22.86 -5.31 2.75
N GLN A 77 22.39 -6.53 2.96
CA GLN A 77 21.00 -6.87 2.70
C GLN A 77 20.28 -7.08 4.04
N CYS A 78 20.90 -6.54 5.08
CA CYS A 78 20.35 -6.59 6.43
C CYS A 78 20.22 -8.04 6.92
N GLN A 79 21.31 -8.77 6.88
CA GLN A 79 21.32 -10.15 7.35
C GLN A 79 22.44 -10.38 8.36
N LEU A 80 23.04 -9.29 8.81
CA LEU A 80 24.21 -9.37 9.68
C LEU A 80 23.92 -8.72 11.02
N LYS A 81 24.75 -9.03 12.01
CA LYS A 81 24.59 -8.51 13.36
C LYS A 81 25.39 -7.22 13.54
N LYS A 82 24.93 -6.38 14.46
CA LYS A 82 25.61 -5.13 14.76
C LYS A 82 26.73 -5.40 15.76
N TYR A 83 27.92 -4.92 15.43
CA TYR A 83 29.05 -5.02 16.33
C TYR A 83 29.52 -3.63 16.73
N GLY A 1 -38.47 8.14 -8.06
CA GLY A 1 -37.33 8.23 -7.13
C GLY A 1 -36.31 9.25 -7.60
N VAL A 2 -35.03 8.97 -7.34
CA VAL A 2 -33.97 9.88 -7.74
C VAL A 2 -32.75 9.08 -8.23
N TYR A 3 -33.02 8.06 -9.02
CA TYR A 3 -31.96 7.26 -9.60
C TYR A 3 -31.28 8.02 -10.72
N TYR A 4 -29.98 8.14 -10.62
CA TYR A 4 -29.19 8.79 -11.65
C TYR A 4 -28.12 7.83 -12.14
N PRO A 5 -27.71 7.94 -13.41
CA PRO A 5 -26.61 7.15 -13.96
C PRO A 5 -25.30 7.48 -13.25
N ASN A 6 -24.88 6.59 -12.37
CA ASN A 6 -23.69 6.83 -11.56
C ASN A 6 -22.42 6.37 -12.27
N PRO A 7 -21.49 7.30 -12.48
CA PRO A 7 -20.20 7.01 -13.12
C PRO A 7 -19.27 6.26 -12.18
N CYS A 8 -19.46 4.95 -12.08
CA CYS A 8 -18.63 4.11 -11.24
C CYS A 8 -18.28 2.83 -11.98
N SER A 9 -17.26 2.14 -11.52
CA SER A 9 -16.80 0.92 -12.18
C SER A 9 -16.44 -0.13 -11.13
N PRO A 10 -16.27 -1.40 -11.55
CA PRO A 10 -15.82 -2.47 -10.66
C PRO A 10 -14.53 -2.08 -9.94
N TYR A 11 -14.47 -2.44 -8.66
CA TYR A 11 -13.38 -2.00 -7.79
C TYR A 11 -12.02 -2.50 -8.25
N PRO A 12 -11.13 -1.59 -8.63
CA PRO A 12 -9.72 -1.91 -8.89
C PRO A 12 -8.92 -1.86 -7.61
N CYS A 13 -9.56 -1.37 -6.56
CA CYS A 13 -8.95 -1.24 -5.25
C CYS A 13 -9.28 -2.46 -4.40
N ARG A 14 -8.31 -2.92 -3.62
CA ARG A 14 -8.50 -4.13 -2.83
C ARG A 14 -8.66 -3.82 -1.36
N ASN A 15 -9.04 -4.86 -0.60
CA ASN A 15 -9.09 -4.80 0.86
C ASN A 15 -10.15 -3.85 1.37
N GLY A 16 -11.21 -3.66 0.59
CA GLY A 16 -12.27 -2.78 1.01
C GLY A 16 -12.21 -1.42 0.33
N GLY A 17 -12.03 -1.44 -0.98
CA GLY A 17 -12.02 -0.21 -1.73
C GLY A 17 -13.38 0.46 -1.78
N THR A 18 -13.40 1.75 -2.03
CA THR A 18 -14.64 2.50 -2.07
C THR A 18 -14.71 3.39 -3.31
N CYS A 19 -15.77 3.20 -4.10
CA CYS A 19 -15.95 3.96 -5.32
C CYS A 19 -16.81 5.18 -5.05
N LYS A 20 -16.19 6.35 -5.10
CA LYS A 20 -16.90 7.60 -4.84
C LYS A 20 -16.87 8.49 -6.07
N LYS A 21 -17.99 8.59 -6.75
CA LYS A 21 -18.08 9.41 -7.94
C LYS A 21 -18.06 10.89 -7.57
N ARG A 22 -17.24 11.65 -8.28
CA ARG A 22 -17.15 13.08 -8.08
C ARG A 22 -17.80 13.78 -9.25
N GLY A 23 -18.78 14.62 -8.96
CA GLY A 23 -19.57 15.25 -10.01
C GLY A 23 -18.77 16.23 -10.86
N LEU A 24 -17.50 16.40 -10.52
CA LEU A 24 -16.64 17.34 -11.23
C LEU A 24 -16.21 16.77 -12.58
N TYR A 25 -15.58 15.60 -12.56
CA TYR A 25 -15.04 15.03 -13.79
C TYR A 25 -15.16 13.50 -13.83
N SER A 26 -14.88 12.83 -12.72
CA SER A 26 -14.82 11.38 -12.69
C SER A 26 -15.02 10.84 -11.28
N TYR A 27 -14.78 9.55 -11.11
CA TYR A 27 -14.95 8.91 -9.82
C TYR A 27 -13.60 8.61 -9.19
N LYS A 28 -13.56 8.64 -7.87
CA LYS A 28 -12.34 8.37 -7.13
C LYS A 28 -12.49 7.08 -6.35
N CYS A 29 -11.49 6.23 -6.44
CA CYS A 29 -11.51 4.97 -5.71
C CYS A 29 -10.64 5.08 -4.47
N TYR A 30 -11.29 5.10 -3.32
CA TYR A 30 -10.59 5.13 -2.05
C TYR A 30 -10.15 3.72 -1.69
N CYS A 31 -8.99 3.61 -1.06
CA CYS A 31 -8.49 2.33 -0.65
C CYS A 31 -7.84 2.41 0.72
N ARG A 32 -7.56 1.26 1.29
CA ARG A 32 -7.03 1.19 2.64
C ARG A 32 -5.54 1.54 2.64
N LYS A 33 -5.12 2.26 3.65
CA LYS A 33 -3.74 2.70 3.75
C LYS A 33 -2.87 1.57 4.29
N GLY A 34 -1.67 1.44 3.73
CA GLY A 34 -0.76 0.40 4.18
C GLY A 34 -0.66 -0.74 3.18
N TYR A 35 -1.01 -0.45 1.94
CA TYR A 35 -0.92 -1.45 0.87
C TYR A 35 -0.11 -0.91 -0.30
N THR A 36 -0.70 0.00 -1.06
CA THR A 36 -0.03 0.57 -2.23
C THR A 36 -0.63 1.92 -2.60
N GLY A 37 -0.26 2.39 -3.78
CA GLY A 37 -0.74 3.66 -4.30
C GLY A 37 -2.24 3.71 -4.55
N LYS A 38 -2.62 4.52 -5.54
CA LYS A 38 -4.02 4.86 -5.83
C LYS A 38 -5.00 3.67 -5.81
N ASN A 39 -4.54 2.48 -6.16
CA ASN A 39 -5.45 1.32 -6.19
C ASN A 39 -5.33 0.48 -4.92
N CYS A 40 -4.17 0.50 -4.29
CA CYS A 40 -3.90 -0.31 -3.10
C CYS A 40 -4.16 -1.78 -3.39
N GLN A 41 -3.87 -2.22 -4.61
CA GLN A 41 -4.18 -3.58 -5.01
C GLN A 41 -2.99 -4.50 -4.86
N TYR A 42 -1.89 -3.97 -4.37
CA TYR A 42 -0.69 -4.76 -4.14
C TYR A 42 -0.22 -4.60 -2.69
N ASN A 43 0.54 -5.57 -2.23
CA ASN A 43 1.07 -5.54 -0.88
C ASN A 43 2.52 -5.09 -0.89
N ALA A 44 2.75 -3.82 -0.57
CA ALA A 44 4.10 -3.30 -0.49
C ALA A 44 4.87 -3.99 0.61
N CYS A 45 4.17 -4.26 1.71
CA CYS A 45 4.78 -4.94 2.84
C CYS A 45 4.65 -6.46 2.69
N PHE A 46 4.99 -6.95 1.51
CA PHE A 46 5.02 -8.39 1.25
C PHE A 46 6.28 -8.98 1.88
N PRO A 47 6.40 -10.31 2.00
CA PRO A 47 7.61 -10.93 2.54
C PRO A 47 8.81 -10.63 1.66
N ASN A 48 9.78 -9.94 2.23
CA ASN A 48 10.95 -9.50 1.48
C ASN A 48 12.22 -10.06 2.11
N PRO A 49 13.17 -10.52 1.29
CA PRO A 49 14.45 -11.07 1.76
C PRO A 49 15.28 -10.06 2.54
N CYS A 50 15.04 -8.77 2.29
CA CYS A 50 15.73 -7.70 2.99
C CYS A 50 15.38 -7.72 4.48
N LEU A 51 14.19 -8.23 4.78
CA LEU A 51 13.72 -8.30 6.14
C LEU A 51 14.34 -9.48 6.86
N ASN A 52 13.95 -10.68 6.43
CA ASN A 52 14.49 -11.92 7.00
C ASN A 52 14.36 -11.92 8.52
N GLY A 53 13.17 -11.59 8.99
CA GLY A 53 12.93 -11.49 10.42
C GLY A 53 13.10 -10.06 10.91
N GLY A 54 13.09 -9.13 9.98
CA GLY A 54 13.26 -7.73 10.32
C GLY A 54 11.94 -6.99 10.42
N THR A 55 12.00 -5.69 10.30
CA THR A 55 10.84 -4.84 10.48
C THR A 55 10.37 -4.29 9.14
N CYS A 56 9.12 -4.57 8.80
CA CYS A 56 8.53 -4.10 7.57
C CYS A 56 7.69 -2.85 7.85
N GLY A 57 8.00 -1.77 7.15
CA GLY A 57 7.26 -0.54 7.32
C GLY A 57 6.86 0.07 6.00
N TYR A 58 6.49 1.34 6.02
CA TYR A 58 6.07 2.03 4.82
C TYR A 58 6.91 3.28 4.62
N VAL A 59 7.07 3.70 3.39
CA VAL A 59 7.87 4.86 3.05
C VAL A 59 7.61 5.28 1.61
N TYR A 60 7.79 6.56 1.31
CA TYR A 60 7.46 7.08 -0.02
C TYR A 60 8.69 7.16 -0.91
N GLY A 61 9.87 7.11 -0.32
CA GLY A 61 11.09 7.05 -1.11
C GLY A 61 11.19 5.75 -1.86
N TYR A 62 10.73 4.69 -1.21
CA TYR A 62 10.61 3.38 -1.82
C TYR A 62 9.15 3.16 -2.22
N PRO A 63 8.83 2.07 -2.94
CA PRO A 63 7.46 1.78 -3.38
C PRO A 63 6.52 1.42 -2.22
N TYR A 64 6.34 2.37 -1.31
CA TYR A 64 5.40 2.24 -0.19
C TYR A 64 5.84 1.15 0.79
N TYR A 65 7.07 0.69 0.63
CA TYR A 65 7.61 -0.35 1.48
C TYR A 65 8.95 0.07 2.06
N LYS A 66 9.09 -0.08 3.37
CA LYS A 66 10.31 0.28 4.05
C LYS A 66 10.91 -0.94 4.73
N CYS A 67 12.15 -1.22 4.39
CA CYS A 67 12.87 -2.32 5.01
C CYS A 67 13.68 -1.81 6.20
N SER A 68 13.35 -2.31 7.38
CA SER A 68 14.07 -1.94 8.58
C SER A 68 14.54 -3.19 9.31
N CYS A 69 15.59 -3.04 10.10
CA CYS A 69 16.12 -4.15 10.88
C CYS A 69 15.77 -3.95 12.35
N PRO A 70 15.69 -5.05 13.12
CA PRO A 70 15.39 -4.99 14.56
C PRO A 70 16.44 -4.22 15.33
N TYR A 71 16.01 -3.57 16.41
CA TYR A 71 16.90 -2.75 17.22
C TYR A 71 18.07 -3.56 17.75
N GLY A 72 19.26 -3.17 17.33
CA GLY A 72 20.46 -3.86 17.75
C GLY A 72 21.04 -4.70 16.64
N TYR A 73 20.35 -4.69 15.51
CA TYR A 73 20.78 -5.44 14.34
C TYR A 73 20.62 -4.61 13.08
N TYR A 74 21.53 -4.77 12.15
CA TYR A 74 21.34 -4.27 10.80
C TYR A 74 22.30 -4.96 9.85
N GLY A 75 21.72 -5.56 8.83
CA GLY A 75 22.50 -6.17 7.77
C GLY A 75 22.04 -5.67 6.43
N LYS A 76 22.36 -6.43 5.39
CA LYS A 76 21.75 -6.19 4.10
C LYS A 76 20.37 -6.84 4.09
N GLN A 77 20.31 -8.04 4.64
CA GLN A 77 19.04 -8.72 4.85
C GLN A 77 18.73 -8.81 6.33
N CYS A 78 19.22 -7.82 7.08
CA CYS A 78 18.96 -7.68 8.51
C CYS A 78 19.40 -8.90 9.32
N GLN A 79 20.34 -9.68 8.79
CA GLN A 79 20.82 -10.86 9.48
C GLN A 79 22.02 -10.53 10.35
N LEU A 80 22.51 -9.31 10.24
CA LEU A 80 23.72 -8.89 10.91
C LEU A 80 23.39 -8.06 12.13
N LYS A 81 24.30 -8.04 13.08
CA LYS A 81 24.10 -7.35 14.35
C LYS A 81 24.74 -5.96 14.32
N LYS A 82 24.24 -5.05 15.13
CA LYS A 82 24.76 -3.70 15.20
C LYS A 82 25.88 -3.62 16.21
N TYR A 83 27.04 -3.18 15.75
CA TYR A 83 28.20 -3.04 16.61
C TYR A 83 28.66 -1.59 16.65
N GLY A 1 -36.25 19.26 -9.96
CA GLY A 1 -35.16 19.20 -8.96
C GLY A 1 -33.91 18.57 -9.52
N VAL A 2 -32.87 18.46 -8.71
CA VAL A 2 -31.61 17.91 -9.16
C VAL A 2 -31.49 16.43 -8.79
N TYR A 3 -31.02 15.64 -9.75
CA TYR A 3 -30.77 14.24 -9.51
C TYR A 3 -29.27 14.01 -9.31
N TYR A 4 -28.93 13.14 -8.37
CA TYR A 4 -27.54 12.85 -8.08
C TYR A 4 -27.20 11.43 -8.53
N PRO A 5 -26.54 11.32 -9.69
CA PRO A 5 -26.18 10.03 -10.26
C PRO A 5 -24.96 9.41 -9.60
N ASN A 6 -24.90 8.09 -9.65
CA ASN A 6 -23.76 7.35 -9.10
C ASN A 6 -23.14 6.48 -10.18
N PRO A 7 -22.14 7.02 -10.90
CA PRO A 7 -21.42 6.26 -11.92
C PRO A 7 -20.42 5.28 -11.31
N CYS A 8 -20.94 4.38 -10.48
CA CYS A 8 -20.10 3.46 -9.76
C CYS A 8 -20.20 2.06 -10.35
N SER A 9 -19.09 1.36 -10.34
CA SER A 9 -18.98 0.03 -10.93
C SER A 9 -17.88 -0.73 -10.19
N PRO A 10 -17.88 -2.07 -10.21
CA PRO A 10 -16.80 -2.86 -9.61
C PRO A 10 -15.46 -2.54 -10.26
N TYR A 11 -14.49 -2.17 -9.43
CA TYR A 11 -13.17 -1.78 -9.92
C TYR A 11 -12.12 -2.75 -9.38
N PRO A 12 -11.02 -2.94 -10.13
CA PRO A 12 -9.91 -3.81 -9.70
C PRO A 12 -9.06 -3.17 -8.61
N CYS A 13 -9.72 -2.75 -7.54
CA CYS A 13 -9.04 -2.19 -6.38
C CYS A 13 -9.52 -2.89 -5.12
N ARG A 14 -8.61 -3.55 -4.42
CA ARG A 14 -8.97 -4.34 -3.25
C ARG A 14 -8.58 -3.63 -1.97
N ASN A 15 -8.77 -4.30 -0.84
CA ASN A 15 -8.38 -3.79 0.47
C ASN A 15 -9.11 -2.49 0.77
N GLY A 16 -10.43 -2.54 0.78
CA GLY A 16 -11.23 -1.39 1.12
C GLY A 16 -11.31 -0.39 -0.01
N GLY A 17 -11.31 -0.90 -1.24
CA GLY A 17 -11.43 -0.05 -2.41
C GLY A 17 -12.77 0.66 -2.45
N THR A 18 -12.80 1.87 -1.90
CA THR A 18 -14.02 2.63 -1.79
C THR A 18 -14.34 3.35 -3.10
N CYS A 19 -15.51 3.07 -3.64
CA CYS A 19 -15.95 3.66 -4.89
C CYS A 19 -16.56 5.03 -4.64
N LYS A 20 -15.87 6.07 -5.07
CA LYS A 20 -16.34 7.43 -4.87
C LYS A 20 -16.31 8.20 -6.18
N LYS A 21 -17.46 8.67 -6.64
CA LYS A 21 -17.50 9.48 -7.84
C LYS A 21 -17.17 10.93 -7.47
N ARG A 22 -16.36 11.57 -8.29
CA ARG A 22 -15.96 12.93 -7.99
C ARG A 22 -16.77 13.88 -8.85
N GLY A 23 -17.16 15.01 -8.27
CA GLY A 23 -18.11 15.88 -8.92
C GLY A 23 -17.50 16.77 -9.99
N LEU A 24 -16.29 16.44 -10.41
CA LEU A 24 -15.62 17.23 -11.44
C LEU A 24 -15.85 16.61 -12.81
N TYR A 25 -15.33 15.40 -13.02
CA TYR A 25 -15.49 14.73 -14.30
C TYR A 25 -15.66 13.22 -14.15
N SER A 26 -14.85 12.60 -13.31
CA SER A 26 -14.86 11.14 -13.20
C SER A 26 -14.86 10.68 -11.74
N TYR A 27 -14.71 9.38 -11.56
CA TYR A 27 -14.75 8.77 -10.23
C TYR A 27 -13.35 8.36 -9.78
N LYS A 28 -13.26 7.85 -8.57
CA LYS A 28 -12.00 7.42 -7.99
C LYS A 28 -12.23 6.28 -6.99
N CYS A 29 -11.26 5.38 -6.89
CA CYS A 29 -11.31 4.31 -5.91
C CYS A 29 -10.33 4.58 -4.79
N TYR A 30 -10.85 4.78 -3.59
CA TYR A 30 -10.02 5.04 -2.43
C TYR A 30 -9.85 3.77 -1.60
N CYS A 31 -8.73 3.10 -1.78
CA CYS A 31 -8.43 1.89 -1.04
C CYS A 31 -7.73 2.23 0.27
N ARG A 32 -7.35 1.21 1.02
CA ARG A 32 -6.71 1.43 2.31
C ARG A 32 -5.21 1.63 2.14
N LYS A 33 -4.73 2.75 2.66
CA LYS A 33 -3.31 3.06 2.65
C LYS A 33 -2.55 2.06 3.50
N GLY A 34 -1.37 1.66 3.03
CA GLY A 34 -0.57 0.71 3.77
C GLY A 34 -0.50 -0.64 3.08
N TYR A 35 -1.09 -0.74 1.91
CA TYR A 35 -0.97 -1.95 1.10
C TYR A 35 -0.17 -1.65 -0.16
N THR A 36 -0.77 -0.87 -1.04
CA THR A 36 -0.11 -0.43 -2.26
C THR A 36 -0.70 0.90 -2.70
N GLY A 37 -0.37 1.32 -3.93
CA GLY A 37 -0.92 2.56 -4.47
C GLY A 37 -2.43 2.51 -4.65
N LYS A 38 -2.94 3.42 -5.48
CA LYS A 38 -4.38 3.57 -5.68
C LYS A 38 -5.04 2.30 -6.21
N ASN A 39 -4.23 1.36 -6.69
CA ASN A 39 -4.74 0.07 -7.14
C ASN A 39 -5.05 -0.85 -5.96
N CYS A 40 -4.16 -0.88 -4.99
CA CYS A 40 -4.27 -1.78 -3.84
C CYS A 40 -4.67 -3.19 -4.27
N GLN A 41 -3.90 -3.75 -5.19
CA GLN A 41 -4.13 -5.10 -5.67
C GLN A 41 -3.16 -6.07 -5.01
N TYR A 42 -2.05 -5.51 -4.52
CA TYR A 42 -1.02 -6.30 -3.86
C TYR A 42 -0.63 -5.65 -2.55
N ASN A 43 0.32 -6.23 -1.86
CA ASN A 43 0.80 -5.68 -0.61
C ASN A 43 2.31 -5.46 -0.72
N ALA A 44 2.72 -4.20 -0.54
CA ALA A 44 4.12 -3.84 -0.64
C ALA A 44 4.93 -4.43 0.50
N CYS A 45 4.24 -4.77 1.58
CA CYS A 45 4.87 -5.33 2.74
C CYS A 45 4.80 -6.84 2.73
N PHE A 46 5.17 -7.43 1.60
CA PHE A 46 5.30 -8.87 1.48
C PHE A 46 6.68 -9.28 2.01
N PRO A 47 6.96 -10.59 2.18
CA PRO A 47 8.26 -11.03 2.67
C PRO A 47 9.40 -10.62 1.73
N ASN A 48 10.32 -9.86 2.27
CA ASN A 48 11.45 -9.34 1.52
C ASN A 48 12.76 -9.86 2.09
N PRO A 49 13.72 -10.20 1.22
CA PRO A 49 15.06 -10.61 1.64
C PRO A 49 15.79 -9.47 2.36
N CYS A 50 15.22 -8.26 2.24
CA CYS A 50 15.72 -7.09 2.94
C CYS A 50 15.29 -7.11 4.41
N LEU A 51 14.25 -7.85 4.72
CA LEU A 51 13.71 -7.88 6.08
C LEU A 51 14.42 -8.92 6.92
N ASN A 52 14.11 -10.19 6.66
CA ASN A 52 14.72 -11.31 7.37
C ASN A 52 14.59 -11.12 8.89
N GLY A 53 13.37 -10.80 9.31
CA GLY A 53 13.11 -10.58 10.73
C GLY A 53 13.03 -9.11 11.07
N GLY A 54 13.43 -8.28 10.11
CA GLY A 54 13.39 -6.84 10.29
C GLY A 54 11.99 -6.29 10.35
N THR A 55 11.90 -4.98 10.50
CA THR A 55 10.62 -4.31 10.62
C THR A 55 10.15 -3.82 9.26
N CYS A 56 8.92 -4.14 8.92
CA CYS A 56 8.34 -3.71 7.67
C CYS A 56 7.31 -2.61 7.91
N GLY A 57 7.66 -1.40 7.51
CA GLY A 57 6.74 -0.28 7.63
C GLY A 57 6.22 0.14 6.28
N TYR A 58 5.72 1.37 6.19
CA TYR A 58 5.16 1.87 4.94
C TYR A 58 5.66 3.28 4.70
N VAL A 59 6.22 3.50 3.52
CA VAL A 59 6.84 4.77 3.20
C VAL A 59 6.77 5.03 1.70
N TYR A 60 6.75 6.29 1.30
CA TYR A 60 6.64 6.66 -0.10
C TYR A 60 8.00 6.93 -0.74
N GLY A 61 9.04 6.96 0.08
CA GLY A 61 10.39 7.02 -0.44
C GLY A 61 10.76 5.73 -1.14
N TYR A 62 10.20 4.66 -0.62
CA TYR A 62 10.30 3.34 -1.21
C TYR A 62 8.95 2.99 -1.82
N PRO A 63 8.84 1.88 -2.58
CA PRO A 63 7.57 1.43 -3.15
C PRO A 63 6.54 1.00 -2.10
N TYR A 64 6.12 1.96 -1.28
CA TYR A 64 5.02 1.79 -0.31
C TYR A 64 5.37 0.89 0.85
N TYR A 65 6.65 0.59 1.02
CA TYR A 65 7.10 -0.23 2.14
C TYR A 65 8.40 0.31 2.70
N LYS A 66 8.56 0.17 4.01
CA LYS A 66 9.77 0.64 4.68
C LYS A 66 10.52 -0.54 5.26
N CYS A 67 11.71 -0.80 4.75
CA CYS A 67 12.51 -1.91 5.22
C CYS A 67 13.46 -1.45 6.32
N SER A 68 13.20 -1.91 7.53
CA SER A 68 14.03 -1.58 8.67
C SER A 68 14.50 -2.85 9.37
N CYS A 69 15.52 -2.73 10.19
CA CYS A 69 16.06 -3.88 10.90
C CYS A 69 15.53 -3.96 12.33
N PRO A 70 15.63 -5.15 12.96
CA PRO A 70 15.18 -5.36 14.33
C PRO A 70 16.03 -4.61 15.33
N TYR A 71 15.47 -4.34 16.49
CA TYR A 71 16.17 -3.63 17.54
C TYR A 71 17.34 -4.47 18.05
N GLY A 72 18.55 -3.98 17.77
CA GLY A 72 19.74 -4.70 18.16
C GLY A 72 20.44 -5.34 16.99
N TYR A 73 19.85 -5.20 15.81
CA TYR A 73 20.42 -5.78 14.59
C TYR A 73 20.32 -4.78 13.45
N TYR A 74 21.26 -4.84 12.52
CA TYR A 74 21.17 -4.06 11.29
C TYR A 74 22.24 -4.51 10.30
N GLY A 75 21.80 -4.84 9.11
CA GLY A 75 22.72 -5.22 8.05
C GLY A 75 22.50 -4.39 6.82
N LYS A 76 23.26 -4.70 5.77
CA LYS A 76 23.06 -4.07 4.48
C LYS A 76 21.84 -4.69 3.81
N GLN A 77 21.71 -5.99 4.00
CA GLN A 77 20.51 -6.72 3.60
C GLN A 77 19.78 -7.16 4.86
N CYS A 78 20.12 -6.50 5.95
CA CYS A 78 19.52 -6.73 7.27
C CYS A 78 19.77 -8.15 7.75
N GLN A 79 20.97 -8.66 7.51
CA GLN A 79 21.33 -10.00 7.96
C GLN A 79 22.50 -9.93 8.94
N LEU A 80 22.61 -8.79 9.63
CA LEU A 80 23.72 -8.55 10.53
C LEU A 80 23.21 -8.06 11.90
N LYS A 81 24.08 -8.16 12.89
CA LYS A 81 23.75 -7.75 14.25
C LYS A 81 24.43 -6.44 14.60
N LYS A 82 23.88 -5.72 15.56
CA LYS A 82 24.48 -4.48 16.03
C LYS A 82 25.47 -4.77 17.14
N TYR A 83 26.66 -4.24 17.02
CA TYR A 83 27.70 -4.45 18.00
C TYR A 83 28.08 -3.13 18.65
N GLY A 1 -33.76 -3.20 -14.34
CA GLY A 1 -32.93 -4.30 -13.78
C GLY A 1 -31.72 -3.77 -13.05
N VAL A 2 -30.77 -3.25 -13.80
CA VAL A 2 -29.58 -2.65 -13.21
C VAL A 2 -29.01 -1.58 -14.13
N TYR A 3 -28.76 -0.40 -13.57
CA TYR A 3 -28.18 0.69 -14.32
C TYR A 3 -27.34 1.55 -13.40
N TYR A 4 -26.26 2.09 -13.94
CA TYR A 4 -25.38 2.96 -13.17
C TYR A 4 -25.39 4.37 -13.74
N PRO A 5 -26.22 5.25 -13.16
CA PRO A 5 -26.34 6.65 -13.60
C PRO A 5 -25.08 7.45 -13.31
N ASN A 6 -24.29 6.94 -12.38
CA ASN A 6 -23.01 7.55 -12.03
C ASN A 6 -21.90 6.89 -12.83
N PRO A 7 -20.90 7.68 -13.25
CA PRO A 7 -19.75 7.17 -14.00
C PRO A 7 -18.77 6.41 -13.11
N CYS A 8 -19.24 5.31 -12.56
CA CYS A 8 -18.42 4.48 -11.71
C CYS A 8 -18.38 3.04 -12.23
N SER A 9 -17.31 2.35 -11.94
CA SER A 9 -17.12 0.98 -12.41
C SER A 9 -16.85 0.06 -11.23
N PRO A 10 -16.92 -1.27 -11.42
CA PRO A 10 -16.65 -2.25 -10.36
C PRO A 10 -15.37 -1.93 -9.59
N TYR A 11 -15.47 -1.96 -8.26
CA TYR A 11 -14.41 -1.50 -7.38
C TYR A 11 -13.12 -2.30 -7.57
N PRO A 12 -12.06 -1.64 -8.05
CA PRO A 12 -10.75 -2.24 -8.21
C PRO A 12 -9.90 -2.10 -6.95
N CYS A 13 -10.44 -1.39 -5.97
CA CYS A 13 -9.73 -1.12 -4.75
C CYS A 13 -10.27 -1.96 -3.61
N ARG A 14 -9.39 -2.35 -2.71
CA ARG A 14 -9.78 -3.11 -1.54
C ARG A 14 -9.38 -2.34 -0.30
N ASN A 15 -9.72 -2.88 0.88
CA ASN A 15 -9.40 -2.23 2.15
C ASN A 15 -9.99 -0.83 2.19
N GLY A 16 -11.31 -0.75 2.03
CA GLY A 16 -11.98 0.53 2.08
C GLY A 16 -12.11 1.15 0.72
N GLY A 17 -12.24 0.32 -0.30
CA GLY A 17 -12.40 0.80 -1.66
C GLY A 17 -13.64 1.64 -1.82
N THR A 18 -13.45 2.91 -2.14
CA THR A 18 -14.54 3.84 -2.26
C THR A 18 -14.53 4.54 -3.62
N CYS A 19 -15.69 4.66 -4.23
CA CYS A 19 -15.79 5.26 -5.55
C CYS A 19 -16.42 6.65 -5.45
N LYS A 20 -15.61 7.67 -5.68
CA LYS A 20 -16.08 9.05 -5.69
C LYS A 20 -15.92 9.62 -7.09
N LYS A 21 -17.04 9.78 -7.79
CA LYS A 21 -16.98 10.28 -9.16
C LYS A 21 -16.65 11.77 -9.18
N ARG A 22 -15.82 12.18 -10.13
CA ARG A 22 -15.43 13.57 -10.26
C ARG A 22 -15.86 14.09 -11.62
N GLY A 23 -16.76 15.07 -11.61
CA GLY A 23 -17.31 15.59 -12.84
C GLY A 23 -16.30 16.28 -13.72
N LEU A 24 -15.07 16.35 -13.25
CA LEU A 24 -14.00 17.00 -13.98
C LEU A 24 -13.47 16.12 -15.11
N TYR A 25 -13.12 14.87 -14.79
CA TYR A 25 -12.51 13.99 -15.78
C TYR A 25 -12.94 12.53 -15.64
N SER A 26 -12.97 12.02 -14.41
CA SER A 26 -13.21 10.60 -14.17
C SER A 26 -13.65 10.38 -12.73
N TYR A 27 -13.70 9.13 -12.31
CA TYR A 27 -14.05 8.80 -10.94
C TYR A 27 -12.79 8.44 -10.17
N LYS A 28 -12.79 8.72 -8.88
CA LYS A 28 -11.63 8.48 -8.05
C LYS A 28 -11.91 7.33 -7.09
N CYS A 29 -11.02 6.36 -7.09
CA CYS A 29 -11.15 5.21 -6.21
C CYS A 29 -10.24 5.40 -5.00
N TYR A 30 -10.86 5.61 -3.85
CA TYR A 30 -10.13 5.80 -2.60
C TYR A 30 -9.98 4.49 -1.86
N CYS A 31 -8.94 4.39 -1.05
CA CYS A 31 -8.71 3.22 -0.23
C CYS A 31 -7.94 3.63 1.02
N ARG A 32 -7.76 2.69 1.95
CA ARG A 32 -7.05 3.00 3.18
C ARG A 32 -5.55 2.84 2.98
N LYS A 33 -4.84 3.96 3.01
CA LYS A 33 -3.41 3.96 2.87
C LYS A 33 -2.75 3.13 3.98
N GLY A 34 -1.64 2.49 3.65
CA GLY A 34 -0.99 1.60 4.58
C GLY A 34 -1.12 0.15 4.15
N TYR A 35 -1.62 -0.06 2.95
CA TYR A 35 -1.68 -1.38 2.35
C TYR A 35 -0.90 -1.40 1.04
N THR A 36 -1.33 -0.58 0.10
CA THR A 36 -0.64 -0.41 -1.17
C THR A 36 -0.99 0.94 -1.79
N GLY A 37 -0.61 1.11 -3.04
CA GLY A 37 -0.94 2.32 -3.79
C GLY A 37 -2.44 2.51 -3.99
N LYS A 38 -2.78 3.18 -5.09
CA LYS A 38 -4.14 3.61 -5.38
C LYS A 38 -5.20 2.53 -5.17
N ASN A 39 -4.85 1.27 -5.47
CA ASN A 39 -5.84 0.21 -5.42
C ASN A 39 -5.99 -0.39 -4.02
N CYS A 40 -4.91 -0.36 -3.23
CA CYS A 40 -4.89 -1.01 -1.91
C CYS A 40 -5.40 -2.44 -1.98
N GLN A 41 -5.23 -3.07 -3.15
CA GLN A 41 -5.72 -4.43 -3.38
C GLN A 41 -4.70 -5.45 -2.92
N TYR A 42 -3.44 -5.05 -2.95
CA TYR A 42 -2.35 -5.93 -2.57
C TYR A 42 -1.78 -5.48 -1.25
N ASN A 43 -0.69 -6.10 -0.83
CA ASN A 43 -0.03 -5.70 0.40
C ASN A 43 1.43 -5.37 0.10
N ALA A 44 1.84 -4.18 0.52
CA ALA A 44 3.20 -3.72 0.29
C ALA A 44 4.18 -4.47 1.18
N CYS A 45 3.68 -5.08 2.23
CA CYS A 45 4.50 -5.88 3.14
C CYS A 45 4.70 -7.28 2.56
N PHE A 46 4.96 -7.33 1.26
CA PHE A 46 5.28 -8.57 0.57
C PHE A 46 6.68 -9.02 0.99
N PRO A 47 7.10 -10.26 0.66
CA PRO A 47 8.43 -10.74 1.03
C PRO A 47 9.53 -9.79 0.59
N ASN A 48 10.32 -9.33 1.55
CA ASN A 48 11.41 -8.41 1.29
C ASN A 48 12.73 -9.10 1.50
N PRO A 49 13.66 -8.97 0.54
CA PRO A 49 14.99 -9.56 0.67
C PRO A 49 15.86 -8.80 1.67
N CYS A 50 15.31 -7.72 2.21
CA CYS A 50 16.01 -6.89 3.17
C CYS A 50 15.56 -7.18 4.60
N LEU A 51 15.13 -8.41 4.84
CA LEU A 51 14.66 -8.79 6.18
C LEU A 51 15.81 -9.34 7.01
N ASN A 52 16.23 -10.56 6.70
CA ASN A 52 17.27 -11.24 7.46
C ASN A 52 16.84 -11.36 8.93
N GLY A 53 15.57 -11.66 9.12
CA GLY A 53 15.01 -11.73 10.46
C GLY A 53 14.59 -10.36 10.96
N GLY A 54 14.38 -9.44 10.03
CA GLY A 54 14.04 -8.08 10.37
C GLY A 54 12.57 -7.88 10.63
N THR A 55 12.07 -6.73 10.24
CA THR A 55 10.68 -6.38 10.51
C THR A 55 10.03 -5.76 9.27
N CYS A 56 8.85 -6.24 8.95
CA CYS A 56 8.09 -5.69 7.84
C CYS A 56 6.85 -5.00 8.36
N GLY A 57 6.79 -3.69 8.15
CA GLY A 57 5.64 -2.92 8.54
C GLY A 57 5.15 -2.07 7.40
N TYR A 58 4.62 -0.90 7.71
CA TYR A 58 4.13 0.01 6.70
C TYR A 58 4.68 1.40 6.94
N VAL A 59 5.17 2.04 5.88
CA VAL A 59 5.73 3.37 5.98
C VAL A 59 5.93 3.95 4.59
N TYR A 60 6.03 5.26 4.50
CA TYR A 60 6.13 5.95 3.22
C TYR A 60 7.58 6.15 2.79
N GLY A 61 8.51 5.72 3.64
CA GLY A 61 9.91 5.71 3.25
C GLY A 61 10.17 4.74 2.12
N TYR A 62 9.50 3.61 2.19
CA TYR A 62 9.47 2.65 1.10
C TYR A 62 8.12 2.80 0.41
N PRO A 63 7.89 2.13 -0.73
CA PRO A 63 6.57 2.10 -1.39
C PRO A 63 5.48 1.49 -0.49
N TYR A 64 5.08 2.24 0.53
CA TYR A 64 3.96 1.91 1.40
C TYR A 64 4.25 0.73 2.34
N TYR A 65 5.51 0.33 2.44
CA TYR A 65 5.88 -0.72 3.36
C TYR A 65 7.12 -0.32 4.14
N LYS A 66 7.41 -1.04 5.21
CA LYS A 66 8.54 -0.74 6.06
C LYS A 66 9.43 -1.96 6.22
N CYS A 67 10.48 -2.02 5.43
CA CYS A 67 11.45 -3.10 5.55
C CYS A 67 12.59 -2.65 6.47
N SER A 68 12.50 -3.06 7.73
CA SER A 68 13.48 -2.67 8.73
C SER A 68 14.36 -3.84 9.13
N CYS A 69 15.60 -3.53 9.45
CA CYS A 69 16.56 -4.54 9.86
C CYS A 69 16.25 -5.03 11.28
N PRO A 70 16.71 -6.25 11.63
CA PRO A 70 16.54 -6.81 12.98
C PRO A 70 17.21 -5.94 14.04
N TYR A 71 16.79 -6.13 15.28
CA TYR A 71 17.38 -5.38 16.38
C TYR A 71 18.75 -5.96 16.69
N GLY A 72 19.78 -5.23 16.31
CA GLY A 72 21.13 -5.74 16.42
C GLY A 72 21.75 -5.94 15.06
N TYR A 73 21.02 -5.53 14.03
CA TYR A 73 21.50 -5.60 12.65
C TYR A 73 21.11 -4.34 11.89
N TYR A 74 21.92 -3.95 10.94
CA TYR A 74 21.52 -2.93 9.98
C TYR A 74 22.43 -2.97 8.76
N GLY A 75 21.82 -3.17 7.61
CA GLY A 75 22.53 -3.09 6.35
C GLY A 75 21.80 -2.21 5.38
N LYS A 76 22.19 -2.29 4.12
CA LYS A 76 21.38 -1.75 3.04
C LYS A 76 20.27 -2.75 2.73
N GLN A 77 20.64 -4.02 2.79
CA GLN A 77 19.71 -5.12 2.62
C GLN A 77 19.51 -5.83 3.97
N CYS A 78 19.99 -5.18 5.02
CA CYS A 78 19.90 -5.70 6.39
C CYS A 78 20.68 -6.99 6.58
N GLN A 79 21.69 -7.19 5.74
CA GLN A 79 22.52 -8.38 5.82
C GLN A 79 23.68 -8.15 6.78
N LEU A 80 23.74 -6.96 7.35
CA LEU A 80 24.87 -6.56 8.17
C LEU A 80 24.47 -6.46 9.63
N LYS A 81 25.41 -6.75 10.52
CA LYS A 81 25.16 -6.76 11.95
C LYS A 81 25.51 -5.41 12.57
N LYS A 82 24.89 -5.11 13.70
CA LYS A 82 25.16 -3.89 14.43
C LYS A 82 26.28 -4.13 15.45
N TYR A 83 27.29 -3.27 15.42
CA TYR A 83 28.42 -3.41 16.31
C TYR A 83 28.48 -2.22 17.26
N GLY A 1 -39.07 3.32 -11.78
CA GLY A 1 -38.57 4.22 -10.72
C GLY A 1 -37.67 5.30 -11.27
N VAL A 2 -36.61 5.63 -10.54
CA VAL A 2 -35.66 6.65 -10.98
C VAL A 2 -34.24 6.08 -10.94
N TYR A 3 -33.46 6.42 -11.95
CA TYR A 3 -32.09 5.96 -12.03
C TYR A 3 -31.13 7.14 -12.12
N TYR A 4 -30.28 7.25 -11.12
CA TYR A 4 -29.22 8.25 -11.13
C TYR A 4 -27.94 7.65 -11.68
N PRO A 5 -27.55 8.05 -12.91
CA PRO A 5 -26.35 7.55 -13.57
C PRO A 5 -25.08 8.09 -12.91
N ASN A 6 -24.70 7.47 -11.81
CA ASN A 6 -23.50 7.85 -11.09
C ASN A 6 -22.29 7.15 -11.72
N PRO A 7 -21.19 7.89 -11.86
CA PRO A 7 -19.96 7.35 -12.45
C PRO A 7 -19.22 6.43 -11.49
N CYS A 8 -19.51 5.15 -11.58
CA CYS A 8 -18.85 4.16 -10.75
C CYS A 8 -18.80 2.83 -11.49
N SER A 9 -17.91 1.96 -11.06
CA SER A 9 -17.71 0.67 -11.69
C SER A 9 -17.15 -0.31 -10.67
N PRO A 10 -17.09 -1.63 -10.99
CA PRO A 10 -16.46 -2.62 -10.12
C PRO A 10 -15.09 -2.15 -9.65
N TYR A 11 -14.81 -2.37 -8.37
CA TYR A 11 -13.66 -1.79 -7.71
C TYR A 11 -12.34 -2.23 -8.34
N PRO A 12 -11.60 -1.27 -8.94
CA PRO A 12 -10.25 -1.51 -9.41
C PRO A 12 -9.27 -1.50 -8.25
N CYS A 13 -9.69 -0.83 -7.19
CA CYS A 13 -8.95 -0.80 -5.94
C CYS A 13 -9.35 -1.99 -5.08
N ARG A 14 -8.38 -2.66 -4.49
CA ARG A 14 -8.66 -3.88 -3.74
C ARG A 14 -8.28 -3.70 -2.29
N ASN A 15 -8.69 -4.67 -1.46
CA ASN A 15 -8.36 -4.68 -0.04
C ASN A 15 -8.86 -3.43 0.66
N GLY A 16 -10.10 -3.06 0.40
CA GLY A 16 -10.66 -1.88 1.00
C GLY A 16 -10.86 -0.77 0.00
N GLY A 17 -11.30 -1.13 -1.20
CA GLY A 17 -11.54 -0.15 -2.23
C GLY A 17 -12.87 0.54 -2.04
N THR A 18 -12.88 1.86 -2.19
CA THR A 18 -14.08 2.64 -2.03
C THR A 18 -14.33 3.52 -3.25
N CYS A 19 -15.51 3.42 -3.82
CA CYS A 19 -15.86 4.18 -5.01
C CYS A 19 -16.64 5.42 -4.62
N LYS A 20 -16.03 6.59 -4.74
CA LYS A 20 -16.69 7.82 -4.41
C LYS A 20 -16.82 8.71 -5.63
N LYS A 21 -18.03 8.79 -6.16
CA LYS A 21 -18.28 9.63 -7.31
C LYS A 21 -18.48 11.07 -6.86
N ARG A 22 -17.80 11.99 -7.52
CA ARG A 22 -17.90 13.39 -7.16
C ARG A 22 -18.84 14.08 -8.11
N GLY A 23 -19.75 14.85 -7.58
CA GLY A 23 -20.78 15.48 -8.40
C GLY A 23 -20.28 16.66 -9.17
N LEU A 24 -18.96 16.78 -9.32
CA LEU A 24 -18.40 17.88 -10.06
C LEU A 24 -18.10 17.46 -11.50
N TYR A 25 -17.14 16.56 -11.68
CA TYR A 25 -16.81 16.11 -13.03
C TYR A 25 -16.37 14.65 -13.10
N SER A 26 -15.87 14.09 -12.01
CA SER A 26 -15.30 12.75 -12.03
C SER A 26 -15.55 12.00 -10.72
N TYR A 27 -14.97 10.81 -10.61
CA TYR A 27 -15.09 10.00 -9.42
C TYR A 27 -13.71 9.58 -8.93
N LYS A 28 -13.62 9.21 -7.67
CA LYS A 28 -12.36 8.85 -7.06
C LYS A 28 -12.46 7.47 -6.40
N CYS A 29 -11.47 6.63 -6.67
CA CYS A 29 -11.40 5.32 -6.04
C CYS A 29 -10.38 5.35 -4.92
N TYR A 30 -10.85 5.17 -3.71
CA TYR A 30 -10.00 5.17 -2.53
C TYR A 30 -9.60 3.76 -2.18
N CYS A 31 -8.45 3.62 -1.53
CA CYS A 31 -7.97 2.32 -1.11
C CYS A 31 -7.14 2.47 0.16
N ARG A 32 -6.82 1.34 0.79
CA ARG A 32 -6.12 1.33 2.05
C ARG A 32 -4.61 1.47 1.84
N LYS A 33 -4.06 2.56 2.37
CA LYS A 33 -2.63 2.82 2.28
C LYS A 33 -1.84 1.71 2.97
N GLY A 34 -0.68 1.41 2.42
CA GLY A 34 0.16 0.37 2.98
C GLY A 34 0.22 -0.84 2.09
N TYR A 35 -0.74 -0.94 1.18
CA TYR A 35 -0.73 -2.00 0.18
C TYR A 35 0.05 -1.56 -1.05
N THR A 36 -0.49 -0.60 -1.76
CA THR A 36 0.16 -0.07 -2.96
C THR A 36 -0.35 1.34 -3.25
N GLY A 37 -0.05 1.82 -4.45
CA GLY A 37 -0.47 3.14 -4.88
C GLY A 37 -1.98 3.33 -4.95
N LYS A 38 -2.42 4.21 -5.83
CA LYS A 38 -3.81 4.63 -5.93
C LYS A 38 -4.80 3.46 -6.08
N ASN A 39 -4.31 2.33 -6.58
CA ASN A 39 -5.18 1.17 -6.80
C ASN A 39 -5.14 0.22 -5.62
N CYS A 40 -4.01 0.15 -4.92
CA CYS A 40 -3.85 -0.81 -3.82
C CYS A 40 -4.27 -2.21 -4.26
N GLN A 41 -3.67 -2.67 -5.34
CA GLN A 41 -4.04 -3.96 -5.93
C GLN A 41 -3.10 -5.06 -5.45
N TYR A 42 -1.99 -4.65 -4.84
CA TYR A 42 -0.99 -5.59 -4.35
C TYR A 42 -0.54 -5.19 -2.95
N ASN A 43 0.03 -6.13 -2.21
CA ASN A 43 0.55 -5.85 -0.88
C ASN A 43 2.05 -5.62 -0.93
N ALA A 44 2.47 -4.47 -0.42
CA ALA A 44 3.87 -4.07 -0.43
C ALA A 44 4.65 -4.73 0.69
N CYS A 45 3.98 -4.96 1.80
CA CYS A 45 4.62 -5.54 2.98
C CYS A 45 4.67 -7.06 2.86
N PHE A 46 4.95 -7.54 1.65
CA PHE A 46 5.12 -8.96 1.41
C PHE A 46 6.44 -9.42 2.00
N PRO A 47 6.63 -10.73 2.22
CA PRO A 47 7.86 -11.27 2.80
C PRO A 47 9.10 -10.86 2.00
N ASN A 48 10.01 -10.19 2.68
CA ASN A 48 11.24 -9.74 2.08
C ASN A 48 12.42 -10.38 2.79
N PRO A 49 13.40 -10.90 2.02
CA PRO A 49 14.57 -11.59 2.58
C PRO A 49 15.45 -10.66 3.41
N CYS A 50 15.18 -9.36 3.32
CA CYS A 50 15.92 -8.37 4.09
C CYS A 50 15.38 -8.27 5.51
N LEU A 51 14.22 -8.86 5.76
CA LEU A 51 13.60 -8.79 7.07
C LEU A 51 14.27 -9.76 8.04
N ASN A 52 13.95 -11.04 7.89
CA ASN A 52 14.48 -12.09 8.79
C ASN A 52 14.40 -11.66 10.24
N GLY A 53 13.26 -11.12 10.63
CA GLY A 53 13.10 -10.58 11.96
C GLY A 53 13.12 -9.06 11.97
N GLY A 54 13.18 -8.48 10.79
CA GLY A 54 13.20 -7.04 10.66
C GLY A 54 11.81 -6.42 10.69
N THR A 55 11.78 -5.11 10.63
CA THR A 55 10.53 -4.37 10.69
C THR A 55 10.03 -4.04 9.29
N CYS A 56 8.80 -4.44 8.99
CA CYS A 56 8.20 -4.10 7.71
C CYS A 56 7.23 -2.94 7.90
N GLY A 57 7.71 -1.73 7.59
CA GLY A 57 6.89 -0.56 7.74
C GLY A 57 6.39 -0.07 6.39
N TYR A 58 6.01 1.19 6.32
CA TYR A 58 5.55 1.79 5.08
C TYR A 58 6.32 3.07 4.80
N VAL A 59 6.54 3.36 3.53
CA VAL A 59 7.35 4.51 3.15
C VAL A 59 7.13 4.82 1.67
N TYR A 60 7.50 6.04 1.26
CA TYR A 60 7.33 6.45 -0.13
C TYR A 60 8.61 6.30 -0.94
N GLY A 61 9.74 6.15 -0.25
CA GLY A 61 10.99 5.91 -0.93
C GLY A 61 10.99 4.55 -1.60
N TYR A 62 10.85 3.52 -0.80
CA TYR A 62 10.60 2.18 -1.31
C TYR A 62 9.12 2.09 -1.71
N PRO A 63 8.73 1.12 -2.55
CA PRO A 63 7.35 0.99 -3.03
C PRO A 63 6.34 0.64 -1.93
N TYR A 64 6.06 1.63 -1.09
CA TYR A 64 4.97 1.58 -0.10
C TYR A 64 5.25 0.60 1.04
N TYR A 65 6.49 0.15 1.15
CA TYR A 65 6.90 -0.67 2.28
C TYR A 65 8.31 -0.32 2.68
N LYS A 66 8.59 -0.41 3.97
CA LYS A 66 9.89 -0.02 4.48
C LYS A 66 10.55 -1.16 5.23
N CYS A 67 11.45 -1.86 4.55
CA CYS A 67 12.22 -2.93 5.18
C CYS A 67 13.28 -2.32 6.08
N SER A 68 13.02 -2.35 7.38
CA SER A 68 13.89 -1.69 8.34
C SER A 68 14.53 -2.71 9.27
N CYS A 69 15.78 -2.49 9.60
CA CYS A 69 16.50 -3.36 10.51
C CYS A 69 16.08 -3.05 11.94
N PRO A 70 15.96 -4.10 12.78
CA PRO A 70 15.58 -3.96 14.19
C PRO A 70 16.58 -3.11 14.97
N TYR A 71 16.15 -2.62 16.12
CA TYR A 71 17.01 -1.83 16.99
C TYR A 71 18.18 -2.67 17.48
N GLY A 72 19.38 -2.25 17.09
CA GLY A 72 20.57 -2.97 17.47
C GLY A 72 20.93 -4.04 16.47
N TYR A 73 20.29 -4.00 15.31
CA TYR A 73 20.57 -4.94 14.24
C TYR A 73 20.85 -4.22 12.94
N TYR A 74 21.97 -4.56 12.31
CA TYR A 74 22.28 -4.05 10.99
C TYR A 74 23.02 -5.11 10.20
N GLY A 75 22.47 -5.45 9.04
CA GLY A 75 23.12 -6.38 8.16
C GLY A 75 23.28 -5.83 6.77
N LYS A 76 24.08 -6.48 5.94
CA LYS A 76 24.17 -6.12 4.54
C LYS A 76 22.83 -6.38 3.87
N GLN A 77 22.18 -7.44 4.32
CA GLN A 77 20.85 -7.79 3.87
C GLN A 77 19.85 -7.54 5.01
N CYS A 78 20.31 -6.75 5.98
CA CYS A 78 19.47 -6.32 7.11
C CYS A 78 19.07 -7.48 8.02
N GLN A 79 19.73 -8.62 7.87
CA GLN A 79 19.36 -9.83 8.61
C GLN A 79 20.27 -10.07 9.81
N LEU A 80 21.18 -9.14 10.06
CA LEU A 80 22.22 -9.35 11.07
C LEU A 80 22.09 -8.38 12.22
N LYS A 81 22.76 -8.71 13.32
CA LYS A 81 22.82 -7.83 14.47
C LYS A 81 23.88 -6.75 14.24
N LYS A 82 23.84 -5.69 15.03
CA LYS A 82 24.80 -4.61 14.89
C LYS A 82 26.19 -5.04 15.30
N TYR A 83 27.12 -4.93 14.38
CA TYR A 83 28.52 -5.18 14.64
C TYR A 83 29.35 -3.97 14.24
N GLY A 1 -39.56 6.21 -15.23
CA GLY A 1 -38.97 7.12 -14.21
C GLY A 1 -37.61 7.62 -14.64
N VAL A 2 -37.10 8.62 -13.93
CA VAL A 2 -35.79 9.19 -14.23
C VAL A 2 -34.69 8.38 -13.56
N TYR A 3 -33.58 8.21 -14.25
CA TYR A 3 -32.46 7.44 -13.74
C TYR A 3 -31.31 8.38 -13.41
N TYR A 4 -30.65 8.16 -12.28
CA TYR A 4 -29.54 8.99 -11.86
C TYR A 4 -28.28 8.15 -11.72
N PRO A 5 -27.49 8.06 -12.79
CA PRO A 5 -26.28 7.26 -12.81
C PRO A 5 -25.14 7.91 -12.06
N ASN A 6 -24.43 7.11 -11.27
CA ASN A 6 -23.28 7.59 -10.54
C ASN A 6 -22.02 6.93 -11.09
N PRO A 7 -21.07 7.74 -11.60
CA PRO A 7 -19.82 7.23 -12.14
C PRO A 7 -19.09 6.32 -11.17
N CYS A 8 -19.08 5.03 -11.49
CA CYS A 8 -18.47 4.03 -10.64
C CYS A 8 -18.31 2.74 -11.40
N SER A 9 -17.51 1.82 -10.87
CA SER A 9 -17.26 0.55 -11.51
C SER A 9 -17.08 -0.52 -10.44
N PRO A 10 -17.09 -1.81 -10.83
CA PRO A 10 -16.74 -2.90 -9.91
C PRO A 10 -15.39 -2.63 -9.27
N TYR A 11 -15.30 -2.92 -7.97
CA TYR A 11 -14.13 -2.57 -7.17
C TYR A 11 -12.86 -3.23 -7.72
N PRO A 12 -11.94 -2.42 -8.27
CA PRO A 12 -10.63 -2.89 -8.72
C PRO A 12 -9.61 -2.77 -7.60
N CYS A 13 -10.12 -2.46 -6.41
CA CYS A 13 -9.29 -2.20 -5.26
C CYS A 13 -9.56 -3.22 -4.16
N ARG A 14 -8.56 -3.50 -3.36
CA ARG A 14 -8.71 -4.40 -2.23
C ARG A 14 -8.31 -3.68 -0.95
N ASN A 15 -8.70 -4.26 0.18
CA ASN A 15 -8.31 -3.75 1.49
C ASN A 15 -8.82 -2.32 1.71
N GLY A 16 -10.13 -2.15 1.58
CA GLY A 16 -10.73 -0.86 1.86
C GLY A 16 -10.89 -0.01 0.61
N GLY A 17 -11.10 -0.65 -0.52
CA GLY A 17 -11.28 0.06 -1.77
C GLY A 17 -12.62 0.76 -1.84
N THR A 18 -12.59 2.08 -1.89
CA THR A 18 -13.81 2.88 -1.96
C THR A 18 -13.97 3.54 -3.32
N CYS A 19 -15.17 3.48 -3.88
CA CYS A 19 -15.43 4.08 -5.18
C CYS A 19 -16.06 5.46 -5.02
N LYS A 20 -15.31 6.50 -5.36
CA LYS A 20 -15.79 7.87 -5.22
C LYS A 20 -15.67 8.63 -6.53
N LYS A 21 -16.79 9.13 -7.03
CA LYS A 21 -16.77 9.89 -8.27
C LYS A 21 -16.25 11.30 -8.03
N ARG A 22 -15.41 11.78 -8.94
CA ARG A 22 -14.90 13.13 -8.84
C ARG A 22 -15.54 13.98 -9.93
N GLY A 23 -16.00 15.17 -9.58
CA GLY A 23 -16.72 16.01 -10.51
C GLY A 23 -15.82 16.74 -11.48
N LEU A 24 -14.66 16.17 -11.77
CA LEU A 24 -13.73 16.78 -12.71
C LEU A 24 -13.80 16.08 -14.06
N TYR A 25 -13.43 14.81 -14.11
CA TYR A 25 -13.47 14.06 -15.36
C TYR A 25 -13.86 12.59 -15.17
N SER A 26 -13.55 12.04 -14.00
CA SER A 26 -13.79 10.62 -13.76
C SER A 26 -13.99 10.31 -12.28
N TYR A 27 -14.08 9.03 -11.96
CA TYR A 27 -14.23 8.58 -10.59
C TYR A 27 -12.94 7.93 -10.11
N LYS A 28 -12.65 8.12 -8.84
CA LYS A 28 -11.41 7.65 -8.26
C LYS A 28 -11.70 6.60 -7.18
N CYS A 29 -10.83 5.60 -7.10
CA CYS A 29 -10.94 4.60 -6.07
C CYS A 29 -9.95 4.92 -4.94
N TYR A 30 -10.45 4.96 -3.72
CA TYR A 30 -9.63 5.27 -2.57
C TYR A 30 -9.54 4.06 -1.64
N CYS A 31 -8.37 3.48 -1.57
CA CYS A 31 -8.13 2.34 -0.70
C CYS A 31 -7.52 2.80 0.62
N ARG A 32 -6.82 1.91 1.30
CA ARG A 32 -6.15 2.25 2.55
C ARG A 32 -4.64 2.31 2.34
N LYS A 33 -4.00 3.22 3.04
CA LYS A 33 -2.57 3.41 2.91
C LYS A 33 -1.81 2.28 3.60
N GLY A 34 -0.71 1.86 2.99
CA GLY A 34 0.09 0.79 3.53
C GLY A 34 0.00 -0.48 2.70
N TYR A 35 -0.54 -0.35 1.50
CA TYR A 35 -0.63 -1.48 0.60
C TYR A 35 -0.02 -1.13 -0.75
N THR A 36 -0.67 -0.25 -1.47
CA THR A 36 -0.21 0.21 -2.76
C THR A 36 -0.80 1.56 -3.04
N GLY A 37 -0.70 2.03 -4.29
CA GLY A 37 -1.38 3.25 -4.69
C GLY A 37 -2.88 3.19 -4.43
N LYS A 38 -3.61 4.15 -4.96
CA LYS A 38 -5.03 4.31 -4.63
C LYS A 38 -5.87 3.07 -4.98
N ASN A 39 -5.33 2.17 -5.79
CA ASN A 39 -6.05 0.96 -6.18
C ASN A 39 -5.80 -0.19 -5.22
N CYS A 40 -4.70 -0.11 -4.45
CA CYS A 40 -4.34 -1.13 -3.47
C CYS A 40 -4.68 -2.56 -3.92
N GLN A 41 -4.02 -3.01 -4.97
CA GLN A 41 -4.22 -4.35 -5.49
C GLN A 41 -3.10 -5.26 -5.02
N TYR A 42 -2.14 -4.68 -4.31
CA TYR A 42 -0.99 -5.42 -3.80
C TYR A 42 -0.73 -5.04 -2.35
N ASN A 43 -0.07 -5.93 -1.62
CA ASN A 43 0.29 -5.65 -0.24
C ASN A 43 1.73 -5.18 -0.15
N ALA A 44 1.95 -4.12 0.59
CA ALA A 44 3.27 -3.52 0.71
C ALA A 44 4.11 -4.31 1.71
N CYS A 45 3.46 -4.86 2.72
CA CYS A 45 4.14 -5.65 3.72
C CYS A 45 4.18 -7.12 3.28
N PHE A 46 4.55 -7.31 2.02
CA PHE A 46 4.76 -8.65 1.47
C PHE A 46 6.10 -9.19 1.96
N PRO A 47 6.44 -10.47 1.70
CA PRO A 47 7.74 -11.00 2.06
C PRO A 47 8.87 -10.24 1.37
N ASN A 48 9.75 -9.66 2.16
CA ASN A 48 10.80 -8.81 1.62
C ASN A 48 12.17 -9.39 1.94
N PRO A 49 13.09 -9.37 0.95
CA PRO A 49 14.44 -9.90 1.11
C PRO A 49 15.29 -9.06 2.05
N CYS A 50 14.81 -7.86 2.34
CA CYS A 50 15.52 -6.94 3.22
C CYS A 50 15.05 -7.04 4.66
N LEU A 51 14.30 -8.09 4.96
CA LEU A 51 13.80 -8.30 6.30
C LEU A 51 14.77 -9.15 7.11
N ASN A 52 14.82 -10.44 6.80
CA ASN A 52 15.66 -11.39 7.53
C ASN A 52 15.28 -11.37 9.01
N GLY A 53 13.99 -11.46 9.28
CA GLY A 53 13.50 -11.38 10.64
C GLY A 53 13.45 -9.94 11.11
N GLY A 54 13.38 -9.03 10.16
CA GLY A 54 13.39 -7.62 10.46
C GLY A 54 12.03 -7.08 10.80
N THR A 55 11.83 -5.81 10.55
CA THR A 55 10.60 -5.13 10.88
C THR A 55 9.91 -4.64 9.61
N CYS A 56 8.66 -5.03 9.44
CA CYS A 56 7.91 -4.63 8.26
C CYS A 56 6.85 -3.60 8.64
N GLY A 57 7.21 -2.33 8.50
CA GLY A 57 6.29 -1.26 8.84
C GLY A 57 5.75 -0.57 7.61
N TYR A 58 5.31 0.66 7.78
CA TYR A 58 4.80 1.45 6.66
C TYR A 58 5.48 2.81 6.62
N VAL A 59 5.65 3.32 5.41
CA VAL A 59 6.33 4.60 5.21
C VAL A 59 6.10 5.08 3.78
N TYR A 60 6.26 6.39 3.59
CA TYR A 60 6.05 7.00 2.28
C TYR A 60 7.35 7.09 1.49
N GLY A 61 8.48 6.85 2.17
CA GLY A 61 9.77 6.86 1.49
C GLY A 61 9.89 5.69 0.54
N TYR A 62 9.74 4.50 1.09
CA TYR A 62 9.65 3.29 0.29
C TYR A 62 8.22 3.16 -0.24
N PRO A 63 7.96 2.21 -1.16
CA PRO A 63 6.63 2.01 -1.75
C PRO A 63 5.58 1.50 -0.74
N TYR A 64 5.23 2.37 0.21
CA TYR A 64 4.15 2.12 1.16
C TYR A 64 4.52 1.09 2.23
N TYR A 65 5.80 0.74 2.33
CA TYR A 65 6.24 -0.19 3.36
C TYR A 65 7.62 0.21 3.87
N LYS A 66 7.82 0.02 5.15
CA LYS A 66 9.10 0.30 5.76
C LYS A 66 9.81 -0.99 6.07
N CYS A 67 10.69 -1.41 5.18
CA CYS A 67 11.47 -2.61 5.38
C CYS A 67 12.68 -2.28 6.25
N SER A 68 12.55 -2.53 7.54
CA SER A 68 13.60 -2.23 8.49
C SER A 68 14.29 -3.53 8.92
N CYS A 69 15.54 -3.40 9.30
CA CYS A 69 16.33 -4.55 9.73
C CYS A 69 15.90 -4.99 11.14
N PRO A 70 16.25 -6.23 11.53
CA PRO A 70 15.95 -6.75 12.87
C PRO A 70 16.54 -5.88 13.97
N TYR A 71 15.91 -5.92 15.14
CA TYR A 71 16.40 -5.17 16.28
C TYR A 71 17.76 -5.72 16.71
N GLY A 72 18.79 -4.93 16.47
CA GLY A 72 20.14 -5.35 16.77
C GLY A 72 20.91 -5.72 15.51
N TYR A 73 20.29 -5.45 14.37
CA TYR A 73 20.90 -5.72 13.08
C TYR A 73 20.60 -4.59 12.10
N TYR A 74 21.52 -4.31 11.19
CA TYR A 74 21.24 -3.43 10.07
C TYR A 74 22.28 -3.61 8.97
N GLY A 75 21.80 -3.92 7.79
CA GLY A 75 22.63 -3.97 6.61
C GLY A 75 22.01 -3.15 5.50
N LYS A 76 22.47 -3.35 4.28
CA LYS A 76 21.79 -2.83 3.12
C LYS A 76 20.60 -3.73 2.81
N GLN A 77 20.81 -5.03 3.00
CA GLN A 77 19.73 -6.01 2.84
C GLN A 77 19.35 -6.56 4.22
N CYS A 78 19.90 -5.93 5.25
CA CYS A 78 19.60 -6.27 6.65
C CYS A 78 20.08 -7.67 7.02
N GLN A 79 21.24 -8.05 6.50
CA GLN A 79 21.84 -9.33 6.83
C GLN A 79 23.04 -9.14 7.76
N LEU A 80 23.23 -7.91 8.20
CA LEU A 80 24.37 -7.57 9.04
C LEU A 80 23.91 -7.16 10.43
N LYS A 81 24.78 -7.39 11.40
CA LYS A 81 24.51 -7.06 12.79
C LYS A 81 24.69 -5.56 13.03
N LYS A 82 24.09 -5.06 14.10
CA LYS A 82 24.22 -3.67 14.47
C LYS A 82 25.60 -3.43 15.05
N TYR A 83 26.44 -2.82 14.24
CA TYR A 83 27.77 -2.43 14.67
C TYR A 83 27.82 -0.92 14.81
N GLY A 1 -39.94 4.80 -14.14
CA GLY A 1 -38.82 4.60 -13.18
C GLY A 1 -37.60 5.43 -13.54
N VAL A 2 -36.73 5.66 -12.56
CA VAL A 2 -35.51 6.39 -12.79
C VAL A 2 -34.42 5.92 -11.83
N TYR A 3 -33.30 5.49 -12.40
CA TYR A 3 -32.14 5.14 -11.61
C TYR A 3 -31.09 6.21 -11.78
N TYR A 4 -30.24 6.40 -10.79
CA TYR A 4 -29.24 7.44 -10.83
C TYR A 4 -27.86 6.84 -11.01
N PRO A 5 -27.35 6.86 -12.26
CA PRO A 5 -26.07 6.26 -12.60
C PRO A 5 -24.90 7.11 -12.16
N ASN A 6 -23.96 6.48 -11.47
CA ASN A 6 -22.75 7.15 -11.05
C ASN A 6 -21.63 6.86 -12.02
N PRO A 7 -20.98 7.89 -12.56
CA PRO A 7 -19.86 7.74 -13.49
C PRO A 7 -18.67 7.05 -12.84
N CYS A 8 -18.64 5.74 -12.94
CA CYS A 8 -17.61 4.93 -12.31
C CYS A 8 -17.47 3.60 -13.03
N SER A 9 -16.26 3.07 -13.03
CA SER A 9 -15.98 1.79 -13.63
C SER A 9 -15.85 0.73 -12.54
N PRO A 10 -15.82 -0.57 -12.90
CA PRO A 10 -15.62 -1.65 -11.93
C PRO A 10 -14.46 -1.37 -10.99
N TYR A 11 -14.72 -1.51 -9.68
CA TYR A 11 -13.78 -1.13 -8.63
C TYR A 11 -12.37 -1.61 -8.90
N PRO A 12 -11.47 -0.69 -9.28
CA PRO A 12 -10.07 -1.00 -9.52
C PRO A 12 -9.28 -1.09 -8.22
N CYS A 13 -9.89 -0.60 -7.16
CA CYS A 13 -9.29 -0.63 -5.85
C CYS A 13 -9.89 -1.76 -5.03
N ARG A 14 -9.05 -2.52 -4.36
CA ARG A 14 -9.49 -3.67 -3.59
C ARG A 14 -9.29 -3.41 -2.11
N ASN A 15 -9.64 -4.39 -1.27
CA ASN A 15 -9.50 -4.27 0.18
C ASN A 15 -10.35 -3.12 0.71
N GLY A 16 -11.64 -3.19 0.45
CA GLY A 16 -12.52 -2.13 0.87
C GLY A 16 -12.57 -1.02 -0.16
N GLY A 17 -12.74 -1.41 -1.41
CA GLY A 17 -12.77 -0.46 -2.49
C GLY A 17 -14.06 0.35 -2.52
N THR A 18 -13.90 1.65 -2.58
CA THR A 18 -15.03 2.55 -2.65
C THR A 18 -14.91 3.46 -3.86
N CYS A 19 -16.02 3.82 -4.47
CA CYS A 19 -15.97 4.71 -5.62
C CYS A 19 -16.93 5.87 -5.44
N LYS A 20 -16.39 7.07 -5.29
CA LYS A 20 -17.19 8.26 -5.14
C LYS A 20 -16.90 9.22 -6.28
N LYS A 21 -17.88 9.41 -7.14
CA LYS A 21 -17.70 10.25 -8.32
C LYS A 21 -17.51 11.71 -7.91
N ARG A 22 -16.64 12.39 -8.63
CA ARG A 22 -16.45 13.81 -8.44
C ARG A 22 -17.02 14.54 -9.64
N GLY A 23 -18.05 15.34 -9.42
CA GLY A 23 -18.75 15.99 -10.52
C GLY A 23 -17.94 17.10 -11.17
N LEU A 24 -16.64 17.04 -11.00
CA LEU A 24 -15.74 18.02 -11.59
C LEU A 24 -15.07 17.46 -12.83
N TYR A 25 -14.45 16.29 -12.70
CA TYR A 25 -13.66 15.74 -13.79
C TYR A 25 -13.78 14.22 -13.92
N SER A 26 -13.74 13.51 -12.80
CA SER A 26 -13.73 12.05 -12.83
C SER A 26 -14.26 11.49 -11.51
N TYR A 27 -14.11 10.19 -11.32
CA TYR A 27 -14.54 9.55 -10.09
C TYR A 27 -13.34 9.25 -9.22
N LYS A 28 -13.52 9.31 -7.91
CA LYS A 28 -12.43 9.06 -6.99
C LYS A 28 -12.62 7.70 -6.32
N CYS A 29 -11.62 6.85 -6.48
CA CYS A 29 -11.67 5.52 -5.91
C CYS A 29 -10.85 5.47 -4.63
N TYR A 30 -11.35 4.74 -3.64
CA TYR A 30 -10.70 4.64 -2.34
C TYR A 30 -10.47 3.18 -1.98
N CYS A 31 -9.47 2.94 -1.17
CA CYS A 31 -9.19 1.61 -0.64
C CYS A 31 -8.48 1.74 0.70
N ARG A 32 -8.17 0.63 1.33
CA ARG A 32 -7.45 0.67 2.60
C ARG A 32 -5.96 0.79 2.35
N LYS A 33 -5.45 2.02 2.40
CA LYS A 33 -4.04 2.26 2.19
C LYS A 33 -3.22 1.57 3.28
N GLY A 34 -2.02 1.18 2.92
CA GLY A 34 -1.22 0.36 3.80
C GLY A 34 -1.07 -1.03 3.24
N TYR A 35 -1.99 -1.39 2.35
CA TYR A 35 -1.85 -2.62 1.59
C TYR A 35 -1.09 -2.32 0.31
N THR A 36 -1.53 -1.30 -0.40
CA THR A 36 -0.83 -0.84 -1.60
C THR A 36 -1.21 0.61 -1.88
N GLY A 37 -0.84 1.08 -3.07
CA GLY A 37 -1.20 2.42 -3.51
C GLY A 37 -2.71 2.57 -3.74
N LYS A 38 -3.06 3.45 -4.66
CA LYS A 38 -4.46 3.79 -4.94
C LYS A 38 -5.34 2.57 -5.21
N ASN A 39 -4.75 1.48 -5.67
CA ASN A 39 -5.53 0.31 -6.04
C ASN A 39 -5.63 -0.69 -4.89
N CYS A 40 -4.64 -0.72 -4.00
CA CYS A 40 -4.65 -1.65 -2.87
C CYS A 40 -4.97 -3.08 -3.32
N GLN A 41 -4.17 -3.61 -4.24
CA GLN A 41 -4.40 -4.95 -4.77
C GLN A 41 -3.31 -5.91 -4.28
N TYR A 42 -2.29 -5.36 -3.65
CA TYR A 42 -1.13 -6.15 -3.23
C TYR A 42 -0.90 -6.00 -1.74
N ASN A 43 0.14 -6.67 -1.26
CA ASN A 43 0.59 -6.51 0.12
C ASN A 43 1.98 -5.90 0.13
N ALA A 44 2.04 -4.61 0.43
CA ALA A 44 3.29 -3.88 0.46
C ALA A 44 4.24 -4.46 1.50
N CYS A 45 3.68 -4.85 2.63
CA CYS A 45 4.46 -5.41 3.72
C CYS A 45 4.50 -6.93 3.63
N PHE A 46 4.73 -7.43 2.43
CA PHE A 46 4.96 -8.86 2.23
C PHE A 46 6.32 -9.22 2.79
N PRO A 47 6.58 -10.50 3.11
CA PRO A 47 7.88 -10.91 3.62
C PRO A 47 9.00 -10.53 2.66
N ASN A 48 9.90 -9.70 3.13
CA ASN A 48 10.90 -9.08 2.28
C ASN A 48 12.31 -9.48 2.72
N PRO A 49 13.23 -9.69 1.75
CA PRO A 49 14.62 -10.06 2.03
C PRO A 49 15.41 -8.95 2.74
N CYS A 50 14.80 -7.78 2.87
CA CYS A 50 15.44 -6.66 3.56
C CYS A 50 15.02 -6.63 5.03
N LEU A 51 14.55 -7.76 5.53
CA LEU A 51 14.08 -7.84 6.91
C LEU A 51 14.98 -8.74 7.74
N ASN A 52 14.92 -10.05 7.47
CA ASN A 52 15.65 -11.04 8.25
C ASN A 52 15.34 -10.90 9.74
N GLY A 53 14.05 -10.83 10.05
CA GLY A 53 13.63 -10.64 11.43
C GLY A 53 13.50 -9.17 11.78
N GLY A 54 13.67 -8.32 10.78
CA GLY A 54 13.56 -6.89 10.98
C GLY A 54 12.13 -6.39 10.96
N THR A 55 11.98 -5.10 11.10
CA THR A 55 10.67 -4.47 11.17
C THR A 55 10.20 -4.04 9.78
N CYS A 56 8.96 -4.35 9.46
CA CYS A 56 8.37 -3.99 8.19
C CYS A 56 7.34 -2.88 8.39
N GLY A 57 7.70 -1.68 7.99
CA GLY A 57 6.80 -0.55 8.10
C GLY A 57 6.32 -0.09 6.75
N TYR A 58 5.79 1.12 6.68
CA TYR A 58 5.28 1.66 5.43
C TYR A 58 5.88 3.03 5.16
N VAL A 59 6.48 3.18 4.00
CA VAL A 59 7.15 4.42 3.64
C VAL A 59 6.89 4.75 2.18
N TYR A 60 6.93 6.03 1.83
CA TYR A 60 6.69 6.45 0.46
C TYR A 60 7.99 6.57 -0.31
N GLY A 61 9.09 6.19 0.32
CA GLY A 61 10.36 6.12 -0.36
C GLY A 61 10.45 4.85 -1.17
N TYR A 62 10.59 3.74 -0.48
CA TYR A 62 10.47 2.42 -1.10
C TYR A 62 9.01 2.20 -1.48
N PRO A 63 8.71 1.16 -2.29
CA PRO A 63 7.34 0.86 -2.74
C PRO A 63 6.38 0.51 -1.60
N TYR A 64 6.01 1.55 -0.83
CA TYR A 64 4.97 1.46 0.18
C TYR A 64 5.33 0.56 1.34
N TYR A 65 6.61 0.27 1.50
CA TYR A 65 7.06 -0.54 2.63
C TYR A 65 8.45 -0.09 3.07
N LYS A 66 8.71 -0.23 4.36
CA LYS A 66 10.00 0.17 4.91
C LYS A 66 10.63 -1.00 5.64
N CYS A 67 11.79 -1.44 5.18
CA CYS A 67 12.50 -2.52 5.82
C CYS A 67 13.51 -1.95 6.82
N SER A 68 13.32 -2.29 8.08
CA SER A 68 14.20 -1.83 9.14
C SER A 68 14.90 -3.01 9.79
N CYS A 69 16.22 -2.93 9.88
CA CYS A 69 17.01 -4.00 10.48
C CYS A 69 16.72 -4.12 11.97
N PRO A 70 16.80 -5.35 12.51
CA PRO A 70 16.58 -5.60 13.93
C PRO A 70 17.61 -4.88 14.79
N TYR A 71 17.21 -4.52 16.00
CA TYR A 71 18.09 -3.84 16.93
C TYR A 71 19.23 -4.76 17.34
N GLY A 72 20.42 -4.46 16.84
CA GLY A 72 21.56 -5.32 17.09
C GLY A 72 22.06 -5.94 15.80
N TYR A 73 21.39 -5.65 14.70
CA TYR A 73 21.78 -6.11 13.39
C TYR A 73 21.65 -4.96 12.40
N TYR A 74 22.54 -4.91 11.41
CA TYR A 74 22.35 -3.98 10.30
C TYR A 74 23.13 -4.43 9.08
N GLY A 75 22.40 -4.61 8.00
CA GLY A 75 23.00 -4.81 6.70
C GLY A 75 22.40 -3.84 5.72
N LYS A 76 22.65 -4.06 4.44
CA LYS A 76 21.91 -3.35 3.41
C LYS A 76 20.56 -4.03 3.22
N GLN A 77 20.57 -5.35 3.34
CA GLN A 77 19.34 -6.13 3.33
C GLN A 77 19.07 -6.69 4.72
N CYS A 78 19.75 -6.13 5.72
CA CYS A 78 19.62 -6.55 7.11
C CYS A 78 20.07 -8.00 7.33
N GLN A 79 20.96 -8.45 6.44
CA GLN A 79 21.49 -9.81 6.52
C GLN A 79 22.77 -9.85 7.33
N LEU A 80 23.07 -8.74 7.98
CA LEU A 80 24.31 -8.60 8.73
C LEU A 80 23.99 -8.18 10.15
N LYS A 81 24.80 -8.66 11.09
CA LYS A 81 24.65 -8.30 12.49
C LYS A 81 25.40 -7.00 12.76
N LYS A 82 25.12 -6.36 13.90
CA LYS A 82 25.74 -5.11 14.23
C LYS A 82 27.20 -5.29 14.61
N TYR A 83 28.06 -5.10 13.63
CA TYR A 83 29.49 -5.11 13.84
C TYR A 83 29.98 -3.68 14.01
N GLY A 1 -32.80 -0.55 -20.72
CA GLY A 1 -32.04 -1.35 -19.74
C GLY A 1 -31.55 -0.51 -18.58
N VAL A 2 -30.44 -0.90 -17.98
CA VAL A 2 -29.90 -0.19 -16.82
C VAL A 2 -28.73 0.71 -17.23
N TYR A 3 -28.73 1.92 -16.68
CA TYR A 3 -27.67 2.89 -16.94
C TYR A 3 -27.20 3.51 -15.64
N TYR A 4 -25.91 3.78 -15.54
CA TYR A 4 -25.33 4.40 -14.36
C TYR A 4 -24.75 5.76 -14.72
N PRO A 5 -25.48 6.84 -14.41
CA PRO A 5 -25.05 8.21 -14.71
C PRO A 5 -23.87 8.65 -13.85
N ASN A 6 -23.71 8.00 -12.71
CA ASN A 6 -22.65 8.34 -11.78
C ASN A 6 -21.29 7.90 -12.33
N PRO A 7 -20.32 8.83 -12.35
CA PRO A 7 -18.97 8.56 -12.85
C PRO A 7 -18.14 7.69 -11.91
N CYS A 8 -18.50 6.43 -11.82
CA CYS A 8 -17.75 5.45 -11.04
C CYS A 8 -18.05 4.05 -11.55
N SER A 9 -17.02 3.22 -11.62
CA SER A 9 -17.16 1.86 -12.10
C SER A 9 -17.12 0.90 -10.90
N PRO A 10 -17.49 -0.39 -11.11
CA PRO A 10 -17.34 -1.41 -10.05
C PRO A 10 -15.96 -1.36 -9.42
N TYR A 11 -15.92 -1.55 -8.11
CA TYR A 11 -14.72 -1.35 -7.29
C TYR A 11 -13.54 -2.17 -7.79
N PRO A 12 -12.55 -1.52 -8.42
CA PRO A 12 -11.34 -2.17 -8.89
C PRO A 12 -10.26 -2.19 -7.80
N CYS A 13 -10.61 -1.58 -6.68
CA CYS A 13 -9.71 -1.48 -5.55
C CYS A 13 -10.03 -2.56 -4.53
N ARG A 14 -9.03 -2.96 -3.76
CA ARG A 14 -9.20 -4.04 -2.80
C ARG A 14 -8.90 -3.54 -1.39
N ASN A 15 -9.26 -4.34 -0.41
CA ASN A 15 -8.90 -4.09 0.99
C ASN A 15 -9.37 -2.71 1.46
N GLY A 16 -10.65 -2.42 1.26
CA GLY A 16 -11.21 -1.18 1.74
C GLY A 16 -11.31 -0.13 0.65
N GLY A 17 -10.74 -0.42 -0.50
CA GLY A 17 -10.78 0.52 -1.62
C GLY A 17 -12.20 0.92 -1.98
N THR A 18 -12.50 2.19 -1.81
CA THR A 18 -13.86 2.69 -2.01
C THR A 18 -13.91 3.75 -3.11
N CYS A 19 -14.62 3.43 -4.19
CA CYS A 19 -14.78 4.36 -5.30
C CYS A 19 -15.82 5.42 -4.96
N LYS A 20 -15.37 6.65 -4.78
CA LYS A 20 -16.25 7.78 -4.57
C LYS A 20 -16.23 8.68 -5.80
N LYS A 21 -17.31 8.69 -6.55
CA LYS A 21 -17.39 9.47 -7.76
C LYS A 21 -17.43 10.96 -7.43
N ARG A 22 -16.71 11.76 -8.20
CA ARG A 22 -16.77 13.19 -8.03
C ARG A 22 -17.40 13.80 -9.27
N GLY A 23 -18.48 14.54 -9.08
CA GLY A 23 -19.19 15.11 -10.21
C GLY A 23 -18.49 16.32 -10.78
N LEU A 24 -17.19 16.42 -10.54
CA LEU A 24 -16.40 17.54 -11.02
C LEU A 24 -15.59 17.14 -12.25
N TYR A 25 -14.78 16.09 -12.12
CA TYR A 25 -13.92 15.68 -13.21
C TYR A 25 -13.74 14.17 -13.31
N SER A 26 -13.68 13.47 -12.18
CA SER A 26 -13.43 12.03 -12.16
C SER A 26 -13.95 11.39 -10.88
N TYR A 27 -13.60 10.13 -10.68
CA TYR A 27 -13.91 9.43 -9.44
C TYR A 27 -12.62 9.18 -8.66
N LYS A 28 -12.74 9.07 -7.35
CA LYS A 28 -11.59 8.84 -6.50
C LYS A 28 -11.78 7.58 -5.66
N CYS A 29 -10.87 6.64 -5.78
CA CYS A 29 -10.97 5.41 -5.02
C CYS A 29 -10.11 5.52 -3.77
N TYR A 30 -10.77 5.60 -2.62
CA TYR A 30 -10.07 5.71 -1.35
C TYR A 30 -9.64 4.34 -0.86
N CYS A 31 -8.35 4.07 -0.99
CA CYS A 31 -7.77 2.83 -0.51
C CYS A 31 -7.21 3.01 0.89
N ARG A 32 -7.02 1.90 1.59
CA ARG A 32 -6.47 1.93 2.93
C ARG A 32 -4.95 1.93 2.86
N LYS A 33 -4.34 2.66 3.77
CA LYS A 33 -2.89 2.79 3.80
C LYS A 33 -2.25 1.51 4.34
N GLY A 34 -1.20 1.07 3.68
CA GLY A 34 -0.48 -0.10 4.13
C GLY A 34 -0.69 -1.30 3.22
N TYR A 35 -1.21 -1.05 2.03
CA TYR A 35 -1.38 -2.12 1.05
C TYR A 35 -0.63 -1.78 -0.22
N THR A 36 -1.20 -0.92 -1.04
CA THR A 36 -0.60 -0.51 -2.29
C THR A 36 -1.16 0.84 -2.73
N GLY A 37 -0.86 1.22 -3.97
CA GLY A 37 -1.33 2.49 -4.51
C GLY A 37 -2.84 2.56 -4.69
N LYS A 38 -3.27 3.35 -5.65
CA LYS A 38 -4.68 3.63 -5.88
C LYS A 38 -5.49 2.37 -6.20
N ASN A 39 -4.82 1.31 -6.59
CA ASN A 39 -5.51 0.05 -6.90
C ASN A 39 -5.59 -0.82 -5.66
N CYS A 40 -4.67 -0.59 -4.72
CA CYS A 40 -4.62 -1.30 -3.43
C CYS A 40 -5.04 -2.77 -3.54
N GLN A 41 -4.43 -3.47 -4.48
CA GLN A 41 -4.80 -4.85 -4.75
C GLN A 41 -3.68 -5.80 -4.38
N TYR A 42 -2.68 -5.30 -3.66
CA TYR A 42 -1.55 -6.11 -3.26
C TYR A 42 -1.07 -5.65 -1.89
N ASN A 43 -0.36 -6.52 -1.17
CA ASN A 43 0.19 -6.18 0.13
C ASN A 43 1.66 -5.88 0.03
N ALA A 44 2.01 -4.60 0.16
CA ALA A 44 3.41 -4.18 0.09
C ALA A 44 4.22 -4.75 1.25
N CYS A 45 3.54 -5.12 2.32
CA CYS A 45 4.20 -5.70 3.48
C CYS A 45 4.37 -7.22 3.30
N PHE A 46 4.48 -7.64 2.05
CA PHE A 46 4.71 -9.05 1.73
C PHE A 46 6.09 -9.47 2.21
N PRO A 47 6.36 -10.78 2.34
CA PRO A 47 7.67 -11.27 2.76
C PRO A 47 8.79 -10.80 1.84
N ASN A 48 9.74 -10.09 2.41
CA ASN A 48 10.90 -9.58 1.68
C ASN A 48 12.19 -10.13 2.26
N PRO A 49 13.12 -10.56 1.39
CA PRO A 49 14.43 -11.07 1.82
C PRO A 49 15.29 -10.00 2.48
N CYS A 50 14.84 -8.76 2.40
CA CYS A 50 15.50 -7.65 3.07
C CYS A 50 15.26 -7.68 4.57
N LEU A 51 14.18 -8.34 4.98
CA LEU A 51 13.78 -8.36 6.38
C LEU A 51 14.65 -9.31 7.19
N ASN A 52 14.54 -10.60 6.88
CA ASN A 52 15.30 -11.63 7.61
C ASN A 52 15.00 -11.57 9.10
N GLY A 53 13.71 -11.42 9.42
CA GLY A 53 13.30 -11.32 10.81
C GLY A 53 13.29 -9.90 11.31
N GLY A 54 13.44 -8.96 10.39
CA GLY A 54 13.43 -7.56 10.75
C GLY A 54 12.03 -7.03 10.98
N THR A 55 11.78 -5.83 10.50
CA THR A 55 10.50 -5.18 10.70
C THR A 55 9.97 -4.61 9.39
N CYS A 56 8.75 -4.99 9.07
CA CYS A 56 8.10 -4.51 7.86
C CYS A 56 7.31 -3.25 8.17
N GLY A 57 7.74 -2.14 7.59
CA GLY A 57 7.06 -0.88 7.78
C GLY A 57 6.50 -0.34 6.49
N TYR A 58 6.03 0.90 6.51
CA TYR A 58 5.49 1.51 5.31
C TYR A 58 6.14 2.87 5.08
N VAL A 59 6.13 3.30 3.83
CA VAL A 59 6.77 4.55 3.44
C VAL A 59 6.35 4.92 2.02
N TYR A 60 6.40 6.21 1.69
CA TYR A 60 5.94 6.67 0.38
C TYR A 60 7.08 6.80 -0.60
N GLY A 61 8.30 6.94 -0.10
CA GLY A 61 9.47 6.97 -0.96
C GLY A 61 9.65 5.65 -1.69
N TYR A 62 9.61 4.57 -0.94
CA TYR A 62 9.58 3.24 -1.50
C TYR A 62 8.13 2.89 -1.82
N PRO A 63 7.90 1.81 -2.62
CA PRO A 63 6.54 1.39 -3.00
C PRO A 63 5.68 0.91 -1.82
N TYR A 64 5.39 1.84 -0.91
CA TYR A 64 4.48 1.60 0.22
C TYR A 64 5.02 0.53 1.16
N TYR A 65 6.33 0.38 1.19
CA TYR A 65 6.97 -0.62 2.04
C TYR A 65 8.33 -0.12 2.51
N LYS A 66 8.57 -0.24 3.79
CA LYS A 66 9.83 0.16 4.38
C LYS A 66 10.50 -1.05 5.03
N CYS A 67 11.69 -1.38 4.58
CA CYS A 67 12.45 -2.48 5.14
C CYS A 67 13.25 -2.02 6.35
N SER A 68 12.80 -2.44 7.53
CA SER A 68 13.51 -2.15 8.75
C SER A 68 14.19 -3.42 9.28
N CYS A 69 15.32 -3.25 9.94
CA CYS A 69 16.08 -4.38 10.43
C CYS A 69 15.75 -4.69 11.88
N PRO A 70 16.13 -5.87 12.38
CA PRO A 70 15.92 -6.26 13.78
C PRO A 70 16.67 -5.34 14.74
N TYR A 71 16.22 -5.32 15.99
CA TYR A 71 16.86 -4.54 17.02
C TYR A 71 18.28 -5.03 17.25
N GLY A 72 19.24 -4.15 17.01
CA GLY A 72 20.63 -4.51 17.18
C GLY A 72 21.25 -4.98 15.88
N TYR A 73 20.51 -4.79 14.80
CA TYR A 73 20.98 -5.18 13.47
C TYR A 73 20.59 -4.12 12.45
N TYR A 74 21.45 -3.91 11.48
CA TYR A 74 21.09 -3.14 10.30
C TYR A 74 22.09 -3.38 9.18
N GLY A 75 21.57 -3.83 8.05
CA GLY A 75 22.37 -3.97 6.86
C GLY A 75 21.72 -3.27 5.70
N LYS A 76 22.14 -3.61 4.49
CA LYS A 76 21.41 -3.21 3.31
C LYS A 76 20.23 -4.15 3.14
N GLN A 77 20.50 -5.44 3.35
CA GLN A 77 19.47 -6.46 3.32
C GLN A 77 19.25 -6.99 4.73
N CYS A 78 19.50 -6.12 5.71
CA CYS A 78 19.36 -6.45 7.14
C CYS A 78 20.08 -7.74 7.52
N GLN A 79 21.22 -7.97 6.89
CA GLN A 79 22.01 -9.17 7.15
C GLN A 79 23.22 -8.83 8.01
N LEU A 80 23.21 -7.63 8.58
CA LEU A 80 24.34 -7.13 9.34
C LEU A 80 23.90 -6.71 10.73
N LYS A 81 24.83 -6.79 11.67
CA LYS A 81 24.57 -6.40 13.05
C LYS A 81 24.80 -4.89 13.21
N LYS A 82 24.30 -4.34 14.30
CA LYS A 82 24.42 -2.91 14.56
C LYS A 82 25.85 -2.57 14.97
N TYR A 83 26.66 -2.20 13.99
CA TYR A 83 28.01 -1.75 14.24
C TYR A 83 28.10 -0.23 14.04
N GLY A 1 -37.61 6.65 -6.21
CA GLY A 1 -36.62 7.71 -5.96
C GLY A 1 -35.95 8.16 -7.24
N VAL A 2 -34.80 8.80 -7.12
CA VAL A 2 -34.05 9.26 -8.28
C VAL A 2 -32.63 8.73 -8.25
N TYR A 3 -32.28 7.94 -9.25
CA TYR A 3 -30.92 7.47 -9.38
C TYR A 3 -30.14 8.39 -10.30
N TYR A 4 -29.11 9.00 -9.77
CA TYR A 4 -28.30 9.92 -10.54
C TYR A 4 -27.15 9.17 -11.20
N PRO A 5 -26.93 9.43 -12.50
CA PRO A 5 -25.87 8.77 -13.27
C PRO A 5 -24.49 9.09 -12.71
N ASN A 6 -23.99 8.20 -11.88
CA ASN A 6 -22.73 8.40 -11.21
C ASN A 6 -21.59 7.77 -12.00
N PRO A 7 -20.50 8.54 -12.21
CA PRO A 7 -19.28 8.00 -12.80
C PRO A 7 -18.63 6.98 -11.88
N CYS A 8 -18.97 5.72 -12.07
CA CYS A 8 -18.46 4.66 -11.22
C CYS A 8 -18.49 3.33 -11.97
N SER A 9 -17.81 2.34 -11.42
CA SER A 9 -17.72 1.03 -12.04
C SER A 9 -17.23 0.02 -11.02
N PRO A 10 -17.37 -1.29 -11.27
CA PRO A 10 -16.92 -2.35 -10.37
C PRO A 10 -15.50 -2.09 -9.85
N TYR A 11 -15.31 -2.36 -8.57
CA TYR A 11 -14.07 -2.03 -7.88
C TYR A 11 -12.89 -2.80 -8.43
N PRO A 12 -11.84 -2.08 -8.87
CA PRO A 12 -10.54 -2.67 -9.16
C PRO A 12 -9.63 -2.59 -7.94
N CYS A 13 -10.17 -1.99 -6.88
CA CYS A 13 -9.42 -1.75 -5.67
C CYS A 13 -9.84 -2.74 -4.59
N ARG A 14 -8.89 -3.13 -3.76
CA ARG A 14 -9.14 -4.05 -2.68
C ARG A 14 -8.71 -3.41 -1.37
N ASN A 15 -8.98 -4.07 -0.26
CA ASN A 15 -8.63 -3.58 1.06
C ASN A 15 -9.26 -2.21 1.31
N GLY A 16 -10.57 -2.16 1.19
CA GLY A 16 -11.28 -0.92 1.44
C GLY A 16 -11.56 -0.15 0.17
N GLY A 17 -11.65 -0.87 -0.94
CA GLY A 17 -11.91 -0.25 -2.22
C GLY A 17 -13.21 0.53 -2.23
N THR A 18 -13.11 1.83 -2.36
CA THR A 18 -14.26 2.71 -2.30
C THR A 18 -14.36 3.57 -3.56
N CYS A 19 -15.53 3.59 -4.17
CA CYS A 19 -15.74 4.35 -5.38
C CYS A 19 -16.33 5.72 -5.04
N LYS A 20 -15.54 6.76 -5.21
CA LYS A 20 -16.00 8.11 -4.93
C LYS A 20 -15.95 8.96 -6.19
N LYS A 21 -17.11 9.23 -6.75
CA LYS A 21 -17.20 10.11 -7.90
C LYS A 21 -17.15 11.56 -7.44
N ARG A 22 -16.26 12.33 -8.04
CA ARG A 22 -16.12 13.73 -7.67
C ARG A 22 -16.75 14.59 -8.75
N GLY A 23 -17.78 15.33 -8.39
CA GLY A 23 -18.53 16.12 -9.35
C GLY A 23 -17.70 17.20 -10.01
N LEU A 24 -16.49 17.40 -9.51
CA LEU A 24 -15.59 18.41 -10.05
C LEU A 24 -15.12 18.03 -11.45
N TYR A 25 -14.58 16.83 -11.60
CA TYR A 25 -14.03 16.42 -12.89
C TYR A 25 -14.25 14.95 -13.19
N SER A 26 -14.00 14.08 -12.22
CA SER A 26 -14.04 12.64 -12.44
C SER A 26 -14.19 11.88 -11.13
N TYR A 27 -14.07 10.57 -11.18
CA TYR A 27 -14.20 9.74 -10.01
C TYR A 27 -12.84 9.21 -9.56
N LYS A 28 -12.77 8.79 -8.31
CA LYS A 28 -11.55 8.23 -7.77
C LYS A 28 -11.87 7.02 -6.90
N CYS A 29 -11.05 5.99 -7.01
CA CYS A 29 -11.21 4.79 -6.21
C CYS A 29 -10.19 4.81 -5.08
N TYR A 30 -10.69 4.83 -3.85
CA TYR A 30 -9.83 4.90 -2.68
C TYR A 30 -9.67 3.54 -2.04
N CYS A 31 -8.56 3.35 -1.34
CA CYS A 31 -8.30 2.13 -0.62
C CYS A 31 -7.65 2.47 0.72
N ARG A 32 -7.29 1.46 1.50
CA ARG A 32 -6.66 1.69 2.78
C ARG A 32 -5.13 1.75 2.64
N LYS A 33 -4.52 2.60 3.45
CA LYS A 33 -3.08 2.77 3.44
C LYS A 33 -2.39 1.55 4.05
N GLY A 34 -1.28 1.16 3.47
CA GLY A 34 -0.51 0.06 4.00
C GLY A 34 -0.64 -1.19 3.16
N TYR A 35 -0.90 -1.01 1.88
CA TYR A 35 -1.02 -2.13 0.96
C TYR A 35 -0.29 -1.85 -0.34
N THR A 36 -0.87 -0.98 -1.16
CA THR A 36 -0.29 -0.62 -2.44
C THR A 36 -0.83 0.74 -2.90
N GLY A 37 -0.58 1.06 -4.17
CA GLY A 37 -1.09 2.28 -4.77
C GLY A 37 -2.60 2.41 -4.75
N LYS A 38 -3.15 3.15 -5.70
CA LYS A 38 -4.56 3.54 -5.67
C LYS A 38 -5.52 2.35 -5.62
N ASN A 39 -5.09 1.22 -6.16
CA ASN A 39 -5.95 0.04 -6.20
C ASN A 39 -5.84 -0.77 -4.92
N CYS A 40 -4.66 -0.77 -4.31
CA CYS A 40 -4.43 -1.59 -3.11
C CYS A 40 -4.90 -3.03 -3.33
N GLN A 41 -4.56 -3.58 -4.49
CA GLN A 41 -4.98 -4.93 -4.85
C GLN A 41 -3.83 -5.90 -4.67
N TYR A 42 -2.77 -5.41 -4.03
CA TYR A 42 -1.58 -6.21 -3.79
C TYR A 42 -0.97 -5.83 -2.44
N ASN A 43 -0.25 -6.75 -1.83
CA ASN A 43 0.39 -6.49 -0.55
C ASN A 43 1.88 -6.23 -0.73
N ALA A 44 2.28 -4.98 -0.55
CA ALA A 44 3.67 -4.57 -0.73
C ALA A 44 4.56 -5.11 0.37
N CYS A 45 3.96 -5.46 1.51
CA CYS A 45 4.71 -6.01 2.63
C CYS A 45 4.98 -7.50 2.41
N PHE A 46 5.48 -7.84 1.23
CA PHE A 46 5.91 -9.19 0.94
C PHE A 46 7.25 -9.46 1.62
N PRO A 47 7.43 -10.67 2.16
CA PRO A 47 8.66 -11.02 2.88
C PRO A 47 9.86 -11.12 1.95
N ASN A 48 10.88 -10.32 2.23
CA ASN A 48 12.12 -10.34 1.49
C ASN A 48 13.27 -10.70 2.42
N PRO A 49 14.38 -11.21 1.85
CA PRO A 49 15.61 -11.45 2.61
C PRO A 49 16.15 -10.17 3.22
N CYS A 50 15.61 -9.04 2.77
CA CYS A 50 15.94 -7.73 3.30
C CYS A 50 15.52 -7.62 4.77
N LEU A 51 14.44 -8.31 5.12
CA LEU A 51 13.89 -8.22 6.47
C LEU A 51 14.75 -9.01 7.45
N ASN A 52 14.76 -10.33 7.28
CA ASN A 52 15.59 -11.22 8.10
C ASN A 52 15.27 -11.05 9.58
N GLY A 53 13.98 -11.09 9.89
CA GLY A 53 13.54 -10.89 11.27
C GLY A 53 13.37 -9.43 11.59
N GLY A 54 13.43 -8.60 10.55
CA GLY A 54 13.28 -7.18 10.71
C GLY A 54 11.84 -6.74 10.70
N THR A 55 11.63 -5.45 10.54
CA THR A 55 10.32 -4.88 10.59
C THR A 55 9.87 -4.44 9.19
N CYS A 56 8.76 -5.02 8.75
CA CYS A 56 8.17 -4.66 7.47
C CYS A 56 7.12 -3.58 7.68
N GLY A 57 7.53 -2.33 7.50
CA GLY A 57 6.63 -1.23 7.68
C GLY A 57 6.08 -0.75 6.36
N TYR A 58 5.47 0.42 6.38
CA TYR A 58 4.94 1.02 5.17
C TYR A 58 5.42 2.45 5.04
N VAL A 59 5.46 2.95 3.81
CA VAL A 59 6.07 4.24 3.54
C VAL A 59 5.77 4.68 2.11
N TYR A 60 5.76 6.00 1.89
CA TYR A 60 5.45 6.55 0.57
C TYR A 60 6.73 6.72 -0.26
N GLY A 61 7.86 6.84 0.42
CA GLY A 61 9.14 6.95 -0.27
C GLY A 61 9.46 5.71 -1.07
N TYR A 62 9.42 4.58 -0.39
CA TYR A 62 9.54 3.29 -1.04
C TYR A 62 8.16 2.89 -1.58
N PRO A 63 8.07 1.82 -2.39
CA PRO A 63 6.79 1.36 -2.97
C PRO A 63 5.85 0.75 -1.92
N TYR A 64 5.48 1.58 -0.94
CA TYR A 64 4.48 1.23 0.07
C TYR A 64 4.95 0.08 0.97
N TYR A 65 6.24 -0.06 1.13
CA TYR A 65 6.80 -1.00 2.08
C TYR A 65 8.13 -0.48 2.59
N LYS A 66 8.35 -0.61 3.88
CA LYS A 66 9.57 -0.09 4.49
C LYS A 66 10.32 -1.20 5.19
N CYS A 67 11.36 -1.69 4.53
CA CYS A 67 12.20 -2.73 5.09
C CYS A 67 13.12 -2.13 6.13
N SER A 68 12.80 -2.35 7.38
CA SER A 68 13.60 -1.82 8.48
C SER A 68 14.27 -2.95 9.24
N CYS A 69 15.55 -2.77 9.53
CA CYS A 69 16.30 -3.76 10.29
C CYS A 69 15.88 -3.71 11.75
N PRO A 70 15.95 -4.86 12.44
CA PRO A 70 15.59 -4.95 13.85
C PRO A 70 16.44 -4.01 14.69
N TYR A 71 15.86 -3.45 15.74
CA TYR A 71 16.60 -2.55 16.61
C TYR A 71 17.74 -3.31 17.28
N GLY A 72 18.96 -3.00 16.86
CA GLY A 72 20.11 -3.71 17.34
C GLY A 72 20.83 -4.39 16.20
N TYR A 73 20.26 -4.30 15.01
CA TYR A 73 20.86 -4.84 13.80
C TYR A 73 20.71 -3.84 12.67
N TYR A 74 21.61 -3.88 11.70
CA TYR A 74 21.40 -3.20 10.44
C TYR A 74 22.39 -3.69 9.39
N GLY A 75 21.85 -4.18 8.29
CA GLY A 75 22.64 -4.53 7.14
C GLY A 75 22.07 -3.89 5.91
N LYS A 76 22.43 -4.42 4.75
CA LYS A 76 21.73 -4.10 3.53
C LYS A 76 20.47 -4.93 3.47
N GLN A 77 20.61 -6.20 3.83
CA GLN A 77 19.48 -7.10 3.98
C GLN A 77 19.27 -7.45 5.45
N CYS A 78 19.73 -6.57 6.32
CA CYS A 78 19.58 -6.73 7.76
C CYS A 78 20.19 -8.05 8.24
N GLN A 79 21.29 -8.44 7.60
CA GLN A 79 21.99 -9.66 7.97
C GLN A 79 23.14 -9.35 8.92
N LEU A 80 23.20 -8.09 9.34
CA LEU A 80 24.30 -7.60 10.15
C LEU A 80 23.79 -7.00 11.44
N LYS A 81 24.61 -7.05 12.47
CA LYS A 81 24.24 -6.53 13.79
C LYS A 81 24.69 -5.07 13.91
N LYS A 82 24.07 -4.35 14.82
CA LYS A 82 24.40 -2.96 15.07
C LYS A 82 25.24 -2.86 16.33
N TYR A 83 26.43 -2.31 16.18
CA TYR A 83 27.36 -2.20 17.29
C TYR A 83 27.39 -0.77 17.81
N GLY A 1 -38.64 9.65 -14.47
CA GLY A 1 -38.14 11.04 -14.52
C GLY A 1 -36.77 11.14 -15.15
N VAL A 2 -35.74 11.32 -14.34
CA VAL A 2 -34.37 11.40 -14.82
C VAL A 2 -33.46 10.55 -13.95
N TYR A 3 -32.55 9.83 -14.58
CA TYR A 3 -31.61 9.00 -13.87
C TYR A 3 -30.19 9.32 -14.32
N TYR A 4 -29.27 9.32 -13.37
CA TYR A 4 -27.87 9.61 -13.66
C TYR A 4 -27.02 8.38 -13.34
N PRO A 5 -26.67 7.59 -14.36
CA PRO A 5 -25.81 6.42 -14.20
C PRO A 5 -24.42 6.81 -13.69
N ASN A 6 -24.05 6.25 -12.55
CA ASN A 6 -22.77 6.56 -11.93
C ASN A 6 -21.63 6.08 -12.81
N PRO A 7 -20.60 6.92 -12.99
CA PRO A 7 -19.41 6.57 -13.76
C PRO A 7 -18.46 5.67 -12.98
N CYS A 8 -19.02 4.70 -12.28
CA CYS A 8 -18.25 3.79 -11.47
C CYS A 8 -18.54 2.35 -11.87
N SER A 9 -17.58 1.48 -11.62
CA SER A 9 -17.70 0.07 -11.94
C SER A 9 -16.78 -0.69 -10.99
N PRO A 10 -16.78 -2.03 -11.00
CA PRO A 10 -15.80 -2.77 -10.21
C PRO A 10 -14.39 -2.49 -10.71
N TYR A 11 -13.56 -2.00 -9.81
CA TYR A 11 -12.18 -1.66 -10.11
C TYR A 11 -11.25 -2.41 -9.19
N PRO A 12 -9.99 -2.65 -9.62
CA PRO A 12 -8.99 -3.38 -8.83
C PRO A 12 -8.67 -2.75 -7.46
N CYS A 13 -9.46 -1.76 -7.06
CA CYS A 13 -9.39 -1.20 -5.73
C CYS A 13 -9.88 -2.23 -4.72
N ARG A 14 -8.96 -2.78 -3.94
CA ARG A 14 -9.28 -3.85 -3.01
C ARG A 14 -8.95 -3.43 -1.57
N ASN A 15 -9.19 -4.35 -0.64
CA ASN A 15 -8.83 -4.16 0.77
C ASN A 15 -9.41 -2.87 1.35
N GLY A 16 -10.57 -2.47 0.86
CA GLY A 16 -11.21 -1.27 1.38
C GLY A 16 -11.25 -0.14 0.37
N GLY A 17 -10.55 -0.33 -0.76
CA GLY A 17 -10.55 0.66 -1.82
C GLY A 17 -11.96 1.02 -2.25
N THR A 18 -12.26 2.31 -2.23
CA THR A 18 -13.62 2.77 -2.48
C THR A 18 -13.70 3.55 -3.79
N CYS A 19 -14.67 3.20 -4.62
CA CYS A 19 -14.90 3.91 -5.88
C CYS A 19 -15.96 4.99 -5.68
N LYS A 20 -15.53 6.24 -5.74
CA LYS A 20 -16.42 7.36 -5.54
C LYS A 20 -16.37 8.31 -6.71
N LYS A 21 -17.50 8.50 -7.37
CA LYS A 21 -17.58 9.48 -8.44
C LYS A 21 -17.58 10.89 -7.85
N ARG A 22 -16.78 11.77 -8.42
CA ARG A 22 -16.67 13.12 -7.92
C ARG A 22 -17.40 14.08 -8.85
N GLY A 23 -17.98 15.13 -8.27
CA GLY A 23 -18.74 16.07 -9.07
C GLY A 23 -17.87 17.15 -9.68
N LEU A 24 -16.62 16.81 -9.98
CA LEU A 24 -15.71 17.75 -10.62
C LEU A 24 -15.60 17.44 -12.11
N TYR A 25 -15.06 16.27 -12.44
CA TYR A 25 -14.97 15.86 -13.84
C TYR A 25 -15.12 14.33 -13.98
N SER A 26 -14.62 13.60 -13.00
CA SER A 26 -14.55 12.15 -13.08
C SER A 26 -14.67 11.51 -11.69
N TYR A 27 -14.34 10.24 -11.61
CA TYR A 27 -14.44 9.50 -10.36
C TYR A 27 -13.06 9.35 -9.72
N LYS A 28 -13.04 8.90 -8.48
CA LYS A 28 -11.79 8.74 -7.75
C LYS A 28 -11.85 7.49 -6.89
N CYS A 29 -10.74 6.78 -6.81
CA CYS A 29 -10.65 5.61 -5.95
C CYS A 29 -9.94 5.97 -4.65
N TYR A 30 -10.66 5.88 -3.56
CA TYR A 30 -10.09 6.13 -2.25
C TYR A 30 -9.50 4.85 -1.68
N CYS A 31 -8.18 4.78 -1.70
CA CYS A 31 -7.48 3.62 -1.22
C CYS A 31 -7.24 3.71 0.27
N ARG A 32 -7.03 2.56 0.90
CA ARG A 32 -6.77 2.49 2.32
C ARG A 32 -5.29 2.28 2.57
N LYS A 33 -4.74 3.07 3.46
CA LYS A 33 -3.32 2.99 3.78
C LYS A 33 -2.99 1.67 4.46
N GLY A 34 -1.73 1.27 4.38
CA GLY A 34 -1.31 0.05 5.02
C GLY A 34 -1.55 -1.18 4.17
N TYR A 35 -1.61 -0.98 2.85
CA TYR A 35 -1.72 -2.10 1.92
C TYR A 35 -0.78 -1.91 0.75
N THR A 36 -1.15 -1.01 -0.15
CA THR A 36 -0.36 -0.70 -1.34
C THR A 36 -0.73 0.67 -1.85
N GLY A 37 -0.29 0.98 -3.07
CA GLY A 37 -0.67 2.22 -3.71
C GLY A 37 -2.17 2.38 -3.90
N LYS A 38 -2.55 3.17 -4.88
CA LYS A 38 -3.93 3.62 -5.04
C LYS A 38 -4.94 2.49 -5.25
N ASN A 39 -4.46 1.29 -5.56
CA ASN A 39 -5.37 0.18 -5.84
C ASN A 39 -5.59 -0.70 -4.61
N CYS A 40 -4.69 -0.58 -3.63
CA CYS A 40 -4.68 -1.43 -2.44
C CYS A 40 -4.86 -2.90 -2.82
N GLN A 41 -4.20 -3.32 -3.89
CA GLN A 41 -4.42 -4.64 -4.45
C GLN A 41 -3.55 -5.69 -3.78
N TYR A 42 -2.48 -5.25 -3.14
CA TYR A 42 -1.53 -6.16 -2.53
C TYR A 42 -1.19 -5.72 -1.11
N ASN A 43 -0.53 -6.59 -0.38
CA ASN A 43 0.03 -6.26 0.91
C ASN A 43 1.53 -6.06 0.77
N ALA A 44 1.96 -4.81 0.78
CA ALA A 44 3.37 -4.50 0.59
C ALA A 44 4.22 -4.98 1.75
N CYS A 45 3.56 -5.31 2.86
CA CYS A 45 4.25 -5.87 4.01
C CYS A 45 4.37 -7.39 3.87
N PHE A 46 4.58 -7.83 2.64
CA PHE A 46 4.85 -9.24 2.36
C PHE A 46 6.27 -9.57 2.83
N PRO A 47 6.66 -10.86 2.89
CA PRO A 47 8.02 -11.22 3.26
C PRO A 47 9.01 -10.64 2.26
N ASN A 48 9.87 -9.76 2.75
CA ASN A 48 10.79 -9.03 1.90
C ASN A 48 12.23 -9.33 2.30
N PRO A 49 13.13 -9.46 1.32
CA PRO A 49 14.56 -9.71 1.58
C PRO A 49 15.23 -8.60 2.37
N CYS A 50 14.55 -7.46 2.49
CA CYS A 50 15.05 -6.33 3.28
C CYS A 50 14.54 -6.42 4.72
N LEU A 51 13.95 -7.55 5.06
CA LEU A 51 13.47 -7.78 6.42
C LEU A 51 14.32 -8.86 7.08
N ASN A 52 14.10 -10.10 6.67
CA ASN A 52 14.90 -11.24 7.15
C ASN A 52 14.93 -11.31 8.67
N GLY A 53 13.79 -11.04 9.29
CA GLY A 53 13.70 -11.08 10.74
C GLY A 53 13.59 -9.69 11.34
N GLY A 54 13.69 -8.68 10.50
CA GLY A 54 13.58 -7.31 10.96
C GLY A 54 12.15 -6.88 11.18
N THR A 55 11.89 -5.60 11.03
CA THR A 55 10.58 -5.03 11.27
C THR A 55 9.98 -4.48 9.97
N CYS A 56 8.76 -4.88 9.69
CA CYS A 56 8.08 -4.47 8.48
C CYS A 56 7.17 -3.29 8.76
N GLY A 57 7.04 -2.40 7.79
CA GLY A 57 6.14 -1.28 7.90
C GLY A 57 5.66 -0.80 6.56
N TYR A 58 4.90 0.29 6.55
CA TYR A 58 4.40 0.87 5.32
C TYR A 58 4.84 2.31 5.20
N VAL A 59 4.95 2.78 3.97
CA VAL A 59 5.38 4.14 3.68
C VAL A 59 5.20 4.44 2.20
N TYR A 60 4.74 5.63 1.89
CA TYR A 60 4.43 5.98 0.50
C TYR A 60 5.57 6.77 -0.15
N GLY A 61 6.57 7.14 0.63
CA GLY A 61 7.78 7.71 0.08
C GLY A 61 8.61 6.65 -0.61
N TYR A 62 8.88 5.58 0.14
CA TYR A 62 9.48 4.38 -0.41
C TYR A 62 8.40 3.60 -1.17
N PRO A 63 8.75 2.51 -1.88
CA PRO A 63 7.79 1.73 -2.70
C PRO A 63 6.70 1.02 -1.89
N TYR A 64 5.99 1.80 -1.08
CA TYR A 64 4.81 1.36 -0.33
C TYR A 64 5.14 0.39 0.78
N TYR A 65 6.41 0.24 1.10
CA TYR A 65 6.81 -0.64 2.19
C TYR A 65 8.05 -0.11 2.87
N LYS A 66 8.15 -0.39 4.16
CA LYS A 66 9.29 0.00 4.95
C LYS A 66 9.93 -1.22 5.57
N CYS A 67 11.24 -1.34 5.43
CA CYS A 67 11.97 -2.48 5.96
C CYS A 67 13.03 -2.03 6.96
N SER A 68 12.84 -2.42 8.20
CA SER A 68 13.79 -2.12 9.27
C SER A 68 14.44 -3.39 9.77
N CYS A 69 15.57 -3.24 10.45
CA CYS A 69 16.33 -4.38 10.95
C CYS A 69 16.13 -4.55 12.46
N PRO A 70 16.40 -5.76 12.97
CA PRO A 70 16.36 -6.04 14.42
C PRO A 70 17.46 -5.29 15.15
N TYR A 71 17.30 -5.15 16.46
CA TYR A 71 18.26 -4.42 17.26
C TYR A 71 19.57 -5.21 17.36
N GLY A 72 20.60 -4.67 16.75
CA GLY A 72 21.87 -5.35 16.69
C GLY A 72 22.18 -5.81 15.28
N TYR A 73 21.34 -5.41 14.34
CA TYR A 73 21.51 -5.76 12.95
C TYR A 73 21.22 -4.56 12.06
N TYR A 74 21.91 -4.49 10.93
CA TYR A 74 21.63 -3.50 9.90
C TYR A 74 22.46 -3.81 8.66
N GLY A 75 21.79 -3.95 7.54
CA GLY A 75 22.49 -4.17 6.28
C GLY A 75 22.07 -3.18 5.24
N LYS A 76 22.50 -3.41 4.00
CA LYS A 76 21.97 -2.66 2.87
C LYS A 76 20.64 -3.26 2.49
N GLN A 77 20.59 -4.59 2.51
CA GLN A 77 19.36 -5.33 2.31
C GLN A 77 18.89 -5.90 3.65
N CYS A 78 19.47 -5.36 4.73
CA CYS A 78 19.10 -5.75 6.09
C CYS A 78 19.49 -7.20 6.38
N GLN A 79 20.56 -7.67 5.75
CA GLN A 79 21.01 -9.04 5.93
C GLN A 79 22.33 -9.09 6.70
N LEU A 80 22.68 -7.98 7.33
CA LEU A 80 23.96 -7.86 8.00
C LEU A 80 23.78 -7.56 9.48
N LYS A 81 24.81 -7.88 10.25
CA LYS A 81 24.77 -7.72 11.70
C LYS A 81 25.54 -6.48 12.12
N LYS A 82 25.19 -5.94 13.28
CA LYS A 82 25.94 -4.84 13.87
C LYS A 82 27.13 -5.41 14.65
N TYR A 83 28.25 -4.70 14.59
CA TYR A 83 29.44 -5.12 15.30
C TYR A 83 29.89 -4.02 16.24
#